data_1SVI
# 
_entry.id   1SVI 
# 
_audit_conform.dict_name       mmcif_pdbx.dic 
_audit_conform.dict_version    5.386 
_audit_conform.dict_location   http://mmcif.pdb.org/dictionaries/ascii/mmcif_pdbx.dic 
# 
loop_
_database_2.database_id 
_database_2.database_code 
_database_2.pdbx_database_accession 
_database_2.pdbx_DOI 
PDB   1SVI         pdb_00001svi 10.2210/pdb1svi/pdb 
RCSB  RCSB022028   ?            ?                   
WWPDB D_1000022028 ?            ?                   
# 
loop_
_pdbx_audit_revision_history.ordinal 
_pdbx_audit_revision_history.data_content_type 
_pdbx_audit_revision_history.major_revision 
_pdbx_audit_revision_history.minor_revision 
_pdbx_audit_revision_history.revision_date 
1 'Structure model' 1 0 2004-05-25 
2 'Structure model' 1 1 2008-04-30 
3 'Structure model' 1 2 2011-07-13 
4 'Structure model' 1 3 2017-10-11 
5 'Structure model' 1 4 2024-02-14 
# 
_pdbx_audit_revision_details.ordinal             1 
_pdbx_audit_revision_details.revision_ordinal    1 
_pdbx_audit_revision_details.data_content_type   'Structure model' 
_pdbx_audit_revision_details.provider            repository 
_pdbx_audit_revision_details.type                'Initial release' 
_pdbx_audit_revision_details.description         ? 
_pdbx_audit_revision_details.details             ? 
# 
loop_
_pdbx_audit_revision_group.ordinal 
_pdbx_audit_revision_group.revision_ordinal 
_pdbx_audit_revision_group.data_content_type 
_pdbx_audit_revision_group.group 
1 2 'Structure model' 'Version format compliance' 
2 3 'Structure model' 'Version format compliance' 
3 4 'Structure model' 'Refinement description'    
4 5 'Structure model' 'Data collection'           
5 5 'Structure model' 'Database references'       
6 5 'Structure model' 'Derived calculations'      
# 
loop_
_pdbx_audit_revision_category.ordinal 
_pdbx_audit_revision_category.revision_ordinal 
_pdbx_audit_revision_category.data_content_type 
_pdbx_audit_revision_category.category 
1 4 'Structure model' software       
2 5 'Structure model' chem_comp_atom 
3 5 'Structure model' chem_comp_bond 
4 5 'Structure model' database_2     
5 5 'Structure model' struct_site    
# 
loop_
_pdbx_audit_revision_item.ordinal 
_pdbx_audit_revision_item.revision_ordinal 
_pdbx_audit_revision_item.data_content_type 
_pdbx_audit_revision_item.item 
1 4 'Structure model' '_software.classification'            
2 4 'Structure model' '_software.name'                      
3 5 'Structure model' '_database_2.pdbx_DOI'                
4 5 'Structure model' '_database_2.pdbx_database_accession' 
5 5 'Structure model' '_struct_site.pdbx_auth_asym_id'      
6 5 'Structure model' '_struct_site.pdbx_auth_comp_id'      
7 5 'Structure model' '_struct_site.pdbx_auth_seq_id'       
# 
_pdbx_database_status.status_code                     REL 
_pdbx_database_status.entry_id                        1SVI 
_pdbx_database_status.recvd_initial_deposition_date   2004-03-29 
_pdbx_database_status.deposit_site                    RCSB 
_pdbx_database_status.process_site                    RCSB 
_pdbx_database_status.SG_entry                        . 
_pdbx_database_status.pdb_format_compatible           Y 
_pdbx_database_status.status_code_mr                  ? 
_pdbx_database_status.status_code_sf                  ? 
_pdbx_database_status.status_code_cs                  ? 
_pdbx_database_status.methods_development_category    ? 
_pdbx_database_status.status_code_nmr_data            ? 
# 
loop_
_pdbx_database_related.db_name 
_pdbx_database_related.db_id 
_pdbx_database_related.details 
_pdbx_database_related.content_type 
PDB 1SUL 'Crystal Structure of the apo-YsxC'               unspecified 
PDB 1SVW 'Crystal Structure of YsxC complexed with GMPPNP' unspecified 
# 
loop_
_audit_author.name 
_audit_author.pdbx_ordinal 
'Ruzheinikov, S.N.' 1 
'Das, S.K.'         2 
'Sedelnikova, S.E.' 3 
'Baker, P.J.'       4 
'Artymiuk, P.J.'    5 
'Garcia-Lara, J.'   6 
'Foster, S.J.'      7 
'Rice, D.W.'        8 
# 
loop_
_citation.id 
_citation.title 
_citation.journal_abbrev 
_citation.journal_volume 
_citation.page_first 
_citation.page_last 
_citation.year 
_citation.journal_id_ASTM 
_citation.country 
_citation.journal_id_ISSN 
_citation.journal_id_CSD 
_citation.book_publisher 
_citation.pdbx_database_id_PubMed 
_citation.pdbx_database_id_DOI 
primary 'Analysis of the Open and Closed Conformations of the GTP-binding Protein YsxC from Bacillus subtilis.' J.Mol.Biol.       
339 265 278 2004 JMOBAK UK 0022-2836 0070 ? 15136032 10.1016/j.jmb.2004.03.043 
1       
;Expression, purification, crystallization and preliminary crystallographic analysis of a putative GTP-binding protein, YsxC,  from  Bacillus subtilis .
;
'To be Published' ?   ?   ?   ?    ?      ?  ?         0353 ? ?        ?                         
# 
loop_
_citation_author.citation_id 
_citation_author.name 
_citation_author.ordinal 
_citation_author.identifier_ORCID 
primary 'Ruzheinikov, S.N.' 1  ? 
primary 'Das, S.K.'         2  ? 
primary 'Sedelnikova, S.E.' 3  ? 
primary 'Baker, P.J.'       4  ? 
primary 'Artymiuk, P.J.'    5  ? 
primary 'Garcia-Lara, J.'   6  ? 
primary 'Foster, S.J.'      7  ? 
primary 'Rice, D.W.'        8  ? 
1       'Das, S.K.'         9  ? 
1       'Sedelnikova, S.E.' 10 ? 
1       'Baker, P.J.'       11 ? 
1       'Ruzheinikov, S.N.' 12 ? 
1       'Foster, S.J.'      13 ? 
1       'Rice, D.W.'        14 ? 
# 
loop_
_entity.id 
_entity.type 
_entity.src_method 
_entity.pdbx_description 
_entity.formula_weight 
_entity.pdbx_number_of_molecules 
_entity.pdbx_ec 
_entity.pdbx_mutation 
_entity.pdbx_fragment 
_entity.details 
1 polymer     man 'GTP-binding protein YSXC' 22060.414 1   ? ? ? ? 
2 non-polymer syn "GUANOSINE-5'-DIPHOSPHATE" 443.201   1   ? ? ? ? 
3 water       nat water                      18.015    246 ? ? ? ? 
# 
_entity_poly.entity_id                      1 
_entity_poly.type                           'polypeptide(L)' 
_entity_poly.nstd_linkage                   no 
_entity_poly.nstd_monomer                   no 
_entity_poly.pdbx_seq_one_letter_code       
;MKVTKSEIVISAVKPEQYPEGGLPEIALAGRSNVGKSSFINSLINRKNLARTSSKPGKTQTLNFYIINDELHFVDVPGYG
FAKVSKSEREAWGRMIETYITTREELKAVVQIVDLRHAPSNDDVQMYEFLKYYGIPVIVIATKADKIPKGKWDKHAKVVR
QTLNIDPEDELILFSSETKKGKDEAWGAIKKMINR
;
_entity_poly.pdbx_seq_one_letter_code_can   
;MKVTKSEIVISAVKPEQYPEGGLPEIALAGRSNVGKSSFINSLINRKNLARTSSKPGKTQTLNFYIINDELHFVDVPGYG
FAKVSKSEREAWGRMIETYITTREELKAVVQIVDLRHAPSNDDVQMYEFLKYYGIPVIVIATKADKIPKGKWDKHAKVVR
QTLNIDPEDELILFSSETKKGKDEAWGAIKKMINR
;
_entity_poly.pdbx_strand_id                 A 
_entity_poly.pdbx_target_identifier         ? 
# 
loop_
_pdbx_entity_nonpoly.entity_id 
_pdbx_entity_nonpoly.name 
_pdbx_entity_nonpoly.comp_id 
2 "GUANOSINE-5'-DIPHOSPHATE" GDP 
3 water                      HOH 
# 
loop_
_entity_poly_seq.entity_id 
_entity_poly_seq.num 
_entity_poly_seq.mon_id 
_entity_poly_seq.hetero 
1 1   MET n 
1 2   LYS n 
1 3   VAL n 
1 4   THR n 
1 5   LYS n 
1 6   SER n 
1 7   GLU n 
1 8   ILE n 
1 9   VAL n 
1 10  ILE n 
1 11  SER n 
1 12  ALA n 
1 13  VAL n 
1 14  LYS n 
1 15  PRO n 
1 16  GLU n 
1 17  GLN n 
1 18  TYR n 
1 19  PRO n 
1 20  GLU n 
1 21  GLY n 
1 22  GLY n 
1 23  LEU n 
1 24  PRO n 
1 25  GLU n 
1 26  ILE n 
1 27  ALA n 
1 28  LEU n 
1 29  ALA n 
1 30  GLY n 
1 31  ARG n 
1 32  SER n 
1 33  ASN n 
1 34  VAL n 
1 35  GLY n 
1 36  LYS n 
1 37  SER n 
1 38  SER n 
1 39  PHE n 
1 40  ILE n 
1 41  ASN n 
1 42  SER n 
1 43  LEU n 
1 44  ILE n 
1 45  ASN n 
1 46  ARG n 
1 47  LYS n 
1 48  ASN n 
1 49  LEU n 
1 50  ALA n 
1 51  ARG n 
1 52  THR n 
1 53  SER n 
1 54  SER n 
1 55  LYS n 
1 56  PRO n 
1 57  GLY n 
1 58  LYS n 
1 59  THR n 
1 60  GLN n 
1 61  THR n 
1 62  LEU n 
1 63  ASN n 
1 64  PHE n 
1 65  TYR n 
1 66  ILE n 
1 67  ILE n 
1 68  ASN n 
1 69  ASP n 
1 70  GLU n 
1 71  LEU n 
1 72  HIS n 
1 73  PHE n 
1 74  VAL n 
1 75  ASP n 
1 76  VAL n 
1 77  PRO n 
1 78  GLY n 
1 79  TYR n 
1 80  GLY n 
1 81  PHE n 
1 82  ALA n 
1 83  LYS n 
1 84  VAL n 
1 85  SER n 
1 86  LYS n 
1 87  SER n 
1 88  GLU n 
1 89  ARG n 
1 90  GLU n 
1 91  ALA n 
1 92  TRP n 
1 93  GLY n 
1 94  ARG n 
1 95  MET n 
1 96  ILE n 
1 97  GLU n 
1 98  THR n 
1 99  TYR n 
1 100 ILE n 
1 101 THR n 
1 102 THR n 
1 103 ARG n 
1 104 GLU n 
1 105 GLU n 
1 106 LEU n 
1 107 LYS n 
1 108 ALA n 
1 109 VAL n 
1 110 VAL n 
1 111 GLN n 
1 112 ILE n 
1 113 VAL n 
1 114 ASP n 
1 115 LEU n 
1 116 ARG n 
1 117 HIS n 
1 118 ALA n 
1 119 PRO n 
1 120 SER n 
1 121 ASN n 
1 122 ASP n 
1 123 ASP n 
1 124 VAL n 
1 125 GLN n 
1 126 MET n 
1 127 TYR n 
1 128 GLU n 
1 129 PHE n 
1 130 LEU n 
1 131 LYS n 
1 132 TYR n 
1 133 TYR n 
1 134 GLY n 
1 135 ILE n 
1 136 PRO n 
1 137 VAL n 
1 138 ILE n 
1 139 VAL n 
1 140 ILE n 
1 141 ALA n 
1 142 THR n 
1 143 LYS n 
1 144 ALA n 
1 145 ASP n 
1 146 LYS n 
1 147 ILE n 
1 148 PRO n 
1 149 LYS n 
1 150 GLY n 
1 151 LYS n 
1 152 TRP n 
1 153 ASP n 
1 154 LYS n 
1 155 HIS n 
1 156 ALA n 
1 157 LYS n 
1 158 VAL n 
1 159 VAL n 
1 160 ARG n 
1 161 GLN n 
1 162 THR n 
1 163 LEU n 
1 164 ASN n 
1 165 ILE n 
1 166 ASP n 
1 167 PRO n 
1 168 GLU n 
1 169 ASP n 
1 170 GLU n 
1 171 LEU n 
1 172 ILE n 
1 173 LEU n 
1 174 PHE n 
1 175 SER n 
1 176 SER n 
1 177 GLU n 
1 178 THR n 
1 179 LYS n 
1 180 LYS n 
1 181 GLY n 
1 182 LYS n 
1 183 ASP n 
1 184 GLU n 
1 185 ALA n 
1 186 TRP n 
1 187 GLY n 
1 188 ALA n 
1 189 ILE n 
1 190 LYS n 
1 191 LYS n 
1 192 MET n 
1 193 ILE n 
1 194 ASN n 
1 195 ARG n 
# 
_entity_src_gen.entity_id                          1 
_entity_src_gen.pdbx_src_id                        1 
_entity_src_gen.pdbx_alt_source_flag               sample 
_entity_src_gen.pdbx_seq_type                      ? 
_entity_src_gen.pdbx_beg_seq_num                   ? 
_entity_src_gen.pdbx_end_seq_num                   ? 
_entity_src_gen.gene_src_common_name               ? 
_entity_src_gen.gene_src_genus                     Bacillus 
_entity_src_gen.pdbx_gene_src_gene                 'YsxC, ENGB, BSU28190' 
_entity_src_gen.gene_src_species                   ? 
_entity_src_gen.gene_src_strain                    ? 
_entity_src_gen.gene_src_tissue                    ? 
_entity_src_gen.gene_src_tissue_fraction           ? 
_entity_src_gen.gene_src_details                   ? 
_entity_src_gen.pdbx_gene_src_fragment             ? 
_entity_src_gen.pdbx_gene_src_scientific_name      'Bacillus subtilis' 
_entity_src_gen.pdbx_gene_src_ncbi_taxonomy_id     1423 
_entity_src_gen.pdbx_gene_src_variant              ? 
_entity_src_gen.pdbx_gene_src_cell_line            ? 
_entity_src_gen.pdbx_gene_src_atcc                 ? 
_entity_src_gen.pdbx_gene_src_organ                ? 
_entity_src_gen.pdbx_gene_src_organelle            ? 
_entity_src_gen.pdbx_gene_src_cell                 ? 
_entity_src_gen.pdbx_gene_src_cellular_location    ? 
_entity_src_gen.host_org_common_name               ? 
_entity_src_gen.pdbx_host_org_scientific_name      'Escherichia coli' 
_entity_src_gen.pdbx_host_org_ncbi_taxonomy_id     562 
_entity_src_gen.host_org_genus                     Escherichia 
_entity_src_gen.pdbx_host_org_gene                 ? 
_entity_src_gen.pdbx_host_org_organ                ? 
_entity_src_gen.host_org_species                   ? 
_entity_src_gen.pdbx_host_org_tissue               ? 
_entity_src_gen.pdbx_host_org_tissue_fraction      ? 
_entity_src_gen.pdbx_host_org_strain               ? 
_entity_src_gen.pdbx_host_org_variant              ? 
_entity_src_gen.pdbx_host_org_cell_line            ? 
_entity_src_gen.pdbx_host_org_atcc                 ? 
_entity_src_gen.pdbx_host_org_culture_collection   ? 
_entity_src_gen.pdbx_host_org_cell                 ? 
_entity_src_gen.pdbx_host_org_organelle            ? 
_entity_src_gen.pdbx_host_org_cellular_location    ? 
_entity_src_gen.pdbx_host_org_vector_type          ? 
_entity_src_gen.pdbx_host_org_vector               ? 
_entity_src_gen.host_org_details                   ? 
_entity_src_gen.expression_system_id               ? 
_entity_src_gen.plasmid_name                       ? 
_entity_src_gen.plasmid_details                    ? 
_entity_src_gen.pdbx_description                   ? 
# 
loop_
_chem_comp.id 
_chem_comp.type 
_chem_comp.mon_nstd_flag 
_chem_comp.name 
_chem_comp.pdbx_synonyms 
_chem_comp.formula 
_chem_comp.formula_weight 
ALA 'L-peptide linking' y ALANINE                    ? 'C3 H7 N O2'        89.093  
ARG 'L-peptide linking' y ARGININE                   ? 'C6 H15 N4 O2 1'    175.209 
ASN 'L-peptide linking' y ASPARAGINE                 ? 'C4 H8 N2 O3'       132.118 
ASP 'L-peptide linking' y 'ASPARTIC ACID'            ? 'C4 H7 N O4'        133.103 
GDP 'RNA linking'       n "GUANOSINE-5'-DIPHOSPHATE" ? 'C10 H15 N5 O11 P2' 443.201 
GLN 'L-peptide linking' y GLUTAMINE                  ? 'C5 H10 N2 O3'      146.144 
GLU 'L-peptide linking' y 'GLUTAMIC ACID'            ? 'C5 H9 N O4'        147.129 
GLY 'peptide linking'   y GLYCINE                    ? 'C2 H5 N O2'        75.067  
HIS 'L-peptide linking' y HISTIDINE                  ? 'C6 H10 N3 O2 1'    156.162 
HOH non-polymer         . WATER                      ? 'H2 O'              18.015  
ILE 'L-peptide linking' y ISOLEUCINE                 ? 'C6 H13 N O2'       131.173 
LEU 'L-peptide linking' y LEUCINE                    ? 'C6 H13 N O2'       131.173 
LYS 'L-peptide linking' y LYSINE                     ? 'C6 H15 N2 O2 1'    147.195 
MET 'L-peptide linking' y METHIONINE                 ? 'C5 H11 N O2 S'     149.211 
PHE 'L-peptide linking' y PHENYLALANINE              ? 'C9 H11 N O2'       165.189 
PRO 'L-peptide linking' y PROLINE                    ? 'C5 H9 N O2'        115.130 
SER 'L-peptide linking' y SERINE                     ? 'C3 H7 N O3'        105.093 
THR 'L-peptide linking' y THREONINE                  ? 'C4 H9 N O3'        119.119 
TRP 'L-peptide linking' y TRYPTOPHAN                 ? 'C11 H12 N2 O2'     204.225 
TYR 'L-peptide linking' y TYROSINE                   ? 'C9 H11 N O3'       181.189 
VAL 'L-peptide linking' y VALINE                     ? 'C5 H11 N O2'       117.146 
# 
loop_
_pdbx_poly_seq_scheme.asym_id 
_pdbx_poly_seq_scheme.entity_id 
_pdbx_poly_seq_scheme.seq_id 
_pdbx_poly_seq_scheme.mon_id 
_pdbx_poly_seq_scheme.ndb_seq_num 
_pdbx_poly_seq_scheme.pdb_seq_num 
_pdbx_poly_seq_scheme.auth_seq_num 
_pdbx_poly_seq_scheme.pdb_mon_id 
_pdbx_poly_seq_scheme.auth_mon_id 
_pdbx_poly_seq_scheme.pdb_strand_id 
_pdbx_poly_seq_scheme.pdb_ins_code 
_pdbx_poly_seq_scheme.hetero 
A 1 1   MET 1   1   1   MET MET A . n 
A 1 2   LYS 2   2   2   LYS LYS A . n 
A 1 3   VAL 3   3   3   VAL VAL A . n 
A 1 4   THR 4   4   4   THR THR A . n 
A 1 5   LYS 5   5   5   LYS LYS A . n 
A 1 6   SER 6   6   6   SER SER A . n 
A 1 7   GLU 7   7   7   GLU GLU A . n 
A 1 8   ILE 8   8   8   ILE ILE A . n 
A 1 9   VAL 9   9   9   VAL VAL A . n 
A 1 10  ILE 10  10  10  ILE ILE A . n 
A 1 11  SER 11  11  11  SER SER A . n 
A 1 12  ALA 12  12  12  ALA ALA A . n 
A 1 13  VAL 13  13  13  VAL VAL A . n 
A 1 14  LYS 14  14  14  LYS LYS A . n 
A 1 15  PRO 15  15  15  PRO PRO A . n 
A 1 16  GLU 16  16  16  GLU GLU A . n 
A 1 17  GLN 17  17  17  GLN GLN A . n 
A 1 18  TYR 18  18  18  TYR TYR A . n 
A 1 19  PRO 19  19  19  PRO PRO A . n 
A 1 20  GLU 20  20  20  GLU GLU A . n 
A 1 21  GLY 21  21  21  GLY GLY A . n 
A 1 22  GLY 22  22  22  GLY GLY A . n 
A 1 23  LEU 23  23  23  LEU LEU A . n 
A 1 24  PRO 24  24  24  PRO PRO A . n 
A 1 25  GLU 25  25  25  GLU GLU A . n 
A 1 26  ILE 26  26  26  ILE ILE A . n 
A 1 27  ALA 27  27  27  ALA ALA A . n 
A 1 28  LEU 28  28  28  LEU LEU A . n 
A 1 29  ALA 29  29  29  ALA ALA A . n 
A 1 30  GLY 30  30  30  GLY GLY A . n 
A 1 31  ARG 31  31  31  ARG ARG A . n 
A 1 32  SER 32  32  32  SER SER A . n 
A 1 33  ASN 33  33  33  ASN ASN A . n 
A 1 34  VAL 34  34  34  VAL VAL A . n 
A 1 35  GLY 35  35  35  GLY GLY A . n 
A 1 36  LYS 36  36  36  LYS LYS A . n 
A 1 37  SER 37  37  37  SER SER A . n 
A 1 38  SER 38  38  38  SER SER A . n 
A 1 39  PHE 39  39  39  PHE PHE A . n 
A 1 40  ILE 40  40  40  ILE ILE A . n 
A 1 41  ASN 41  41  41  ASN ASN A . n 
A 1 42  SER 42  42  42  SER SER A . n 
A 1 43  LEU 43  43  43  LEU LEU A . n 
A 1 44  ILE 44  44  44  ILE ILE A . n 
A 1 45  ASN 45  45  45  ASN ASN A . n 
A 1 46  ARG 46  46  46  ARG ARG A . n 
A 1 47  LYS 47  47  ?   ?   ?   A . n 
A 1 48  ASN 48  48  ?   ?   ?   A . n 
A 1 49  LEU 49  49  ?   ?   ?   A . n 
A 1 50  ALA 50  50  ?   ?   ?   A . n 
A 1 51  ARG 51  51  ?   ?   ?   A . n 
A 1 52  THR 52  52  ?   ?   ?   A . n 
A 1 53  SER 53  53  ?   ?   ?   A . n 
A 1 54  SER 54  54  ?   ?   ?   A . n 
A 1 55  LYS 55  55  ?   ?   ?   A . n 
A 1 56  PRO 56  56  ?   ?   ?   A . n 
A 1 57  GLY 57  57  ?   ?   ?   A . n 
A 1 58  LYS 58  58  ?   ?   ?   A . n 
A 1 59  THR 59  59  ?   ?   ?   A . n 
A 1 60  GLN 60  60  60  GLN GLN A . n 
A 1 61  THR 61  61  61  THR THR A . n 
A 1 62  LEU 62  62  62  LEU LEU A . n 
A 1 63  ASN 63  63  63  ASN ASN A . n 
A 1 64  PHE 64  64  64  PHE PHE A . n 
A 1 65  TYR 65  65  65  TYR TYR A . n 
A 1 66  ILE 66  66  66  ILE ILE A . n 
A 1 67  ILE 67  67  67  ILE ILE A . n 
A 1 68  ASN 68  68  68  ASN ASN A . n 
A 1 69  ASP 69  69  69  ASP ASP A . n 
A 1 70  GLU 70  70  70  GLU GLU A . n 
A 1 71  LEU 71  71  71  LEU LEU A . n 
A 1 72  HIS 72  72  72  HIS HIS A . n 
A 1 73  PHE 73  73  73  PHE PHE A . n 
A 1 74  VAL 74  74  74  VAL VAL A . n 
A 1 75  ASP 75  75  75  ASP ASP A . n 
A 1 76  VAL 76  76  76  VAL VAL A . n 
A 1 77  PRO 77  77  77  PRO PRO A . n 
A 1 78  GLY 78  78  78  GLY GLY A . n 
A 1 79  TYR 79  79  79  TYR TYR A . n 
A 1 80  GLY 80  80  80  GLY GLY A . n 
A 1 81  PHE 81  81  81  PHE PHE A . n 
A 1 82  ALA 82  82  82  ALA ALA A . n 
A 1 83  LYS 83  83  83  LYS LYS A . n 
A 1 84  VAL 84  84  84  VAL VAL A . n 
A 1 85  SER 85  85  85  SER SER A . n 
A 1 86  LYS 86  86  86  LYS LYS A . n 
A 1 87  SER 87  87  87  SER SER A . n 
A 1 88  GLU 88  88  88  GLU GLU A . n 
A 1 89  ARG 89  89  89  ARG ARG A . n 
A 1 90  GLU 90  90  90  GLU GLU A . n 
A 1 91  ALA 91  91  91  ALA ALA A . n 
A 1 92  TRP 92  92  92  TRP TRP A . n 
A 1 93  GLY 93  93  93  GLY GLY A . n 
A 1 94  ARG 94  94  94  ARG ARG A . n 
A 1 95  MET 95  95  95  MET MET A . n 
A 1 96  ILE 96  96  96  ILE ILE A . n 
A 1 97  GLU 97  97  97  GLU GLU A . n 
A 1 98  THR 98  98  98  THR THR A . n 
A 1 99  TYR 99  99  99  TYR TYR A . n 
A 1 100 ILE 100 100 100 ILE ILE A . n 
A 1 101 THR 101 101 101 THR THR A . n 
A 1 102 THR 102 102 102 THR THR A . n 
A 1 103 ARG 103 103 103 ARG ARG A . n 
A 1 104 GLU 104 104 104 GLU GLU A . n 
A 1 105 GLU 105 105 105 GLU GLU A . n 
A 1 106 LEU 106 106 106 LEU LEU A . n 
A 1 107 LYS 107 107 107 LYS LYS A . n 
A 1 108 ALA 108 108 108 ALA ALA A . n 
A 1 109 VAL 109 109 109 VAL VAL A . n 
A 1 110 VAL 110 110 110 VAL VAL A . n 
A 1 111 GLN 111 111 111 GLN GLN A . n 
A 1 112 ILE 112 112 112 ILE ILE A . n 
A 1 113 VAL 113 113 113 VAL VAL A . n 
A 1 114 ASP 114 114 114 ASP ASP A . n 
A 1 115 LEU 115 115 115 LEU LEU A . n 
A 1 116 ARG 116 116 116 ARG ARG A . n 
A 1 117 HIS 117 117 117 HIS HIS A . n 
A 1 118 ALA 118 118 118 ALA ALA A . n 
A 1 119 PRO 119 119 119 PRO PRO A . n 
A 1 120 SER 120 120 120 SER SER A . n 
A 1 121 ASN 121 121 121 ASN ASN A . n 
A 1 122 ASP 122 122 122 ASP ASP A . n 
A 1 123 ASP 123 123 123 ASP ASP A . n 
A 1 124 VAL 124 124 124 VAL VAL A . n 
A 1 125 GLN 125 125 125 GLN GLN A . n 
A 1 126 MET 126 126 126 MET MET A . n 
A 1 127 TYR 127 127 127 TYR TYR A . n 
A 1 128 GLU 128 128 128 GLU GLU A . n 
A 1 129 PHE 129 129 129 PHE PHE A . n 
A 1 130 LEU 130 130 130 LEU LEU A . n 
A 1 131 LYS 131 131 131 LYS LYS A . n 
A 1 132 TYR 132 132 132 TYR TYR A . n 
A 1 133 TYR 133 133 133 TYR TYR A . n 
A 1 134 GLY 134 134 134 GLY GLY A . n 
A 1 135 ILE 135 135 135 ILE ILE A . n 
A 1 136 PRO 136 136 136 PRO PRO A . n 
A 1 137 VAL 137 137 137 VAL VAL A . n 
A 1 138 ILE 138 138 138 ILE ILE A . n 
A 1 139 VAL 139 139 139 VAL VAL A . n 
A 1 140 ILE 140 140 140 ILE ILE A . n 
A 1 141 ALA 141 141 141 ALA ALA A . n 
A 1 142 THR 142 142 142 THR THR A . n 
A 1 143 LYS 143 143 143 LYS LYS A . n 
A 1 144 ALA 144 144 144 ALA ALA A . n 
A 1 145 ASP 145 145 145 ASP ASP A . n 
A 1 146 LYS 146 146 146 LYS LYS A . n 
A 1 147 ILE 147 147 147 ILE ILE A . n 
A 1 148 PRO 148 148 148 PRO PRO A . n 
A 1 149 LYS 149 149 149 LYS LYS A . n 
A 1 150 GLY 150 150 150 GLY GLY A . n 
A 1 151 LYS 151 151 151 LYS LYS A . n 
A 1 152 TRP 152 152 152 TRP TRP A . n 
A 1 153 ASP 153 153 153 ASP ASP A . n 
A 1 154 LYS 154 154 154 LYS LYS A . n 
A 1 155 HIS 155 155 155 HIS HIS A . n 
A 1 156 ALA 156 156 156 ALA ALA A . n 
A 1 157 LYS 157 157 157 LYS LYS A . n 
A 1 158 VAL 158 158 158 VAL VAL A . n 
A 1 159 VAL 159 159 159 VAL VAL A . n 
A 1 160 ARG 160 160 160 ARG ARG A . n 
A 1 161 GLN 161 161 161 GLN GLN A . n 
A 1 162 THR 162 162 162 THR THR A . n 
A 1 163 LEU 163 163 163 LEU LEU A . n 
A 1 164 ASN 164 164 164 ASN ASN A . n 
A 1 165 ILE 165 165 165 ILE ILE A . n 
A 1 166 ASP 166 166 166 ASP ASP A . n 
A 1 167 PRO 167 167 167 PRO PRO A . n 
A 1 168 GLU 168 168 168 GLU GLU A . n 
A 1 169 ASP 169 169 169 ASP ASP A . n 
A 1 170 GLU 170 170 170 GLU GLU A . n 
A 1 171 LEU 171 171 171 LEU LEU A . n 
A 1 172 ILE 172 172 172 ILE ILE A . n 
A 1 173 LEU 173 173 173 LEU LEU A . n 
A 1 174 PHE 174 174 174 PHE PHE A . n 
A 1 175 SER 175 175 175 SER SER A . n 
A 1 176 SER 176 176 176 SER SER A . n 
A 1 177 GLU 177 177 177 GLU GLU A . n 
A 1 178 THR 178 178 178 THR THR A . n 
A 1 179 LYS 179 179 179 LYS LYS A . n 
A 1 180 LYS 180 180 180 LYS LYS A . n 
A 1 181 GLY 181 181 181 GLY GLY A . n 
A 1 182 LYS 182 182 182 LYS LYS A . n 
A 1 183 ASP 183 183 183 ASP ASP A . n 
A 1 184 GLU 184 184 184 GLU GLU A . n 
A 1 185 ALA 185 185 185 ALA ALA A . n 
A 1 186 TRP 186 186 186 TRP TRP A . n 
A 1 187 GLY 187 187 187 GLY GLY A . n 
A 1 188 ALA 188 188 188 ALA ALA A . n 
A 1 189 ILE 189 189 189 ILE ILE A . n 
A 1 190 LYS 190 190 190 LYS LYS A . n 
A 1 191 LYS 191 191 191 LYS LYS A . n 
A 1 192 MET 192 192 192 MET MET A . n 
A 1 193 ILE 193 193 193 ILE ILE A . n 
A 1 194 ASN 194 194 194 ASN ASN A . n 
A 1 195 ARG 195 195 195 ARG ARG A . n 
# 
loop_
_pdbx_nonpoly_scheme.asym_id 
_pdbx_nonpoly_scheme.entity_id 
_pdbx_nonpoly_scheme.mon_id 
_pdbx_nonpoly_scheme.ndb_seq_num 
_pdbx_nonpoly_scheme.pdb_seq_num 
_pdbx_nonpoly_scheme.auth_seq_num 
_pdbx_nonpoly_scheme.pdb_mon_id 
_pdbx_nonpoly_scheme.auth_mon_id 
_pdbx_nonpoly_scheme.pdb_strand_id 
_pdbx_nonpoly_scheme.pdb_ins_code 
B 2 GDP 1   401 401 GDP GDP A . 
C 3 HOH 1   402 1   HOH HOH A . 
C 3 HOH 2   403 2   HOH HOH A . 
C 3 HOH 3   404 3   HOH HOH A . 
C 3 HOH 4   405 4   HOH HOH A . 
C 3 HOH 5   406 5   HOH HOH A . 
C 3 HOH 6   407 6   HOH HOH A . 
C 3 HOH 7   408 7   HOH HOH A . 
C 3 HOH 8   409 8   HOH HOH A . 
C 3 HOH 9   410 9   HOH HOH A . 
C 3 HOH 10  411 10  HOH HOH A . 
C 3 HOH 11  412 11  HOH HOH A . 
C 3 HOH 12  413 12  HOH HOH A . 
C 3 HOH 13  414 13  HOH HOH A . 
C 3 HOH 14  415 14  HOH HOH A . 
C 3 HOH 15  416 15  HOH HOH A . 
C 3 HOH 16  417 16  HOH HOH A . 
C 3 HOH 17  418 17  HOH HOH A . 
C 3 HOH 18  419 18  HOH HOH A . 
C 3 HOH 19  420 19  HOH HOH A . 
C 3 HOH 20  421 20  HOH HOH A . 
C 3 HOH 21  422 21  HOH HOH A . 
C 3 HOH 22  423 22  HOH HOH A . 
C 3 HOH 23  424 23  HOH HOH A . 
C 3 HOH 24  425 24  HOH HOH A . 
C 3 HOH 25  426 25  HOH HOH A . 
C 3 HOH 26  427 26  HOH HOH A . 
C 3 HOH 27  428 27  HOH HOH A . 
C 3 HOH 28  429 28  HOH HOH A . 
C 3 HOH 29  430 29  HOH HOH A . 
C 3 HOH 30  431 30  HOH HOH A . 
C 3 HOH 31  432 31  HOH HOH A . 
C 3 HOH 32  433 32  HOH HOH A . 
C 3 HOH 33  434 33  HOH HOH A . 
C 3 HOH 34  435 34  HOH HOH A . 
C 3 HOH 35  436 35  HOH HOH A . 
C 3 HOH 36  437 36  HOH HOH A . 
C 3 HOH 37  438 37  HOH HOH A . 
C 3 HOH 38  439 38  HOH HOH A . 
C 3 HOH 39  440 39  HOH HOH A . 
C 3 HOH 40  441 40  HOH HOH A . 
C 3 HOH 41  442 41  HOH HOH A . 
C 3 HOH 42  443 42  HOH HOH A . 
C 3 HOH 43  444 43  HOH HOH A . 
C 3 HOH 44  445 44  HOH HOH A . 
C 3 HOH 45  446 45  HOH HOH A . 
C 3 HOH 46  447 46  HOH HOH A . 
C 3 HOH 47  448 47  HOH HOH A . 
C 3 HOH 48  449 48  HOH HOH A . 
C 3 HOH 49  450 49  HOH HOH A . 
C 3 HOH 50  451 50  HOH HOH A . 
C 3 HOH 51  452 51  HOH HOH A . 
C 3 HOH 52  453 52  HOH HOH A . 
C 3 HOH 53  454 53  HOH HOH A . 
C 3 HOH 54  455 54  HOH HOH A . 
C 3 HOH 55  456 55  HOH HOH A . 
C 3 HOH 56  457 56  HOH HOH A . 
C 3 HOH 57  458 57  HOH HOH A . 
C 3 HOH 58  459 58  HOH HOH A . 
C 3 HOH 59  460 59  HOH HOH A . 
C 3 HOH 60  461 60  HOH HOH A . 
C 3 HOH 61  462 61  HOH HOH A . 
C 3 HOH 62  463 62  HOH HOH A . 
C 3 HOH 63  464 63  HOH HOH A . 
C 3 HOH 64  465 64  HOH HOH A . 
C 3 HOH 65  466 65  HOH HOH A . 
C 3 HOH 66  467 66  HOH HOH A . 
C 3 HOH 67  468 67  HOH HOH A . 
C 3 HOH 68  469 68  HOH HOH A . 
C 3 HOH 69  470 69  HOH HOH A . 
C 3 HOH 70  471 70  HOH HOH A . 
C 3 HOH 71  472 71  HOH HOH A . 
C 3 HOH 72  473 72  HOH HOH A . 
C 3 HOH 73  474 73  HOH HOH A . 
C 3 HOH 74  475 74  HOH HOH A . 
C 3 HOH 75  476 75  HOH HOH A . 
C 3 HOH 76  477 76  HOH HOH A . 
C 3 HOH 77  478 77  HOH HOH A . 
C 3 HOH 78  479 78  HOH HOH A . 
C 3 HOH 79  480 79  HOH HOH A . 
C 3 HOH 80  481 80  HOH HOH A . 
C 3 HOH 81  482 81  HOH HOH A . 
C 3 HOH 82  483 82  HOH HOH A . 
C 3 HOH 83  484 83  HOH HOH A . 
C 3 HOH 84  485 84  HOH HOH A . 
C 3 HOH 85  486 85  HOH HOH A . 
C 3 HOH 86  487 86  HOH HOH A . 
C 3 HOH 87  488 87  HOH HOH A . 
C 3 HOH 88  489 88  HOH HOH A . 
C 3 HOH 89  490 89  HOH HOH A . 
C 3 HOH 90  491 90  HOH HOH A . 
C 3 HOH 91  492 91  HOH HOH A . 
C 3 HOH 92  493 92  HOH HOH A . 
C 3 HOH 93  494 93  HOH HOH A . 
C 3 HOH 94  495 94  HOH HOH A . 
C 3 HOH 95  496 95  HOH HOH A . 
C 3 HOH 96  497 96  HOH HOH A . 
C 3 HOH 97  498 97  HOH HOH A . 
C 3 HOH 98  499 98  HOH HOH A . 
C 3 HOH 99  500 99  HOH HOH A . 
C 3 HOH 100 501 100 HOH HOH A . 
C 3 HOH 101 502 101 HOH HOH A . 
C 3 HOH 102 503 102 HOH HOH A . 
C 3 HOH 103 504 103 HOH HOH A . 
C 3 HOH 104 505 104 HOH HOH A . 
C 3 HOH 105 506 105 HOH HOH A . 
C 3 HOH 106 507 106 HOH HOH A . 
C 3 HOH 107 508 107 HOH HOH A . 
C 3 HOH 108 509 108 HOH HOH A . 
C 3 HOH 109 510 109 HOH HOH A . 
C 3 HOH 110 511 110 HOH HOH A . 
C 3 HOH 111 512 111 HOH HOH A . 
C 3 HOH 112 513 112 HOH HOH A . 
C 3 HOH 113 514 113 HOH HOH A . 
C 3 HOH 114 515 114 HOH HOH A . 
C 3 HOH 115 516 115 HOH HOH A . 
C 3 HOH 116 517 116 HOH HOH A . 
C 3 HOH 117 518 117 HOH HOH A . 
C 3 HOH 118 519 118 HOH HOH A . 
C 3 HOH 119 520 119 HOH HOH A . 
C 3 HOH 120 521 120 HOH HOH A . 
C 3 HOH 121 522 121 HOH HOH A . 
C 3 HOH 122 523 122 HOH HOH A . 
C 3 HOH 123 524 123 HOH HOH A . 
C 3 HOH 124 525 124 HOH HOH A . 
C 3 HOH 125 526 125 HOH HOH A . 
C 3 HOH 126 527 126 HOH HOH A . 
C 3 HOH 127 528 127 HOH HOH A . 
C 3 HOH 128 529 128 HOH HOH A . 
C 3 HOH 129 530 129 HOH HOH A . 
C 3 HOH 130 531 130 HOH HOH A . 
C 3 HOH 131 532 131 HOH HOH A . 
C 3 HOH 132 533 132 HOH HOH A . 
C 3 HOH 133 534 133 HOH HOH A . 
C 3 HOH 134 535 134 HOH HOH A . 
C 3 HOH 135 536 135 HOH HOH A . 
C 3 HOH 136 537 136 HOH HOH A . 
C 3 HOH 137 538 137 HOH HOH A . 
C 3 HOH 138 539 138 HOH HOH A . 
C 3 HOH 139 540 139 HOH HOH A . 
C 3 HOH 140 541 140 HOH HOH A . 
C 3 HOH 141 542 141 HOH HOH A . 
C 3 HOH 142 543 142 HOH HOH A . 
C 3 HOH 143 544 143 HOH HOH A . 
C 3 HOH 144 545 144 HOH HOH A . 
C 3 HOH 145 546 145 HOH HOH A . 
C 3 HOH 146 547 146 HOH HOH A . 
C 3 HOH 147 548 147 HOH HOH A . 
C 3 HOH 148 549 148 HOH HOH A . 
C 3 HOH 149 550 149 HOH HOH A . 
C 3 HOH 150 551 150 HOH HOH A . 
C 3 HOH 151 552 151 HOH HOH A . 
C 3 HOH 152 553 152 HOH HOH A . 
C 3 HOH 153 554 153 HOH HOH A . 
C 3 HOH 154 555 154 HOH HOH A . 
C 3 HOH 155 556 155 HOH HOH A . 
C 3 HOH 156 557 156 HOH HOH A . 
C 3 HOH 157 558 157 HOH HOH A . 
C 3 HOH 158 559 158 HOH HOH A . 
C 3 HOH 159 560 159 HOH HOH A . 
C 3 HOH 160 561 160 HOH HOH A . 
C 3 HOH 161 562 161 HOH HOH A . 
C 3 HOH 162 563 162 HOH HOH A . 
C 3 HOH 163 564 163 HOH HOH A . 
C 3 HOH 164 565 164 HOH HOH A . 
C 3 HOH 165 566 165 HOH HOH A . 
C 3 HOH 166 567 166 HOH HOH A . 
C 3 HOH 167 568 167 HOH HOH A . 
C 3 HOH 168 569 168 HOH HOH A . 
C 3 HOH 169 570 169 HOH HOH A . 
C 3 HOH 170 571 170 HOH HOH A . 
C 3 HOH 171 572 171 HOH HOH A . 
C 3 HOH 172 573 172 HOH HOH A . 
C 3 HOH 173 574 173 HOH HOH A . 
C 3 HOH 174 575 174 HOH HOH A . 
C 3 HOH 175 576 175 HOH HOH A . 
C 3 HOH 176 577 176 HOH HOH A . 
C 3 HOH 177 578 177 HOH HOH A . 
C 3 HOH 178 579 178 HOH HOH A . 
C 3 HOH 179 580 179 HOH HOH A . 
C 3 HOH 180 581 180 HOH HOH A . 
C 3 HOH 181 582 181 HOH HOH A . 
C 3 HOH 182 583 182 HOH HOH A . 
C 3 HOH 183 584 183 HOH HOH A . 
C 3 HOH 184 585 184 HOH HOH A . 
C 3 HOH 185 586 185 HOH HOH A . 
C 3 HOH 186 587 186 HOH HOH A . 
C 3 HOH 187 588 187 HOH HOH A . 
C 3 HOH 188 589 188 HOH HOH A . 
C 3 HOH 189 590 189 HOH HOH A . 
C 3 HOH 190 591 190 HOH HOH A . 
C 3 HOH 191 592 191 HOH HOH A . 
C 3 HOH 192 593 192 HOH HOH A . 
C 3 HOH 193 594 193 HOH HOH A . 
C 3 HOH 194 595 194 HOH HOH A . 
C 3 HOH 195 596 195 HOH HOH A . 
C 3 HOH 196 597 196 HOH HOH A . 
C 3 HOH 197 598 197 HOH HOH A . 
C 3 HOH 198 599 198 HOH HOH A . 
C 3 HOH 199 600 199 HOH HOH A . 
C 3 HOH 200 601 200 HOH HOH A . 
C 3 HOH 201 602 201 HOH HOH A . 
C 3 HOH 202 603 202 HOH HOH A . 
C 3 HOH 203 604 203 HOH HOH A . 
C 3 HOH 204 605 204 HOH HOH A . 
C 3 HOH 205 606 205 HOH HOH A . 
C 3 HOH 206 607 206 HOH HOH A . 
C 3 HOH 207 608 207 HOH HOH A . 
C 3 HOH 208 609 208 HOH HOH A . 
C 3 HOH 209 610 209 HOH HOH A . 
C 3 HOH 210 611 210 HOH HOH A . 
C 3 HOH 211 612 211 HOH HOH A . 
C 3 HOH 212 613 212 HOH HOH A . 
C 3 HOH 213 614 213 HOH HOH A . 
C 3 HOH 214 615 214 HOH HOH A . 
C 3 HOH 215 616 215 HOH HOH A . 
C 3 HOH 216 617 216 HOH HOH A . 
C 3 HOH 217 618 217 HOH HOH A . 
C 3 HOH 218 619 218 HOH HOH A . 
C 3 HOH 219 620 219 HOH HOH A . 
C 3 HOH 220 621 220 HOH HOH A . 
C 3 HOH 221 622 221 HOH HOH A . 
C 3 HOH 222 623 222 HOH HOH A . 
C 3 HOH 223 624 223 HOH HOH A . 
C 3 HOH 224 625 224 HOH HOH A . 
C 3 HOH 225 626 225 HOH HOH A . 
C 3 HOH 226 627 226 HOH HOH A . 
C 3 HOH 227 628 227 HOH HOH A . 
C 3 HOH 228 629 228 HOH HOH A . 
C 3 HOH 229 630 229 HOH HOH A . 
C 3 HOH 230 631 230 HOH HOH A . 
C 3 HOH 231 632 231 HOH HOH A . 
C 3 HOH 232 633 232 HOH HOH A . 
C 3 HOH 233 634 233 HOH HOH A . 
C 3 HOH 234 635 234 HOH HOH A . 
C 3 HOH 235 636 235 HOH HOH A . 
C 3 HOH 236 637 236 HOH HOH A . 
C 3 HOH 237 638 237 HOH HOH A . 
C 3 HOH 238 639 238 HOH HOH A . 
C 3 HOH 239 640 239 HOH HOH A . 
C 3 HOH 240 641 240 HOH HOH A . 
C 3 HOH 241 642 241 HOH HOH A . 
C 3 HOH 242 643 242 HOH HOH A . 
C 3 HOH 243 644 243 HOH HOH A . 
C 3 HOH 244 645 244 HOH HOH A . 
C 3 HOH 245 646 245 HOH HOH A . 
C 3 HOH 246 647 246 HOH HOH A . 
# 
loop_
_software.name 
_software.classification 
_software.version 
_software.citation_id 
_software.pdbx_ordinal 
REFMAC    refinement        5.0 ? 1 
MAR345    'data collection' .   ? 2 
SCALEPACK 'data scaling'    .   ? 3 
MLPHARE   phasing           .   ? 4 
# 
_cell.entry_id           1SVI 
_cell.length_a           46.179 
_cell.length_b           68.305 
_cell.length_c           61.999 
_cell.angle_alpha        90.00 
_cell.angle_beta         94.05 
_cell.angle_gamma        90.00 
_cell.Z_PDB              4 
_cell.pdbx_unique_axis   ? 
# 
_symmetry.entry_id                         1SVI 
_symmetry.space_group_name_H-M             'C 1 2 1' 
_symmetry.pdbx_full_space_group_name_H-M   ? 
_symmetry.cell_setting                     ? 
_symmetry.Int_Tables_number                5 
# 
_exptl.entry_id          1SVI 
_exptl.method            'X-RAY DIFFRACTION' 
_exptl.crystals_number   1 
# 
_exptl_crystal.id                    1 
_exptl_crystal.density_meas          ? 
_exptl_crystal.density_percent_sol   44.34 
_exptl_crystal.description           ? 
_exptl_crystal.density_Matthews      2.21 
# 
_exptl_crystal_grow.crystal_id      1 
_exptl_crystal_grow.method          'VAPOR DIFFUSION, HANGING DROP' 
_exptl_crystal_grow.temp            290 
_exptl_crystal_grow.temp_details    ? 
_exptl_crystal_grow.pH              7.5 
_exptl_crystal_grow.pdbx_details    
'PG 4000, isopropanol, N Hepes buffer, GDP,MgCl2, pH 7.5, VAPOR DIFFUSION, HANGING DROP, temperature 290K' 
_exptl_crystal_grow.pdbx_pH_range   . 
# 
_diffrn.id                     1 
_diffrn.ambient_temp           100 
_diffrn.ambient_temp_details   ? 
_diffrn.crystal_id             1 
# 
_diffrn_detector.diffrn_id              1 
_diffrn_detector.detector               'IMAGE PLATE' 
_diffrn_detector.type                   MARRESEARCH 
_diffrn_detector.pdbx_collection_date   2002-01-01 
_diffrn_detector.details                ? 
# 
_diffrn_radiation.diffrn_id                        1 
_diffrn_radiation.wavelength_id                    1 
_diffrn_radiation.pdbx_monochromatic_or_laue_m_l   M 
_diffrn_radiation.monochromator                    ? 
_diffrn_radiation.pdbx_diffrn_protocol             'SINGLE WAVELENGTH' 
_diffrn_radiation.pdbx_scattering_type             x-ray 
# 
_diffrn_radiation_wavelength.id           1 
_diffrn_radiation_wavelength.wavelength   1.5418 
_diffrn_radiation_wavelength.wt           1.0 
# 
_diffrn_source.diffrn_id                   1 
_diffrn_source.source                      'ROTATING ANODE' 
_diffrn_source.type                        'RIGAKU RU200' 
_diffrn_source.pdbx_synchrotron_site       ? 
_diffrn_source.pdbx_synchrotron_beamline   ? 
_diffrn_source.pdbx_wavelength             ? 
_diffrn_source.pdbx_wavelength_list        1.5418 
# 
_reflns.entry_id                     1SVI 
_reflns.observed_criterion_sigma_F   2.0 
_reflns.observed_criterion_sigma_I   2.0 
_reflns.d_resolution_high            1.95 
_reflns.d_resolution_low             10 
_reflns.number_all                   ? 
_reflns.number_obs                   13194 
_reflns.percent_possible_obs         94.8 
_reflns.pdbx_Rmerge_I_obs            ? 
_reflns.pdbx_Rsym_value              ? 
_reflns.pdbx_netI_over_sigmaI        ? 
_reflns.B_iso_Wilson_estimate        ? 
_reflns.pdbx_redundancy              ? 
_reflns.R_free_details               ? 
_reflns.limit_h_max                  ? 
_reflns.limit_h_min                  ? 
_reflns.limit_k_max                  ? 
_reflns.limit_k_min                  ? 
_reflns.limit_l_max                  ? 
_reflns.limit_l_min                  ? 
_reflns.observed_criterion_F_max     ? 
_reflns.observed_criterion_F_min     ? 
_reflns.pdbx_diffrn_id               1 
_reflns.pdbx_ordinal                 1 
# 
_refine.entry_id                                 1SVI 
_refine.ls_number_reflns_obs                     12485 
_refine.ls_number_reflns_all                     ? 
_refine.pdbx_ls_sigma_I                          ? 
_refine.pdbx_ls_sigma_F                          0 
_refine.pdbx_data_cutoff_high_absF               ? 
_refine.pdbx_data_cutoff_low_absF                ? 
_refine.pdbx_data_cutoff_high_rms_absF           ? 
_refine.ls_d_res_low                             10.00 
_refine.ls_d_res_high                            1.95 
_refine.ls_percent_reflns_obs                    94.13 
_refine.ls_R_factor_obs                          0.17831 
_refine.ls_R_factor_all                          ? 
_refine.ls_R_factor_R_work                       0.17614 
_refine.ls_R_factor_R_free                       0.22174 
_refine.ls_R_factor_R_free_error                 ? 
_refine.ls_R_factor_R_free_error_details         ? 
_refine.ls_percent_reflns_R_free                 4.9 
_refine.ls_number_reflns_R_free                  641 
_refine.ls_number_parameters                     ? 
_refine.ls_number_restraints                     ? 
_refine.occupancy_min                            ? 
_refine.occupancy_max                            ? 
_refine.correlation_coeff_Fo_to_Fc               0.957 
_refine.correlation_coeff_Fo_to_Fc_free          0.934 
_refine.B_iso_mean                               17.442 
_refine.aniso_B[1][1]                            0.34 
_refine.aniso_B[2][2]                            -0.53 
_refine.aniso_B[3][3]                            0.11 
_refine.aniso_B[1][2]                            0.00 
_refine.aniso_B[1][3]                            -0.58 
_refine.aniso_B[2][3]                            0.00 
_refine.solvent_model_details                    'BABINET MODEL WITH MASK' 
_refine.solvent_model_param_ksol                 ? 
_refine.solvent_model_param_bsol                 ? 
_refine.pdbx_solvent_vdw_probe_radii             1.40 
_refine.pdbx_solvent_ion_probe_radii             0.80 
_refine.pdbx_solvent_shrinkage_radii             0.80 
_refine.pdbx_ls_cross_valid_method               THROUGHOUT 
_refine.details                                  ? 
_refine.pdbx_starting_model                      ? 
_refine.pdbx_method_to_determine_struct          MIR 
_refine.pdbx_isotropic_thermal_model             ? 
_refine.pdbx_stereochemistry_target_values       'MAXIMUM LIKELIHOOD' 
_refine.pdbx_stereochem_target_val_spec_case     ? 
_refine.pdbx_R_Free_selection_details            RANDOM 
_refine.pdbx_overall_ESU_R                       0.199 
_refine.pdbx_overall_ESU_R_Free                  0.167 
_refine.overall_SU_ML                            0.122 
_refine.overall_SU_B                             4.265 
_refine.ls_redundancy_reflns_obs                 ? 
_refine.B_iso_min                                ? 
_refine.B_iso_max                                ? 
_refine.overall_SU_R_Cruickshank_DPI             ? 
_refine.overall_SU_R_free                        ? 
_refine.pdbx_refine_id                           'X-RAY DIFFRACTION' 
_refine.pdbx_diffrn_id                           1 
_refine.pdbx_TLS_residual_ADP_flag               ? 
_refine.pdbx_overall_phase_error                 ? 
_refine.pdbx_overall_SU_R_free_Cruickshank_DPI   ? 
_refine.pdbx_overall_SU_R_Blow_DPI               ? 
_refine.pdbx_overall_SU_R_free_Blow_DPI          ? 
# 
_refine_hist.pdbx_refine_id                   'X-RAY DIFFRACTION' 
_refine_hist.cycle_id                         LAST 
_refine_hist.pdbx_number_atoms_protein        1457 
_refine_hist.pdbx_number_atoms_nucleic_acid   0 
_refine_hist.pdbx_number_atoms_ligand         28 
_refine_hist.number_atoms_solvent             246 
_refine_hist.number_atoms_total               1731 
_refine_hist.d_res_high                       1.95 
_refine_hist.d_res_low                        10.00 
# 
loop_
_refine_ls_restr.type 
_refine_ls_restr.dev_ideal 
_refine_ls_restr.dev_ideal_target 
_refine_ls_restr.weight 
_refine_ls_restr.number 
_refine_ls_restr.pdbx_refine_id 
_refine_ls_restr.pdbx_restraint_function 
r_bond_refined_d         0.008  0.022  ? 1515 'X-RAY DIFFRACTION' ? 
r_angle_refined_deg      1.287  1.982  ? 2049 'X-RAY DIFFRACTION' ? 
r_dihedral_angle_1_deg   3.397  3.000  ? 180  'X-RAY DIFFRACTION' ? 
r_dihedral_angle_3_deg   17.494 15.000 ? 291  'X-RAY DIFFRACTION' ? 
r_chiral_restr           0.089  0.200  ? 227  'X-RAY DIFFRACTION' ? 
r_gen_planes_refined     0.004  0.020  ? 1104 'X-RAY DIFFRACTION' ? 
r_nbd_refined            0.235  0.300  ? 774  'X-RAY DIFFRACTION' ? 
r_xyhbond_nbd_refined    0.214  0.500  ? 197  'X-RAY DIFFRACTION' ? 
r_symmetry_vdw_refined   0.231  0.300  ? 43   'X-RAY DIFFRACTION' ? 
r_symmetry_hbond_refined 0.630  0.500  ? 22   'X-RAY DIFFRACTION' ? 
r_mcbond_it              0.547  1.500  ? 906  'X-RAY DIFFRACTION' ? 
r_mcangle_it             1.061  2.000  ? 1471 'X-RAY DIFFRACTION' ? 
r_scbond_it              1.791  3.000  ? 609  'X-RAY DIFFRACTION' ? 
r_scangle_it             3.031  4.500  ? 578  'X-RAY DIFFRACTION' ? 
# 
_refine_ls_shell.pdbx_total_number_of_bins_used   20 
_refine_ls_shell.d_res_high                       1.950 
_refine_ls_shell.d_res_low                        1.999 
_refine_ls_shell.number_reflns_R_work             887 
_refine_ls_shell.R_factor_R_work                  0.237 
_refine_ls_shell.percent_reflns_obs               ? 
_refine_ls_shell.R_factor_R_free                  0.309 
_refine_ls_shell.R_factor_R_free_error            ? 
_refine_ls_shell.percent_reflns_R_free            ? 
_refine_ls_shell.number_reflns_R_free             43 
_refine_ls_shell.number_reflns_obs                ? 
_refine_ls_shell.redundancy_reflns_obs            ? 
_refine_ls_shell.number_reflns_all                ? 
_refine_ls_shell.pdbx_refine_id                   'X-RAY DIFFRACTION' 
_refine_ls_shell.R_factor_all                     ? 
# 
_struct.entry_id                  1SVI 
_struct.title                     'Crystal Structure of the GTP-binding protein YsxC complexed with GDP' 
_struct.pdbx_model_details        ? 
_struct.pdbx_CASP_flag            ? 
_struct.pdbx_model_type_details   ? 
# 
_struct_keywords.entry_id        1SVI 
_struct_keywords.pdbx_keywords   HYDROLASE 
_struct_keywords.text            'YsxC, ENGB, GTPase, GTP-binding protein, GDP, HYDROLASE' 
# 
loop_
_struct_asym.id 
_struct_asym.pdbx_blank_PDB_chainid_flag 
_struct_asym.pdbx_modified 
_struct_asym.entity_id 
_struct_asym.details 
A N N 1 ? 
B N N 2 ? 
C N N 3 ? 
# 
_struct_ref.id                         1 
_struct_ref.db_name                    UNP 
_struct_ref.db_code                    ENGB_BACSU 
_struct_ref.pdbx_db_accession          P38424 
_struct_ref.entity_id                  1 
_struct_ref.pdbx_seq_one_letter_code   
;MKVTKSEIVISAVKPEQYPEGGLPEIALAGRSNVGKSSFINSLINRKNLARTSSKPGKTQTLNFYIINDELHFVDVPGYG
FAKVSKSEREAWGRMIETYITTREELKAVVQIVDLRHAPSNDDVQMYEFLKYYGIPVIVIATKADKIPKGKWDKHAKVVR
QTLNIDPEDELILFSSETKKGKDEAWGAIKKMINR
;
_struct_ref.pdbx_align_begin           1 
_struct_ref.pdbx_db_isoform            ? 
# 
_struct_ref_seq.align_id                      1 
_struct_ref_seq.ref_id                        1 
_struct_ref_seq.pdbx_PDB_id_code              1SVI 
_struct_ref_seq.pdbx_strand_id                A 
_struct_ref_seq.seq_align_beg                 1 
_struct_ref_seq.pdbx_seq_align_beg_ins_code   ? 
_struct_ref_seq.seq_align_end                 195 
_struct_ref_seq.pdbx_seq_align_end_ins_code   ? 
_struct_ref_seq.pdbx_db_accession             P38424 
_struct_ref_seq.db_align_beg                  1 
_struct_ref_seq.pdbx_db_align_beg_ins_code    ? 
_struct_ref_seq.db_align_end                  195 
_struct_ref_seq.pdbx_db_align_end_ins_code    ? 
_struct_ref_seq.pdbx_auth_seq_align_beg       1 
_struct_ref_seq.pdbx_auth_seq_align_end       195 
# 
_pdbx_struct_assembly.id                   1 
_pdbx_struct_assembly.details              author_defined_assembly 
_pdbx_struct_assembly.method_details       ? 
_pdbx_struct_assembly.oligomeric_details   monomeric 
_pdbx_struct_assembly.oligomeric_count     1 
# 
_pdbx_struct_assembly_gen.assembly_id       1 
_pdbx_struct_assembly_gen.oper_expression   1 
_pdbx_struct_assembly_gen.asym_id_list      A,B,C 
# 
_pdbx_struct_oper_list.id                   1 
_pdbx_struct_oper_list.type                 'identity operation' 
_pdbx_struct_oper_list.name                 1_555 
_pdbx_struct_oper_list.symmetry_operation   x,y,z 
_pdbx_struct_oper_list.matrix[1][1]         1.0000000000 
_pdbx_struct_oper_list.matrix[1][2]         0.0000000000 
_pdbx_struct_oper_list.matrix[1][3]         0.0000000000 
_pdbx_struct_oper_list.vector[1]            0.0000000000 
_pdbx_struct_oper_list.matrix[2][1]         0.0000000000 
_pdbx_struct_oper_list.matrix[2][2]         1.0000000000 
_pdbx_struct_oper_list.matrix[2][3]         0.0000000000 
_pdbx_struct_oper_list.vector[2]            0.0000000000 
_pdbx_struct_oper_list.matrix[3][1]         0.0000000000 
_pdbx_struct_oper_list.matrix[3][2]         0.0000000000 
_pdbx_struct_oper_list.matrix[3][3]         1.0000000000 
_pdbx_struct_oper_list.vector[3]            0.0000000000 
# 
loop_
_struct_conf.conf_type_id 
_struct_conf.id 
_struct_conf.pdbx_PDB_helix_id 
_struct_conf.beg_label_comp_id 
_struct_conf.beg_label_asym_id 
_struct_conf.beg_label_seq_id 
_struct_conf.pdbx_beg_PDB_ins_code 
_struct_conf.end_label_comp_id 
_struct_conf.end_label_asym_id 
_struct_conf.end_label_seq_id 
_struct_conf.pdbx_end_PDB_ins_code 
_struct_conf.beg_auth_comp_id 
_struct_conf.beg_auth_asym_id 
_struct_conf.beg_auth_seq_id 
_struct_conf.end_auth_comp_id 
_struct_conf.end_auth_asym_id 
_struct_conf.end_auth_seq_id 
_struct_conf.pdbx_PDB_helix_class 
_struct_conf.details 
_struct_conf.pdbx_PDB_helix_length 
HELX_P HELX_P1 1 LYS A 14  ? TYR A 18  ? LYS A 14  TYR A 18  5 ? 5  
HELX_P HELX_P2 2 GLY A 35  ? ASN A 45  ? GLY A 35  ASN A 45  1 ? 11 
HELX_P HELX_P3 3 SER A 85  ? ARG A 103 ? SER A 85  ARG A 103 1 ? 19 
HELX_P HELX_P4 4 SER A 120 ? TYR A 133 ? SER A 120 TYR A 133 1 ? 14 
HELX_P HELX_P5 5 LYS A 143 ? ILE A 147 ? LYS A 143 ILE A 147 5 ? 5  
HELX_P HELX_P6 6 PRO A 148 ? GLY A 150 ? PRO A 148 GLY A 150 5 ? 3  
HELX_P HELX_P7 7 LYS A 151 ? ASN A 164 ? LYS A 151 ASN A 164 1 ? 14 
HELX_P HELX_P8 8 GLY A 181 ? ASN A 194 ? GLY A 181 ASN A 194 1 ? 14 
# 
_struct_conf_type.id          HELX_P 
_struct_conf_type.criteria    ? 
_struct_conf_type.reference   ? 
# 
_struct_sheet.id               A 
_struct_sheet.type             ? 
_struct_sheet.number_strands   7 
_struct_sheet.details          ? 
# 
loop_
_struct_sheet_order.sheet_id 
_struct_sheet_order.range_id_1 
_struct_sheet_order.range_id_2 
_struct_sheet_order.offset 
_struct_sheet_order.sense 
A 1 2 ? anti-parallel 
A 2 3 ? anti-parallel 
A 3 4 ? parallel      
A 4 5 ? parallel      
A 5 6 ? parallel      
A 6 7 ? parallel      
# 
loop_
_struct_sheet_range.sheet_id 
_struct_sheet_range.id 
_struct_sheet_range.beg_label_comp_id 
_struct_sheet_range.beg_label_asym_id 
_struct_sheet_range.beg_label_seq_id 
_struct_sheet_range.pdbx_beg_PDB_ins_code 
_struct_sheet_range.end_label_comp_id 
_struct_sheet_range.end_label_asym_id 
_struct_sheet_range.end_label_seq_id 
_struct_sheet_range.pdbx_end_PDB_ins_code 
_struct_sheet_range.beg_auth_comp_id 
_struct_sheet_range.beg_auth_asym_id 
_struct_sheet_range.beg_auth_seq_id 
_struct_sheet_range.end_auth_comp_id 
_struct_sheet_range.end_auth_asym_id 
_struct_sheet_range.end_auth_seq_id 
A 1 SER A 6   ? ALA A 12  ? SER A 6   ALA A 12  
A 2 LEU A 62  ? ILE A 67  ? LEU A 62  ILE A 67  
A 3 LEU A 71  ? ASP A 75  ? LEU A 71  ASP A 75  
A 4 GLU A 25  ? GLY A 30  ? GLU A 25  GLY A 30  
A 5 LEU A 106 ? ASP A 114 ? LEU A 106 ASP A 114 
A 6 VAL A 137 ? THR A 142 ? VAL A 137 THR A 142 
A 7 GLU A 170 ? LEU A 173 ? GLU A 170 LEU A 173 
# 
loop_
_pdbx_struct_sheet_hbond.sheet_id 
_pdbx_struct_sheet_hbond.range_id_1 
_pdbx_struct_sheet_hbond.range_id_2 
_pdbx_struct_sheet_hbond.range_1_label_atom_id 
_pdbx_struct_sheet_hbond.range_1_label_comp_id 
_pdbx_struct_sheet_hbond.range_1_label_asym_id 
_pdbx_struct_sheet_hbond.range_1_label_seq_id 
_pdbx_struct_sheet_hbond.range_1_PDB_ins_code 
_pdbx_struct_sheet_hbond.range_1_auth_atom_id 
_pdbx_struct_sheet_hbond.range_1_auth_comp_id 
_pdbx_struct_sheet_hbond.range_1_auth_asym_id 
_pdbx_struct_sheet_hbond.range_1_auth_seq_id 
_pdbx_struct_sheet_hbond.range_2_label_atom_id 
_pdbx_struct_sheet_hbond.range_2_label_comp_id 
_pdbx_struct_sheet_hbond.range_2_label_asym_id 
_pdbx_struct_sheet_hbond.range_2_label_seq_id 
_pdbx_struct_sheet_hbond.range_2_PDB_ins_code 
_pdbx_struct_sheet_hbond.range_2_auth_atom_id 
_pdbx_struct_sheet_hbond.range_2_auth_comp_id 
_pdbx_struct_sheet_hbond.range_2_auth_asym_id 
_pdbx_struct_sheet_hbond.range_2_auth_seq_id 
A 1 2 N VAL A 9   ? N VAL A 9   O PHE A 64  ? O PHE A 64  
A 2 3 N TYR A 65  ? N TYR A 65  O PHE A 73  ? O PHE A 73  
A 3 4 O VAL A 74  ? O VAL A 74  N ILE A 26  ? N ILE A 26  
A 4 5 N ALA A 27  ? N ALA A 27  O VAL A 110 ? O VAL A 110 
A 5 6 N VAL A 113 ? N VAL A 113 O ILE A 140 ? O ILE A 140 
A 6 7 N VAL A 139 ? N VAL A 139 O GLU A 170 ? O GLU A 170 
# 
_struct_site.id                   AC1 
_struct_site.pdbx_evidence_code   Software 
_struct_site.pdbx_auth_asym_id    A 
_struct_site.pdbx_auth_comp_id    GDP 
_struct_site.pdbx_auth_seq_id     401 
_struct_site.pdbx_auth_ins_code   ? 
_struct_site.pdbx_num_residues    17 
_struct_site.details              'BINDING SITE FOR RESIDUE GDP A 401' 
# 
loop_
_struct_site_gen.id 
_struct_site_gen.site_id 
_struct_site_gen.pdbx_num_res 
_struct_site_gen.label_comp_id 
_struct_site_gen.label_asym_id 
_struct_site_gen.label_seq_id 
_struct_site_gen.pdbx_auth_ins_code 
_struct_site_gen.auth_comp_id 
_struct_site_gen.auth_asym_id 
_struct_site_gen.auth_seq_id 
_struct_site_gen.label_atom_id 
_struct_site_gen.label_alt_id 
_struct_site_gen.symmetry 
_struct_site_gen.details 
1  AC1 17 ASN A 33  ? ASN A 33  . ? 1_555 ? 
2  AC1 17 VAL A 34  ? VAL A 34  . ? 1_555 ? 
3  AC1 17 GLY A 35  ? GLY A 35  . ? 1_555 ? 
4  AC1 17 LYS A 36  ? LYS A 36  . ? 1_555 ? 
5  AC1 17 SER A 37  ? SER A 37  . ? 1_555 ? 
6  AC1 17 SER A 38  ? SER A 38  . ? 1_555 ? 
7  AC1 17 THR A 142 ? THR A 142 . ? 1_555 ? 
8  AC1 17 LYS A 143 ? LYS A 143 . ? 1_555 ? 
9  AC1 17 ASP A 145 ? ASP A 145 . ? 1_555 ? 
10 AC1 17 LYS A 146 ? LYS A 146 . ? 1_555 ? 
11 AC1 17 SER A 175 ? SER A 175 . ? 1_555 ? 
12 AC1 17 SER A 176 ? SER A 176 . ? 1_555 ? 
13 AC1 17 HOH C .   ? HOH A 409 . ? 1_555 ? 
14 AC1 17 HOH C .   ? HOH A 412 . ? 1_555 ? 
15 AC1 17 HOH C .   ? HOH A 414 . ? 1_555 ? 
16 AC1 17 HOH C .   ? HOH A 546 . ? 1_555 ? 
17 AC1 17 HOH C .   ? HOH A 565 . ? 1_555 ? 
# 
loop_
_pdbx_validate_close_contact.id 
_pdbx_validate_close_contact.PDB_model_num 
_pdbx_validate_close_contact.auth_atom_id_1 
_pdbx_validate_close_contact.auth_asym_id_1 
_pdbx_validate_close_contact.auth_comp_id_1 
_pdbx_validate_close_contact.auth_seq_id_1 
_pdbx_validate_close_contact.PDB_ins_code_1 
_pdbx_validate_close_contact.label_alt_id_1 
_pdbx_validate_close_contact.auth_atom_id_2 
_pdbx_validate_close_contact.auth_asym_id_2 
_pdbx_validate_close_contact.auth_comp_id_2 
_pdbx_validate_close_contact.auth_seq_id_2 
_pdbx_validate_close_contact.PDB_ins_code_2 
_pdbx_validate_close_contact.label_alt_id_2 
_pdbx_validate_close_contact.dist 
1 1 OE2 A GLU 97  ? ? O A HOH 531 ? ? 1.88 
2 1 O   A HOH 525 ? ? O A HOH 577 ? ? 1.94 
3 1 O   A HOH 572 ? ? O A HOH 575 ? ? 2.08 
4 1 O   A HOH 486 ? ? O A HOH 628 ? ? 2.09 
5 1 O   A HOH 461 ? ? O A HOH 492 ? ? 2.15 
6 1 ND2 A ASN 164 ? ? O A HOH 493 ? ? 2.15 
7 1 O   A HOH 539 ? ? O A HOH 610 ? ? 2.16 
# 
loop_
_pdbx_validate_symm_contact.id 
_pdbx_validate_symm_contact.PDB_model_num 
_pdbx_validate_symm_contact.auth_atom_id_1 
_pdbx_validate_symm_contact.auth_asym_id_1 
_pdbx_validate_symm_contact.auth_comp_id_1 
_pdbx_validate_symm_contact.auth_seq_id_1 
_pdbx_validate_symm_contact.PDB_ins_code_1 
_pdbx_validate_symm_contact.label_alt_id_1 
_pdbx_validate_symm_contact.site_symmetry_1 
_pdbx_validate_symm_contact.auth_atom_id_2 
_pdbx_validate_symm_contact.auth_asym_id_2 
_pdbx_validate_symm_contact.auth_comp_id_2 
_pdbx_validate_symm_contact.auth_seq_id_2 
_pdbx_validate_symm_contact.PDB_ins_code_2 
_pdbx_validate_symm_contact.label_alt_id_2 
_pdbx_validate_symm_contact.site_symmetry_2 
_pdbx_validate_symm_contact.dist 
1 1 O  A HOH 647 ? ? 1_555 O   A HOH 647 ? ? 2_656 1.26 
2 1 O  A HOH 569 ? ? 1_555 O   A HOH 569 ? ? 2_656 1.29 
3 1 O  A HOH 646 ? ? 1_555 O   A HOH 646 ? ? 2_656 1.55 
4 1 O  A HOH 600 ? ? 1_555 O   A HOH 600 ? ? 2_656 1.58 
5 1 O  A HOH 544 ? ? 1_555 O   A HOH 557 ? ? 2_657 2.06 
6 1 NZ A LYS 157 ? ? 1_555 OE1 A GLU 170 ? ? 2_556 2.12 
# 
_pdbx_validate_rmsd_angle.id                         1 
_pdbx_validate_rmsd_angle.PDB_model_num              1 
_pdbx_validate_rmsd_angle.auth_atom_id_1             CB 
_pdbx_validate_rmsd_angle.auth_asym_id_1             A 
_pdbx_validate_rmsd_angle.auth_comp_id_1             ASP 
_pdbx_validate_rmsd_angle.auth_seq_id_1              123 
_pdbx_validate_rmsd_angle.PDB_ins_code_1             ? 
_pdbx_validate_rmsd_angle.label_alt_id_1             ? 
_pdbx_validate_rmsd_angle.auth_atom_id_2             CG 
_pdbx_validate_rmsd_angle.auth_asym_id_2             A 
_pdbx_validate_rmsd_angle.auth_comp_id_2             ASP 
_pdbx_validate_rmsd_angle.auth_seq_id_2              123 
_pdbx_validate_rmsd_angle.PDB_ins_code_2             ? 
_pdbx_validate_rmsd_angle.label_alt_id_2             ? 
_pdbx_validate_rmsd_angle.auth_atom_id_3             OD2 
_pdbx_validate_rmsd_angle.auth_asym_id_3             A 
_pdbx_validate_rmsd_angle.auth_comp_id_3             ASP 
_pdbx_validate_rmsd_angle.auth_seq_id_3              123 
_pdbx_validate_rmsd_angle.PDB_ins_code_3             ? 
_pdbx_validate_rmsd_angle.label_alt_id_3             ? 
_pdbx_validate_rmsd_angle.angle_value                123.81 
_pdbx_validate_rmsd_angle.angle_target_value         118.30 
_pdbx_validate_rmsd_angle.angle_deviation            5.51 
_pdbx_validate_rmsd_angle.angle_standard_deviation   0.90 
_pdbx_validate_rmsd_angle.linker_flag                N 
# 
loop_
_pdbx_validate_torsion.id 
_pdbx_validate_torsion.PDB_model_num 
_pdbx_validate_torsion.auth_comp_id 
_pdbx_validate_torsion.auth_asym_id 
_pdbx_validate_torsion.auth_seq_id 
_pdbx_validate_torsion.PDB_ins_code 
_pdbx_validate_torsion.label_alt_id 
_pdbx_validate_torsion.phi 
_pdbx_validate_torsion.psi 
1 1 ASN A 45 ? ? 60.58 66.36 
2 1 ASN A 68 ? ? 49.64 27.25 
# 
_pdbx_refine_tls.id               1 
_pdbx_refine_tls.details          ? 
_pdbx_refine_tls.method           refined 
_pdbx_refine_tls.origin_x         -0.1165 
_pdbx_refine_tls.origin_y         -0.0630 
_pdbx_refine_tls.origin_z         0.3130 
_pdbx_refine_tls.T[1][1]          0.0399 
_pdbx_refine_tls.T[2][2]          0.0509 
_pdbx_refine_tls.T[3][3]          0.0162 
_pdbx_refine_tls.T[1][2]          -0.0025 
_pdbx_refine_tls.T[1][3]          0.0222 
_pdbx_refine_tls.T[2][3]          -0.0152 
_pdbx_refine_tls.L[1][1]          1.5219 
_pdbx_refine_tls.L[2][2]          2.5053 
_pdbx_refine_tls.L[3][3]          1.3392 
_pdbx_refine_tls.L[1][2]          0.6259 
_pdbx_refine_tls.L[1][3]          -0.0090 
_pdbx_refine_tls.L[2][3]          0.2618 
_pdbx_refine_tls.S[1][1]          -0.1084 
_pdbx_refine_tls.S[1][2]          -0.0326 
_pdbx_refine_tls.S[1][3]          0.0496 
_pdbx_refine_tls.S[2][1]          -0.1940 
_pdbx_refine_tls.S[2][2]          0.1251 
_pdbx_refine_tls.S[2][3]          -0.1457 
_pdbx_refine_tls.S[3][1]          -0.0640 
_pdbx_refine_tls.S[3][2]          0.1069 
_pdbx_refine_tls.S[3][3]          -0.0167 
_pdbx_refine_tls.pdbx_refine_id   'X-RAY DIFFRACTION' 
# 
_pdbx_refine_tls_group.id                  1 
_pdbx_refine_tls_group.refine_tls_id       1 
_pdbx_refine_tls_group.beg_label_asym_id   A 
_pdbx_refine_tls_group.beg_label_seq_id    1 
_pdbx_refine_tls_group.beg_auth_seq_id     1 
_pdbx_refine_tls_group.end_label_asym_id   A 
_pdbx_refine_tls_group.end_label_seq_id    195 
_pdbx_refine_tls_group.end_auth_seq_id     195 
_pdbx_refine_tls_group.selection           ? 
_pdbx_refine_tls_group.beg_auth_asym_id    A 
_pdbx_refine_tls_group.end_auth_asym_id    A 
_pdbx_refine_tls_group.pdbx_refine_id      'X-RAY DIFFRACTION' 
_pdbx_refine_tls_group.selection_details   ? 
# 
loop_
_pdbx_unobs_or_zero_occ_residues.id 
_pdbx_unobs_or_zero_occ_residues.PDB_model_num 
_pdbx_unobs_or_zero_occ_residues.polymer_flag 
_pdbx_unobs_or_zero_occ_residues.occupancy_flag 
_pdbx_unobs_or_zero_occ_residues.auth_asym_id 
_pdbx_unobs_or_zero_occ_residues.auth_comp_id 
_pdbx_unobs_or_zero_occ_residues.auth_seq_id 
_pdbx_unobs_or_zero_occ_residues.PDB_ins_code 
_pdbx_unobs_or_zero_occ_residues.label_asym_id 
_pdbx_unobs_or_zero_occ_residues.label_comp_id 
_pdbx_unobs_or_zero_occ_residues.label_seq_id 
1  1 Y 1 A LYS 47 ? A LYS 47 
2  1 Y 1 A ASN 48 ? A ASN 48 
3  1 Y 1 A LEU 49 ? A LEU 49 
4  1 Y 1 A ALA 50 ? A ALA 50 
5  1 Y 1 A ARG 51 ? A ARG 51 
6  1 Y 1 A THR 52 ? A THR 52 
7  1 Y 1 A SER 53 ? A SER 53 
8  1 Y 1 A SER 54 ? A SER 54 
9  1 Y 1 A LYS 55 ? A LYS 55 
10 1 Y 1 A PRO 56 ? A PRO 56 
11 1 Y 1 A GLY 57 ? A GLY 57 
12 1 Y 1 A LYS 58 ? A LYS 58 
13 1 Y 1 A THR 59 ? A THR 59 
# 
loop_
_chem_comp_atom.comp_id 
_chem_comp_atom.atom_id 
_chem_comp_atom.type_symbol 
_chem_comp_atom.pdbx_aromatic_flag 
_chem_comp_atom.pdbx_stereo_config 
_chem_comp_atom.pdbx_ordinal 
ALA N      N N N 1   
ALA CA     C N S 2   
ALA C      C N N 3   
ALA O      O N N 4   
ALA CB     C N N 5   
ALA OXT    O N N 6   
ALA H      H N N 7   
ALA H2     H N N 8   
ALA HA     H N N 9   
ALA HB1    H N N 10  
ALA HB2    H N N 11  
ALA HB3    H N N 12  
ALA HXT    H N N 13  
ARG N      N N N 14  
ARG CA     C N S 15  
ARG C      C N N 16  
ARG O      O N N 17  
ARG CB     C N N 18  
ARG CG     C N N 19  
ARG CD     C N N 20  
ARG NE     N N N 21  
ARG CZ     C N N 22  
ARG NH1    N N N 23  
ARG NH2    N N N 24  
ARG OXT    O N N 25  
ARG H      H N N 26  
ARG H2     H N N 27  
ARG HA     H N N 28  
ARG HB2    H N N 29  
ARG HB3    H N N 30  
ARG HG2    H N N 31  
ARG HG3    H N N 32  
ARG HD2    H N N 33  
ARG HD3    H N N 34  
ARG HE     H N N 35  
ARG HH11   H N N 36  
ARG HH12   H N N 37  
ARG HH21   H N N 38  
ARG HH22   H N N 39  
ARG HXT    H N N 40  
ASN N      N N N 41  
ASN CA     C N S 42  
ASN C      C N N 43  
ASN O      O N N 44  
ASN CB     C N N 45  
ASN CG     C N N 46  
ASN OD1    O N N 47  
ASN ND2    N N N 48  
ASN OXT    O N N 49  
ASN H      H N N 50  
ASN H2     H N N 51  
ASN HA     H N N 52  
ASN HB2    H N N 53  
ASN HB3    H N N 54  
ASN HD21   H N N 55  
ASN HD22   H N N 56  
ASN HXT    H N N 57  
ASP N      N N N 58  
ASP CA     C N S 59  
ASP C      C N N 60  
ASP O      O N N 61  
ASP CB     C N N 62  
ASP CG     C N N 63  
ASP OD1    O N N 64  
ASP OD2    O N N 65  
ASP OXT    O N N 66  
ASP H      H N N 67  
ASP H2     H N N 68  
ASP HA     H N N 69  
ASP HB2    H N N 70  
ASP HB3    H N N 71  
ASP HD2    H N N 72  
ASP HXT    H N N 73  
GDP PB     P N N 74  
GDP O1B    O N N 75  
GDP O2B    O N N 76  
GDP O3B    O N N 77  
GDP O3A    O N N 78  
GDP PA     P N N 79  
GDP O1A    O N N 80  
GDP O2A    O N N 81  
GDP "O5'"  O N N 82  
GDP "C5'"  C N N 83  
GDP "C4'"  C N R 84  
GDP "O4'"  O N N 85  
GDP "C3'"  C N S 86  
GDP "O3'"  O N N 87  
GDP "C2'"  C N R 88  
GDP "O2'"  O N N 89  
GDP "C1'"  C N R 90  
GDP N9     N Y N 91  
GDP C8     C Y N 92  
GDP N7     N Y N 93  
GDP C5     C Y N 94  
GDP C6     C N N 95  
GDP O6     O N N 96  
GDP N1     N N N 97  
GDP C2     C N N 98  
GDP N2     N N N 99  
GDP N3     N N N 100 
GDP C4     C Y N 101 
GDP HOB2   H N N 102 
GDP HOB3   H N N 103 
GDP HOA2   H N N 104 
GDP "H5'"  H N N 105 
GDP "H5''" H N N 106 
GDP "H4'"  H N N 107 
GDP "H3'"  H N N 108 
GDP "HO3'" H N N 109 
GDP "H2'"  H N N 110 
GDP "HO2'" H N N 111 
GDP "H1'"  H N N 112 
GDP H8     H N N 113 
GDP HN1    H N N 114 
GDP HN21   H N N 115 
GDP HN22   H N N 116 
GLN N      N N N 117 
GLN CA     C N S 118 
GLN C      C N N 119 
GLN O      O N N 120 
GLN CB     C N N 121 
GLN CG     C N N 122 
GLN CD     C N N 123 
GLN OE1    O N N 124 
GLN NE2    N N N 125 
GLN OXT    O N N 126 
GLN H      H N N 127 
GLN H2     H N N 128 
GLN HA     H N N 129 
GLN HB2    H N N 130 
GLN HB3    H N N 131 
GLN HG2    H N N 132 
GLN HG3    H N N 133 
GLN HE21   H N N 134 
GLN HE22   H N N 135 
GLN HXT    H N N 136 
GLU N      N N N 137 
GLU CA     C N S 138 
GLU C      C N N 139 
GLU O      O N N 140 
GLU CB     C N N 141 
GLU CG     C N N 142 
GLU CD     C N N 143 
GLU OE1    O N N 144 
GLU OE2    O N N 145 
GLU OXT    O N N 146 
GLU H      H N N 147 
GLU H2     H N N 148 
GLU HA     H N N 149 
GLU HB2    H N N 150 
GLU HB3    H N N 151 
GLU HG2    H N N 152 
GLU HG3    H N N 153 
GLU HE2    H N N 154 
GLU HXT    H N N 155 
GLY N      N N N 156 
GLY CA     C N N 157 
GLY C      C N N 158 
GLY O      O N N 159 
GLY OXT    O N N 160 
GLY H      H N N 161 
GLY H2     H N N 162 
GLY HA2    H N N 163 
GLY HA3    H N N 164 
GLY HXT    H N N 165 
HIS N      N N N 166 
HIS CA     C N S 167 
HIS C      C N N 168 
HIS O      O N N 169 
HIS CB     C N N 170 
HIS CG     C Y N 171 
HIS ND1    N Y N 172 
HIS CD2    C Y N 173 
HIS CE1    C Y N 174 
HIS NE2    N Y N 175 
HIS OXT    O N N 176 
HIS H      H N N 177 
HIS H2     H N N 178 
HIS HA     H N N 179 
HIS HB2    H N N 180 
HIS HB3    H N N 181 
HIS HD1    H N N 182 
HIS HD2    H N N 183 
HIS HE1    H N N 184 
HIS HE2    H N N 185 
HIS HXT    H N N 186 
HOH O      O N N 187 
HOH H1     H N N 188 
HOH H2     H N N 189 
ILE N      N N N 190 
ILE CA     C N S 191 
ILE C      C N N 192 
ILE O      O N N 193 
ILE CB     C N S 194 
ILE CG1    C N N 195 
ILE CG2    C N N 196 
ILE CD1    C N N 197 
ILE OXT    O N N 198 
ILE H      H N N 199 
ILE H2     H N N 200 
ILE HA     H N N 201 
ILE HB     H N N 202 
ILE HG12   H N N 203 
ILE HG13   H N N 204 
ILE HG21   H N N 205 
ILE HG22   H N N 206 
ILE HG23   H N N 207 
ILE HD11   H N N 208 
ILE HD12   H N N 209 
ILE HD13   H N N 210 
ILE HXT    H N N 211 
LEU N      N N N 212 
LEU CA     C N S 213 
LEU C      C N N 214 
LEU O      O N N 215 
LEU CB     C N N 216 
LEU CG     C N N 217 
LEU CD1    C N N 218 
LEU CD2    C N N 219 
LEU OXT    O N N 220 
LEU H      H N N 221 
LEU H2     H N N 222 
LEU HA     H N N 223 
LEU HB2    H N N 224 
LEU HB3    H N N 225 
LEU HG     H N N 226 
LEU HD11   H N N 227 
LEU HD12   H N N 228 
LEU HD13   H N N 229 
LEU HD21   H N N 230 
LEU HD22   H N N 231 
LEU HD23   H N N 232 
LEU HXT    H N N 233 
LYS N      N N N 234 
LYS CA     C N S 235 
LYS C      C N N 236 
LYS O      O N N 237 
LYS CB     C N N 238 
LYS CG     C N N 239 
LYS CD     C N N 240 
LYS CE     C N N 241 
LYS NZ     N N N 242 
LYS OXT    O N N 243 
LYS H      H N N 244 
LYS H2     H N N 245 
LYS HA     H N N 246 
LYS HB2    H N N 247 
LYS HB3    H N N 248 
LYS HG2    H N N 249 
LYS HG3    H N N 250 
LYS HD2    H N N 251 
LYS HD3    H N N 252 
LYS HE2    H N N 253 
LYS HE3    H N N 254 
LYS HZ1    H N N 255 
LYS HZ2    H N N 256 
LYS HZ3    H N N 257 
LYS HXT    H N N 258 
MET N      N N N 259 
MET CA     C N S 260 
MET C      C N N 261 
MET O      O N N 262 
MET CB     C N N 263 
MET CG     C N N 264 
MET SD     S N N 265 
MET CE     C N N 266 
MET OXT    O N N 267 
MET H      H N N 268 
MET H2     H N N 269 
MET HA     H N N 270 
MET HB2    H N N 271 
MET HB3    H N N 272 
MET HG2    H N N 273 
MET HG3    H N N 274 
MET HE1    H N N 275 
MET HE2    H N N 276 
MET HE3    H N N 277 
MET HXT    H N N 278 
PHE N      N N N 279 
PHE CA     C N S 280 
PHE C      C N N 281 
PHE O      O N N 282 
PHE CB     C N N 283 
PHE CG     C Y N 284 
PHE CD1    C Y N 285 
PHE CD2    C Y N 286 
PHE CE1    C Y N 287 
PHE CE2    C Y N 288 
PHE CZ     C Y N 289 
PHE OXT    O N N 290 
PHE H      H N N 291 
PHE H2     H N N 292 
PHE HA     H N N 293 
PHE HB2    H N N 294 
PHE HB3    H N N 295 
PHE HD1    H N N 296 
PHE HD2    H N N 297 
PHE HE1    H N N 298 
PHE HE2    H N N 299 
PHE HZ     H N N 300 
PHE HXT    H N N 301 
PRO N      N N N 302 
PRO CA     C N S 303 
PRO C      C N N 304 
PRO O      O N N 305 
PRO CB     C N N 306 
PRO CG     C N N 307 
PRO CD     C N N 308 
PRO OXT    O N N 309 
PRO H      H N N 310 
PRO HA     H N N 311 
PRO HB2    H N N 312 
PRO HB3    H N N 313 
PRO HG2    H N N 314 
PRO HG3    H N N 315 
PRO HD2    H N N 316 
PRO HD3    H N N 317 
PRO HXT    H N N 318 
SER N      N N N 319 
SER CA     C N S 320 
SER C      C N N 321 
SER O      O N N 322 
SER CB     C N N 323 
SER OG     O N N 324 
SER OXT    O N N 325 
SER H      H N N 326 
SER H2     H N N 327 
SER HA     H N N 328 
SER HB2    H N N 329 
SER HB3    H N N 330 
SER HG     H N N 331 
SER HXT    H N N 332 
THR N      N N N 333 
THR CA     C N S 334 
THR C      C N N 335 
THR O      O N N 336 
THR CB     C N R 337 
THR OG1    O N N 338 
THR CG2    C N N 339 
THR OXT    O N N 340 
THR H      H N N 341 
THR H2     H N N 342 
THR HA     H N N 343 
THR HB     H N N 344 
THR HG1    H N N 345 
THR HG21   H N N 346 
THR HG22   H N N 347 
THR HG23   H N N 348 
THR HXT    H N N 349 
TRP N      N N N 350 
TRP CA     C N S 351 
TRP C      C N N 352 
TRP O      O N N 353 
TRP CB     C N N 354 
TRP CG     C Y N 355 
TRP CD1    C Y N 356 
TRP CD2    C Y N 357 
TRP NE1    N Y N 358 
TRP CE2    C Y N 359 
TRP CE3    C Y N 360 
TRP CZ2    C Y N 361 
TRP CZ3    C Y N 362 
TRP CH2    C Y N 363 
TRP OXT    O N N 364 
TRP H      H N N 365 
TRP H2     H N N 366 
TRP HA     H N N 367 
TRP HB2    H N N 368 
TRP HB3    H N N 369 
TRP HD1    H N N 370 
TRP HE1    H N N 371 
TRP HE3    H N N 372 
TRP HZ2    H N N 373 
TRP HZ3    H N N 374 
TRP HH2    H N N 375 
TRP HXT    H N N 376 
TYR N      N N N 377 
TYR CA     C N S 378 
TYR C      C N N 379 
TYR O      O N N 380 
TYR CB     C N N 381 
TYR CG     C Y N 382 
TYR CD1    C Y N 383 
TYR CD2    C Y N 384 
TYR CE1    C Y N 385 
TYR CE2    C Y N 386 
TYR CZ     C Y N 387 
TYR OH     O N N 388 
TYR OXT    O N N 389 
TYR H      H N N 390 
TYR H2     H N N 391 
TYR HA     H N N 392 
TYR HB2    H N N 393 
TYR HB3    H N N 394 
TYR HD1    H N N 395 
TYR HD2    H N N 396 
TYR HE1    H N N 397 
TYR HE2    H N N 398 
TYR HH     H N N 399 
TYR HXT    H N N 400 
VAL N      N N N 401 
VAL CA     C N S 402 
VAL C      C N N 403 
VAL O      O N N 404 
VAL CB     C N N 405 
VAL CG1    C N N 406 
VAL CG2    C N N 407 
VAL OXT    O N N 408 
VAL H      H N N 409 
VAL H2     H N N 410 
VAL HA     H N N 411 
VAL HB     H N N 412 
VAL HG11   H N N 413 
VAL HG12   H N N 414 
VAL HG13   H N N 415 
VAL HG21   H N N 416 
VAL HG22   H N N 417 
VAL HG23   H N N 418 
VAL HXT    H N N 419 
# 
loop_
_chem_comp_bond.comp_id 
_chem_comp_bond.atom_id_1 
_chem_comp_bond.atom_id_2 
_chem_comp_bond.value_order 
_chem_comp_bond.pdbx_aromatic_flag 
_chem_comp_bond.pdbx_stereo_config 
_chem_comp_bond.pdbx_ordinal 
ALA N     CA     sing N N 1   
ALA N     H      sing N N 2   
ALA N     H2     sing N N 3   
ALA CA    C      sing N N 4   
ALA CA    CB     sing N N 5   
ALA CA    HA     sing N N 6   
ALA C     O      doub N N 7   
ALA C     OXT    sing N N 8   
ALA CB    HB1    sing N N 9   
ALA CB    HB2    sing N N 10  
ALA CB    HB3    sing N N 11  
ALA OXT   HXT    sing N N 12  
ARG N     CA     sing N N 13  
ARG N     H      sing N N 14  
ARG N     H2     sing N N 15  
ARG CA    C      sing N N 16  
ARG CA    CB     sing N N 17  
ARG CA    HA     sing N N 18  
ARG C     O      doub N N 19  
ARG C     OXT    sing N N 20  
ARG CB    CG     sing N N 21  
ARG CB    HB2    sing N N 22  
ARG CB    HB3    sing N N 23  
ARG CG    CD     sing N N 24  
ARG CG    HG2    sing N N 25  
ARG CG    HG3    sing N N 26  
ARG CD    NE     sing N N 27  
ARG CD    HD2    sing N N 28  
ARG CD    HD3    sing N N 29  
ARG NE    CZ     sing N N 30  
ARG NE    HE     sing N N 31  
ARG CZ    NH1    sing N N 32  
ARG CZ    NH2    doub N N 33  
ARG NH1   HH11   sing N N 34  
ARG NH1   HH12   sing N N 35  
ARG NH2   HH21   sing N N 36  
ARG NH2   HH22   sing N N 37  
ARG OXT   HXT    sing N N 38  
ASN N     CA     sing N N 39  
ASN N     H      sing N N 40  
ASN N     H2     sing N N 41  
ASN CA    C      sing N N 42  
ASN CA    CB     sing N N 43  
ASN CA    HA     sing N N 44  
ASN C     O      doub N N 45  
ASN C     OXT    sing N N 46  
ASN CB    CG     sing N N 47  
ASN CB    HB2    sing N N 48  
ASN CB    HB3    sing N N 49  
ASN CG    OD1    doub N N 50  
ASN CG    ND2    sing N N 51  
ASN ND2   HD21   sing N N 52  
ASN ND2   HD22   sing N N 53  
ASN OXT   HXT    sing N N 54  
ASP N     CA     sing N N 55  
ASP N     H      sing N N 56  
ASP N     H2     sing N N 57  
ASP CA    C      sing N N 58  
ASP CA    CB     sing N N 59  
ASP CA    HA     sing N N 60  
ASP C     O      doub N N 61  
ASP C     OXT    sing N N 62  
ASP CB    CG     sing N N 63  
ASP CB    HB2    sing N N 64  
ASP CB    HB3    sing N N 65  
ASP CG    OD1    doub N N 66  
ASP CG    OD2    sing N N 67  
ASP OD2   HD2    sing N N 68  
ASP OXT   HXT    sing N N 69  
GDP PB    O1B    doub N N 70  
GDP PB    O2B    sing N N 71  
GDP PB    O3B    sing N N 72  
GDP PB    O3A    sing N N 73  
GDP O2B   HOB2   sing N N 74  
GDP O3B   HOB3   sing N N 75  
GDP O3A   PA     sing N N 76  
GDP PA    O1A    doub N N 77  
GDP PA    O2A    sing N N 78  
GDP PA    "O5'"  sing N N 79  
GDP O2A   HOA2   sing N N 80  
GDP "O5'" "C5'"  sing N N 81  
GDP "C5'" "C4'"  sing N N 82  
GDP "C5'" "H5'"  sing N N 83  
GDP "C5'" "H5''" sing N N 84  
GDP "C4'" "O4'"  sing N N 85  
GDP "C4'" "C3'"  sing N N 86  
GDP "C4'" "H4'"  sing N N 87  
GDP "O4'" "C1'"  sing N N 88  
GDP "C3'" "O3'"  sing N N 89  
GDP "C3'" "C2'"  sing N N 90  
GDP "C3'" "H3'"  sing N N 91  
GDP "O3'" "HO3'" sing N N 92  
GDP "C2'" "O2'"  sing N N 93  
GDP "C2'" "C1'"  sing N N 94  
GDP "C2'" "H2'"  sing N N 95  
GDP "O2'" "HO2'" sing N N 96  
GDP "C1'" N9     sing N N 97  
GDP "C1'" "H1'"  sing N N 98  
GDP N9    C8     sing Y N 99  
GDP N9    C4     sing Y N 100 
GDP C8    N7     doub Y N 101 
GDP C8    H8     sing N N 102 
GDP N7    C5     sing Y N 103 
GDP C5    C6     sing N N 104 
GDP C5    C4     doub Y N 105 
GDP C6    O6     doub N N 106 
GDP C6    N1     sing N N 107 
GDP N1    C2     sing N N 108 
GDP N1    HN1    sing N N 109 
GDP C2    N2     sing N N 110 
GDP C2    N3     doub N N 111 
GDP N2    HN21   sing N N 112 
GDP N2    HN22   sing N N 113 
GDP N3    C4     sing N N 114 
GLN N     CA     sing N N 115 
GLN N     H      sing N N 116 
GLN N     H2     sing N N 117 
GLN CA    C      sing N N 118 
GLN CA    CB     sing N N 119 
GLN CA    HA     sing N N 120 
GLN C     O      doub N N 121 
GLN C     OXT    sing N N 122 
GLN CB    CG     sing N N 123 
GLN CB    HB2    sing N N 124 
GLN CB    HB3    sing N N 125 
GLN CG    CD     sing N N 126 
GLN CG    HG2    sing N N 127 
GLN CG    HG3    sing N N 128 
GLN CD    OE1    doub N N 129 
GLN CD    NE2    sing N N 130 
GLN NE2   HE21   sing N N 131 
GLN NE2   HE22   sing N N 132 
GLN OXT   HXT    sing N N 133 
GLU N     CA     sing N N 134 
GLU N     H      sing N N 135 
GLU N     H2     sing N N 136 
GLU CA    C      sing N N 137 
GLU CA    CB     sing N N 138 
GLU CA    HA     sing N N 139 
GLU C     O      doub N N 140 
GLU C     OXT    sing N N 141 
GLU CB    CG     sing N N 142 
GLU CB    HB2    sing N N 143 
GLU CB    HB3    sing N N 144 
GLU CG    CD     sing N N 145 
GLU CG    HG2    sing N N 146 
GLU CG    HG3    sing N N 147 
GLU CD    OE1    doub N N 148 
GLU CD    OE2    sing N N 149 
GLU OE2   HE2    sing N N 150 
GLU OXT   HXT    sing N N 151 
GLY N     CA     sing N N 152 
GLY N     H      sing N N 153 
GLY N     H2     sing N N 154 
GLY CA    C      sing N N 155 
GLY CA    HA2    sing N N 156 
GLY CA    HA3    sing N N 157 
GLY C     O      doub N N 158 
GLY C     OXT    sing N N 159 
GLY OXT   HXT    sing N N 160 
HIS N     CA     sing N N 161 
HIS N     H      sing N N 162 
HIS N     H2     sing N N 163 
HIS CA    C      sing N N 164 
HIS CA    CB     sing N N 165 
HIS CA    HA     sing N N 166 
HIS C     O      doub N N 167 
HIS C     OXT    sing N N 168 
HIS CB    CG     sing N N 169 
HIS CB    HB2    sing N N 170 
HIS CB    HB3    sing N N 171 
HIS CG    ND1    sing Y N 172 
HIS CG    CD2    doub Y N 173 
HIS ND1   CE1    doub Y N 174 
HIS ND1   HD1    sing N N 175 
HIS CD2   NE2    sing Y N 176 
HIS CD2   HD2    sing N N 177 
HIS CE1   NE2    sing Y N 178 
HIS CE1   HE1    sing N N 179 
HIS NE2   HE2    sing N N 180 
HIS OXT   HXT    sing N N 181 
HOH O     H1     sing N N 182 
HOH O     H2     sing N N 183 
ILE N     CA     sing N N 184 
ILE N     H      sing N N 185 
ILE N     H2     sing N N 186 
ILE CA    C      sing N N 187 
ILE CA    CB     sing N N 188 
ILE CA    HA     sing N N 189 
ILE C     O      doub N N 190 
ILE C     OXT    sing N N 191 
ILE CB    CG1    sing N N 192 
ILE CB    CG2    sing N N 193 
ILE CB    HB     sing N N 194 
ILE CG1   CD1    sing N N 195 
ILE CG1   HG12   sing N N 196 
ILE CG1   HG13   sing N N 197 
ILE CG2   HG21   sing N N 198 
ILE CG2   HG22   sing N N 199 
ILE CG2   HG23   sing N N 200 
ILE CD1   HD11   sing N N 201 
ILE CD1   HD12   sing N N 202 
ILE CD1   HD13   sing N N 203 
ILE OXT   HXT    sing N N 204 
LEU N     CA     sing N N 205 
LEU N     H      sing N N 206 
LEU N     H2     sing N N 207 
LEU CA    C      sing N N 208 
LEU CA    CB     sing N N 209 
LEU CA    HA     sing N N 210 
LEU C     O      doub N N 211 
LEU C     OXT    sing N N 212 
LEU CB    CG     sing N N 213 
LEU CB    HB2    sing N N 214 
LEU CB    HB3    sing N N 215 
LEU CG    CD1    sing N N 216 
LEU CG    CD2    sing N N 217 
LEU CG    HG     sing N N 218 
LEU CD1   HD11   sing N N 219 
LEU CD1   HD12   sing N N 220 
LEU CD1   HD13   sing N N 221 
LEU CD2   HD21   sing N N 222 
LEU CD2   HD22   sing N N 223 
LEU CD2   HD23   sing N N 224 
LEU OXT   HXT    sing N N 225 
LYS N     CA     sing N N 226 
LYS N     H      sing N N 227 
LYS N     H2     sing N N 228 
LYS CA    C      sing N N 229 
LYS CA    CB     sing N N 230 
LYS CA    HA     sing N N 231 
LYS C     O      doub N N 232 
LYS C     OXT    sing N N 233 
LYS CB    CG     sing N N 234 
LYS CB    HB2    sing N N 235 
LYS CB    HB3    sing N N 236 
LYS CG    CD     sing N N 237 
LYS CG    HG2    sing N N 238 
LYS CG    HG3    sing N N 239 
LYS CD    CE     sing N N 240 
LYS CD    HD2    sing N N 241 
LYS CD    HD3    sing N N 242 
LYS CE    NZ     sing N N 243 
LYS CE    HE2    sing N N 244 
LYS CE    HE3    sing N N 245 
LYS NZ    HZ1    sing N N 246 
LYS NZ    HZ2    sing N N 247 
LYS NZ    HZ3    sing N N 248 
LYS OXT   HXT    sing N N 249 
MET N     CA     sing N N 250 
MET N     H      sing N N 251 
MET N     H2     sing N N 252 
MET CA    C      sing N N 253 
MET CA    CB     sing N N 254 
MET CA    HA     sing N N 255 
MET C     O      doub N N 256 
MET C     OXT    sing N N 257 
MET CB    CG     sing N N 258 
MET CB    HB2    sing N N 259 
MET CB    HB3    sing N N 260 
MET CG    SD     sing N N 261 
MET CG    HG2    sing N N 262 
MET CG    HG3    sing N N 263 
MET SD    CE     sing N N 264 
MET CE    HE1    sing N N 265 
MET CE    HE2    sing N N 266 
MET CE    HE3    sing N N 267 
MET OXT   HXT    sing N N 268 
PHE N     CA     sing N N 269 
PHE N     H      sing N N 270 
PHE N     H2     sing N N 271 
PHE CA    C      sing N N 272 
PHE CA    CB     sing N N 273 
PHE CA    HA     sing N N 274 
PHE C     O      doub N N 275 
PHE C     OXT    sing N N 276 
PHE CB    CG     sing N N 277 
PHE CB    HB2    sing N N 278 
PHE CB    HB3    sing N N 279 
PHE CG    CD1    doub Y N 280 
PHE CG    CD2    sing Y N 281 
PHE CD1   CE1    sing Y N 282 
PHE CD1   HD1    sing N N 283 
PHE CD2   CE2    doub Y N 284 
PHE CD2   HD2    sing N N 285 
PHE CE1   CZ     doub Y N 286 
PHE CE1   HE1    sing N N 287 
PHE CE2   CZ     sing Y N 288 
PHE CE2   HE2    sing N N 289 
PHE CZ    HZ     sing N N 290 
PHE OXT   HXT    sing N N 291 
PRO N     CA     sing N N 292 
PRO N     CD     sing N N 293 
PRO N     H      sing N N 294 
PRO CA    C      sing N N 295 
PRO CA    CB     sing N N 296 
PRO CA    HA     sing N N 297 
PRO C     O      doub N N 298 
PRO C     OXT    sing N N 299 
PRO CB    CG     sing N N 300 
PRO CB    HB2    sing N N 301 
PRO CB    HB3    sing N N 302 
PRO CG    CD     sing N N 303 
PRO CG    HG2    sing N N 304 
PRO CG    HG3    sing N N 305 
PRO CD    HD2    sing N N 306 
PRO CD    HD3    sing N N 307 
PRO OXT   HXT    sing N N 308 
SER N     CA     sing N N 309 
SER N     H      sing N N 310 
SER N     H2     sing N N 311 
SER CA    C      sing N N 312 
SER CA    CB     sing N N 313 
SER CA    HA     sing N N 314 
SER C     O      doub N N 315 
SER C     OXT    sing N N 316 
SER CB    OG     sing N N 317 
SER CB    HB2    sing N N 318 
SER CB    HB3    sing N N 319 
SER OG    HG     sing N N 320 
SER OXT   HXT    sing N N 321 
THR N     CA     sing N N 322 
THR N     H      sing N N 323 
THR N     H2     sing N N 324 
THR CA    C      sing N N 325 
THR CA    CB     sing N N 326 
THR CA    HA     sing N N 327 
THR C     O      doub N N 328 
THR C     OXT    sing N N 329 
THR CB    OG1    sing N N 330 
THR CB    CG2    sing N N 331 
THR CB    HB     sing N N 332 
THR OG1   HG1    sing N N 333 
THR CG2   HG21   sing N N 334 
THR CG2   HG22   sing N N 335 
THR CG2   HG23   sing N N 336 
THR OXT   HXT    sing N N 337 
TRP N     CA     sing N N 338 
TRP N     H      sing N N 339 
TRP N     H2     sing N N 340 
TRP CA    C      sing N N 341 
TRP CA    CB     sing N N 342 
TRP CA    HA     sing N N 343 
TRP C     O      doub N N 344 
TRP C     OXT    sing N N 345 
TRP CB    CG     sing N N 346 
TRP CB    HB2    sing N N 347 
TRP CB    HB3    sing N N 348 
TRP CG    CD1    doub Y N 349 
TRP CG    CD2    sing Y N 350 
TRP CD1   NE1    sing Y N 351 
TRP CD1   HD1    sing N N 352 
TRP CD2   CE2    doub Y N 353 
TRP CD2   CE3    sing Y N 354 
TRP NE1   CE2    sing Y N 355 
TRP NE1   HE1    sing N N 356 
TRP CE2   CZ2    sing Y N 357 
TRP CE3   CZ3    doub Y N 358 
TRP CE3   HE3    sing N N 359 
TRP CZ2   CH2    doub Y N 360 
TRP CZ2   HZ2    sing N N 361 
TRP CZ3   CH2    sing Y N 362 
TRP CZ3   HZ3    sing N N 363 
TRP CH2   HH2    sing N N 364 
TRP OXT   HXT    sing N N 365 
TYR N     CA     sing N N 366 
TYR N     H      sing N N 367 
TYR N     H2     sing N N 368 
TYR CA    C      sing N N 369 
TYR CA    CB     sing N N 370 
TYR CA    HA     sing N N 371 
TYR C     O      doub N N 372 
TYR C     OXT    sing N N 373 
TYR CB    CG     sing N N 374 
TYR CB    HB2    sing N N 375 
TYR CB    HB3    sing N N 376 
TYR CG    CD1    doub Y N 377 
TYR CG    CD2    sing Y N 378 
TYR CD1   CE1    sing Y N 379 
TYR CD1   HD1    sing N N 380 
TYR CD2   CE2    doub Y N 381 
TYR CD2   HD2    sing N N 382 
TYR CE1   CZ     doub Y N 383 
TYR CE1   HE1    sing N N 384 
TYR CE2   CZ     sing Y N 385 
TYR CE2   HE2    sing N N 386 
TYR CZ    OH     sing N N 387 
TYR OH    HH     sing N N 388 
TYR OXT   HXT    sing N N 389 
VAL N     CA     sing N N 390 
VAL N     H      sing N N 391 
VAL N     H2     sing N N 392 
VAL CA    C      sing N N 393 
VAL CA    CB     sing N N 394 
VAL CA    HA     sing N N 395 
VAL C     O      doub N N 396 
VAL C     OXT    sing N N 397 
VAL CB    CG1    sing N N 398 
VAL CB    CG2    sing N N 399 
VAL CB    HB     sing N N 400 
VAL CG1   HG11   sing N N 401 
VAL CG1   HG12   sing N N 402 
VAL CG1   HG13   sing N N 403 
VAL CG2   HG21   sing N N 404 
VAL CG2   HG22   sing N N 405 
VAL CG2   HG23   sing N N 406 
VAL OXT   HXT    sing N N 407 
# 
_atom_sites.entry_id                    1SVI 
_atom_sites.fract_transf_matrix[1][1]   -0.00018760 
_atom_sites.fract_transf_matrix[1][2]   -0.00385588 
_atom_sites.fract_transf_matrix[1][3]   0.02136327 
_atom_sites.fract_transf_matrix[2][1]   0.01160411 
_atom_sites.fract_transf_matrix[2][2]   -0.00880137 
_atom_sites.fract_transf_matrix[2][3]   -0.00148667 
_atom_sites.fract_transf_matrix[3][1]   0.00982339 
_atom_sites.fract_transf_matrix[3][2]   0.01236394 
_atom_sites.fract_transf_matrix[3][3]   0.00347894 
_atom_sites.fract_transf_vector[1]      0.287056 
_atom_sites.fract_transf_vector[2]      0.510303 
_atom_sites.fract_transf_vector[3]      0.722595 
# 
loop_
_atom_type.symbol 
C 
N 
O 
P 
S 
# 
loop_
_atom_site.group_PDB 
_atom_site.id 
_atom_site.type_symbol 
_atom_site.label_atom_id 
_atom_site.label_alt_id 
_atom_site.label_comp_id 
_atom_site.label_asym_id 
_atom_site.label_entity_id 
_atom_site.label_seq_id 
_atom_site.pdbx_PDB_ins_code 
_atom_site.Cartn_x 
_atom_site.Cartn_y 
_atom_site.Cartn_z 
_atom_site.occupancy 
_atom_site.B_iso_or_equiv 
_atom_site.pdbx_formal_charge 
_atom_site.auth_seq_id 
_atom_site.auth_comp_id 
_atom_site.auth_asym_id 
_atom_site.auth_atom_id 
_atom_site.pdbx_PDB_model_num 
ATOM   1    N N     . MET A 1 1   ? 12.650  4.423   -9.439  1.00 30.93 ? 1   MET A N     1 
ATOM   2    C CA    . MET A 1 1   ? 13.252  5.650   -8.852  1.00 30.79 ? 1   MET A CA    1 
ATOM   3    C C     . MET A 1 1   ? 14.529  5.326   -8.097  1.00 30.62 ? 1   MET A C     1 
ATOM   4    O O     . MET A 1 1   ? 14.543  4.457   -7.234  1.00 30.80 ? 1   MET A O     1 
ATOM   5    C CB    . MET A 1 1   ? 12.259  6.335   -7.907  1.00 30.96 ? 1   MET A CB    1 
ATOM   6    C CG    . MET A 1 1   ? 12.795  7.593   -7.233  1.00 31.44 ? 1   MET A CG    1 
ATOM   7    S SD    . MET A 1 1   ? 11.495  8.575   -6.429  1.00 33.47 ? 1   MET A SD    1 
ATOM   8    C CE    . MET A 1 1   ? 10.421  8.876   -7.815  1.00 34.21 ? 1   MET A CE    1 
ATOM   9    N N     . LYS A 1 2   ? 15.606  6.011   -8.443  1.00 30.42 ? 2   LYS A N     1 
ATOM   10   C CA    . LYS A 1 2   ? 16.845  5.871   -7.707  1.00 30.29 ? 2   LYS A CA    1 
ATOM   11   C C     . LYS A 1 2   ? 16.686  6.657   -6.418  1.00 29.58 ? 2   LYS A C     1 
ATOM   12   O O     . LYS A 1 2   ? 16.723  7.882   -6.430  1.00 29.43 ? 2   LYS A O     1 
ATOM   13   C CB    . LYS A 1 2   ? 18.033  6.406   -8.514  1.00 30.71 ? 2   LYS A CB    1 
ATOM   14   C CG    . LYS A 1 2   ? 17.714  7.470   -9.590  1.00 32.52 ? 2   LYS A CG    1 
ATOM   15   C CD    . LYS A 1 2   ? 17.056  8.752   -9.047  1.00 34.59 ? 2   LYS A CD    1 
ATOM   16   C CE    . LYS A 1 2   ? 15.543  8.750   -9.297  1.00 35.02 ? 2   LYS A CE    1 
ATOM   17   N NZ    . LYS A 1 2   ? 14.844  9.961   -8.770  1.00 35.42 ? 2   LYS A NZ    1 
ATOM   18   N N     . VAL A 1 3   ? 16.489  5.958   -5.308  1.00 28.97 ? 3   VAL A N     1 
ATOM   19   C CA    . VAL A 1 3   ? 16.283  6.632   -4.025  1.00 28.33 ? 3   VAL A CA    1 
ATOM   20   C C     . VAL A 1 3   ? 17.600  6.952   -3.309  1.00 27.93 ? 3   VAL A C     1 
ATOM   21   O O     . VAL A 1 3   ? 18.385  6.051   -3.012  1.00 27.99 ? 3   VAL A O     1 
ATOM   22   C CB    . VAL A 1 3   ? 15.372  5.808   -3.088  1.00 28.06 ? 3   VAL A CB    1 
ATOM   23   C CG1   . VAL A 1 3   ? 15.315  6.442   -1.712  1.00 27.79 ? 3   VAL A CG1   1 
ATOM   24   C CG2   . VAL A 1 3   ? 13.977  5.673   -3.681  1.00 27.63 ? 3   VAL A CG2   1 
ATOM   25   N N     . THR A 1 4   ? 17.836  8.237   -3.043  1.00 27.42 ? 4   THR A N     1 
ATOM   26   C CA    . THR A 1 4   ? 19.043  8.676   -2.338  1.00 26.77 ? 4   THR A CA    1 
ATOM   27   C C     . THR A 1 4   ? 18.705  9.257   -0.969  1.00 26.24 ? 4   THR A C     1 
ATOM   28   O O     . THR A 1 4   ? 19.595  9.537   -0.165  1.00 26.03 ? 4   THR A O     1 
ATOM   29   C CB    . THR A 1 4   ? 19.835  9.713   -3.160  1.00 26.88 ? 4   THR A CB    1 
ATOM   30   O OG1   . THR A 1 4   ? 18.982  10.805  -3.528  1.00 26.69 ? 4   THR A OG1   1 
ATOM   31   C CG2   . THR A 1 4   ? 20.271  9.125   -4.500  1.00 27.31 ? 4   THR A CG2   1 
ATOM   32   N N     . LYS A 1 5   ? 17.413  9.442   -0.714  1.00 25.31 ? 5   LYS A N     1 
ATOM   33   C CA    . LYS A 1 5   ? 16.954  9.988   0.554   1.00 24.39 ? 5   LYS A CA    1 
ATOM   34   C C     . LYS A 1 5   ? 15.586  9.408   0.895   1.00 23.67 ? 5   LYS A C     1 
ATOM   35   O O     . LYS A 1 5   ? 14.694  9.360   0.050   1.00 22.88 ? 5   LYS A O     1 
ATOM   36   C CB    . LYS A 1 5   ? 16.874  11.515  0.479   1.00 24.39 ? 5   LYS A CB    1 
ATOM   37   C CG    . LYS A 1 5   ? 16.520  12.211  1.794   1.00 24.89 ? 5   LYS A CG    1 
ATOM   38   C CD    . LYS A 1 5   ? 16.396  13.717  1.599   1.00 24.92 ? 5   LYS A CD    1 
ATOM   39   C CE    . LYS A 1 5   ? 16.462  14.485  2.917   1.00 26.16 ? 5   LYS A CE    1 
ATOM   40   N NZ    . LYS A 1 5   ? 15.211  14.352  3.718   1.00 26.71 ? 5   LYS A NZ    1 
ATOM   41   N N     . SER A 1 6   ? 15.441  8.970   2.139   1.00 23.14 ? 6   SER A N     1 
ATOM   42   C CA    . SER A 1 6   ? 14.193  8.426   2.642   1.00 23.20 ? 6   SER A CA    1 
ATOM   43   C C     . SER A 1 6   ? 14.274  8.463   4.151   1.00 22.77 ? 6   SER A C     1 
ATOM   44   O O     . SER A 1 6   ? 15.210  7.925   4.730   1.00 23.25 ? 6   SER A O     1 
ATOM   45   C CB    . SER A 1 6   ? 14.020  6.978   2.190   1.00 23.21 ? 6   SER A CB    1 
ATOM   46   O OG    . SER A 1 6   ? 15.166  6.216   2.548   1.00 24.66 ? 6   SER A OG    1 
ATOM   47   N N     . GLU A 1 7   ? 13.302  9.097   4.787   1.00 21.98 ? 7   GLU A N     1 
ATOM   48   C CA    . GLU A 1 7   ? 13.297  9.203   6.240   1.00 21.70 ? 7   GLU A CA    1 
ATOM   49   C C     . GLU A 1 7   ? 11.916  9.607   6.727   1.00 20.85 ? 7   GLU A C     1 
ATOM   50   O O     . GLU A 1 7   ? 11.196  10.344  6.046   1.00 20.45 ? 7   GLU A O     1 
ATOM   51   C CB    . GLU A 1 7   ? 14.334  10.229  6.715   1.00 21.95 ? 7   GLU A CB    1 
ATOM   52   C CG    . GLU A 1 7   ? 14.019  11.663  6.319   1.00 23.34 ? 7   GLU A CG    1 
ATOM   53   C CD    . GLU A 1 7   ? 15.113  12.648  6.698   1.00 26.03 ? 7   GLU A CD    1 
ATOM   54   O OE1   . GLU A 1 7   ? 16.267  12.477  6.259   1.00 27.16 ? 7   GLU A OE1   1 
ATOM   55   O OE2   . GLU A 1 7   ? 14.818  13.613  7.430   1.00 28.93 ? 7   GLU A OE2   1 
ATOM   56   N N     . ILE A 1 8   ? 11.553  9.127   7.909   1.00 19.88 ? 8   ILE A N     1 
ATOM   57   C CA    . ILE A 1 8   ? 10.268  9.468   8.479   1.00 19.50 ? 8   ILE A CA    1 
ATOM   58   C C     . ILE A 1 8   ? 10.232  10.966  8.775   1.00 19.32 ? 8   ILE A C     1 
ATOM   59   O O     . ILE A 1 8   ? 11.214  11.542  9.258   1.00 18.64 ? 8   ILE A O     1 
ATOM   60   C CB    . ILE A 1 8   ? 10.007  8.644   9.743   1.00 19.81 ? 8   ILE A CB    1 
ATOM   61   C CG1   . ILE A 1 8   ? 8.514   8.623   10.072  1.00 20.61 ? 8   ILE A CG1   1 
ATOM   62   C CG2   . ILE A 1 8   ? 10.813  9.177   10.917  1.00 19.62 ? 8   ILE A CG2   1 
ATOM   63   C CD1   . ILE A 1 8   ? 8.108   7.451   10.967  1.00 21.22 ? 8   ILE A CD1   1 
ATOM   64   N N     . VAL A 1 9   ? 9.106   11.600  8.478   1.00 18.70 ? 9   VAL A N     1 
ATOM   65   C CA    . VAL A 1 9   ? 8.988   13.034  8.705   1.00 19.46 ? 9   VAL A CA    1 
ATOM   66   C C     . VAL A 1 9   ? 7.936   13.331  9.771   1.00 19.10 ? 9   VAL A C     1 
ATOM   67   O O     . VAL A 1 9   ? 8.068   14.282  10.537  1.00 18.68 ? 9   VAL A O     1 
ATOM   68   C CB    . VAL A 1 9   ? 8.708   13.786  7.392   1.00 19.57 ? 9   VAL A CB    1 
ATOM   69   C CG1   . VAL A 1 9   ? 7.843   15.000  7.644   1.00 21.07 ? 9   VAL A CG1   1 
ATOM   70   C CG2   . VAL A 1 9   ? 10.026  14.173  6.743   1.00 20.14 ? 9   VAL A CG2   1 
ATOM   71   N N     . ILE A 1 10  ? 6.879   12.524  9.809   1.00 18.65 ? 10  ILE A N     1 
ATOM   72   C CA    . ILE A 1 10  ? 5.903   12.639  10.887  1.00 18.65 ? 10  ILE A CA    1 
ATOM   73   C C     . ILE A 1 10  ? 5.122   11.340  11.091  1.00 18.64 ? 10  ILE A C     1 
ATOM   74   O O     . ILE A 1 10  ? 4.891   10.567  10.153  1.00 17.46 ? 10  ILE A O     1 
ATOM   75   C CB    . ILE A 1 10  ? 4.916   13.848  10.721  1.00 19.44 ? 10  ILE A CB    1 
ATOM   76   C CG1   . ILE A 1 10  ? 3.961   13.638  9.565   1.00 19.49 ? 10  ILE A CG1   1 
ATOM   77   C CG2   . ILE A 1 10  ? 5.603   15.257  10.678  1.00 19.07 ? 10  ILE A CG2   1 
ATOM   78   C CD1   . ILE A 1 10  ? 2.565   13.409  10.061  1.00 20.90 ? 10  ILE A CD1   1 
ATOM   79   N N     . SER A 1 11  ? 4.738   11.105  12.339  1.00 18.52 ? 11  SER A N     1 
ATOM   80   C CA    . SER A 1 11  ? 3.889   9.985   12.688  1.00 19.27 ? 11  SER A CA    1 
ATOM   81   C C     . SER A 1 11  ? 2.597   10.637  13.141  1.00 19.83 ? 11  SER A C     1 
ATOM   82   O O     . SER A 1 11  ? 2.475   11.046  14.295  1.00 19.29 ? 11  SER A O     1 
ATOM   83   C CB    . SER A 1 11  ? 4.499   9.182   13.831  1.00 19.12 ? 11  SER A CB    1 
ATOM   84   O OG    . SER A 1 11  ? 5.824   8.805   13.527  1.00 19.81 ? 11  SER A OG    1 
ATOM   85   N N     . ALA A 1 12  ? 1.643   10.752  12.225  1.00 20.56 ? 12  ALA A N     1 
ATOM   86   C CA    . ALA A 1 12  ? 0.412   11.480  12.514  1.00 21.76 ? 12  ALA A CA    1 
ATOM   87   C C     . ALA A 1 12  ? -0.671  10.660  13.190  1.00 22.76 ? 12  ALA A C     1 
ATOM   88   O O     . ALA A 1 12  ? -1.053  9.587   12.722  1.00 22.57 ? 12  ALA A O     1 
ATOM   89   C CB    . ALA A 1 12  ? -0.129  12.159  11.257  1.00 21.63 ? 12  ALA A CB    1 
ATOM   90   N N     . VAL A 1 13  ? -1.149  11.188  14.312  1.00 24.35 ? 13  VAL A N     1 
ATOM   91   C CA    . VAL A 1 13  ? -2.245  10.598  15.058  1.00 25.81 ? 13  VAL A CA    1 
ATOM   92   C C     . VAL A 1 13  ? -3.493  11.368  14.644  1.00 26.10 ? 13  VAL A C     1 
ATOM   93   O O     . VAL A 1 13  ? -4.617  10.949  14.923  1.00 26.77 ? 13  VAL A O     1 
ATOM   94   C CB    . VAL A 1 13  ? -2.029  10.743  16.579  1.00 26.02 ? 13  VAL A CB    1 
ATOM   95   C CG1   . VAL A 1 13  ? -2.963  9.830   17.353  1.00 27.70 ? 13  VAL A CG1   1 
ATOM   96   C CG2   . VAL A 1 13  ? -0.595  10.430  16.943  1.00 27.23 ? 13  VAL A CG2   1 
ATOM   97   N N     . LYS A 1 14  ? -3.274  12.484  13.946  1.00 26.18 ? 14  LYS A N     1 
ATOM   98   C CA    . LYS A 1 14  ? -4.347  13.376  13.517  1.00 25.94 ? 14  LYS A CA    1 
ATOM   99   C C     . LYS A 1 14  ? -3.967  14.167  12.265  1.00 25.96 ? 14  LYS A C     1 
ATOM   100  O O     . LYS A 1 14  ? -2.792  14.433  12.016  1.00 26.83 ? 14  LYS A O     1 
ATOM   101  C CB    . LYS A 1 14  ? -4.689  14.351  14.651  1.00 25.80 ? 14  LYS A CB    1 
ATOM   102  C CG    . LYS A 1 14  ? -3.535  15.267  15.032  1.00 25.24 ? 14  LYS A CG    1 
ATOM   103  C CD    . LYS A 1 14  ? -3.890  16.155  16.227  1.00 23.15 ? 14  LYS A CD    1 
ATOM   104  C CE    . LYS A 1 14  ? -2.723  17.050  16.630  1.00 21.73 ? 14  LYS A CE    1 
ATOM   105  N NZ    . LYS A 1 14  ? -2.957  17.701  17.961  1.00 18.99 ? 14  LYS A NZ    1 
ATOM   106  N N     . PRO A 1 15  ? -4.963  14.548  11.475  1.00 25.61 ? 15  PRO A N     1 
ATOM   107  C CA    . PRO A 1 15  ? -4.738  15.302  10.235  1.00 25.11 ? 15  PRO A CA    1 
ATOM   108  C C     . PRO A 1 15  ? -3.994  16.615  10.412  1.00 24.63 ? 15  PRO A C     1 
ATOM   109  O O     . PRO A 1 15  ? -3.343  17.077  9.473   1.00 24.74 ? 15  PRO A O     1 
ATOM   110  C CB    . PRO A 1 15  ? -6.162  15.565  9.732   1.00 25.22 ? 15  PRO A CB    1 
ATOM   111  C CG    . PRO A 1 15  ? -7.007  15.386  10.942  1.00 25.30 ? 15  PRO A CG    1 
ATOM   112  C CD    . PRO A 1 15  ? -6.387  14.235  11.670  1.00 25.87 ? 15  PRO A CD    1 
ATOM   113  N N     . GLU A 1 16  ? -4.091  17.220  11.590  1.00 23.72 ? 16  GLU A N     1 
ATOM   114  C CA    . GLU A 1 16  ? -3.401  18.476  11.835  1.00 22.94 ? 16  GLU A CA    1 
ATOM   115  C C     . GLU A 1 16  ? -1.903  18.264  11.736  1.00 21.73 ? 16  GLU A C     1 
ATOM   116  O O     . GLU A 1 16  ? -1.147  19.199  11.483  1.00 21.52 ? 16  GLU A O     1 
ATOM   117  C CB    . GLU A 1 16  ? -3.755  19.036  13.219  1.00 23.22 ? 16  GLU A CB    1 
ATOM   118  C CG    . GLU A 1 16  ? -5.126  19.673  13.287  1.00 25.05 ? 16  GLU A CG    1 
ATOM   119  C CD    . GLU A 1 16  ? -5.389  20.355  14.621  1.00 28.39 ? 16  GLU A CD    1 
ATOM   120  O OE1   . GLU A 1 16  ? -6.184  21.323  14.647  1.00 29.54 ? 16  GLU A OE1   1 
ATOM   121  O OE2   . GLU A 1 16  ? -4.796  19.925  15.640  1.00 29.42 ? 16  GLU A OE2   1 
ATOM   122  N N     . GLN A 1 17  ? -1.484  17.016  11.923  1.00 20.47 ? 17  GLN A N     1 
ATOM   123  C CA    . GLN A 1 17  ? -0.069  16.675  11.925  1.00 19.28 ? 17  GLN A CA    1 
ATOM   124  C C     . GLN A 1 17  ? 0.526   16.381  10.555  1.00 18.50 ? 17  GLN A C     1 
ATOM   125  O O     . GLN A 1 17  ? 1.755   16.357  10.414  1.00 18.17 ? 17  GLN A O     1 
ATOM   126  C CB    . GLN A 1 17  ? 0.191   15.504  12.880  1.00 19.18 ? 17  GLN A CB    1 
ATOM   127  C CG    . GLN A 1 17  ? 0.150   15.917  14.346  1.00 18.84 ? 17  GLN A CG    1 
ATOM   128  C CD    . GLN A 1 17  ? 0.260   14.743  15.292  1.00 18.27 ? 17  GLN A CD    1 
ATOM   129  O OE1   . GLN A 1 17  ? 0.881   14.851  16.352  1.00 18.84 ? 17  GLN A OE1   1 
ATOM   130  N NE2   . GLN A 1 17  ? -0.350  13.620  14.923  1.00 17.24 ? 17  GLN A NE2   1 
ATOM   131  N N     . TYR A 1 18  ? -0.326  16.156  9.554   1.00 17.56 ? 18  TYR A N     1 
ATOM   132  C CA    . TYR A 1 18  ? 0.152   15.845  8.206   1.00 16.95 ? 18  TYR A CA    1 
ATOM   133  C C     . TYR A 1 18  ? 1.195   16.866  7.779   1.00 16.64 ? 18  TYR A C     1 
ATOM   134  O O     . TYR A 1 18  ? 1.102   18.017  8.159   1.00 17.25 ? 18  TYR A O     1 
ATOM   135  C CB    . TYR A 1 18  ? -0.992  15.904  7.189   1.00 16.62 ? 18  TYR A CB    1 
ATOM   136  C CG    . TYR A 1 18  ? -2.141  14.931  7.373   1.00 16.85 ? 18  TYR A CG    1 
ATOM   137  C CD1   . TYR A 1 18  ? -3.327  15.123  6.673   1.00 16.11 ? 18  TYR A CD1   1 
ATOM   138  C CD2   . TYR A 1 18  ? -2.049  13.834  8.215   1.00 15.31 ? 18  TYR A CD2   1 
ATOM   139  C CE1   . TYR A 1 18  ? -4.379  14.270  6.803   1.00 16.67 ? 18  TYR A CE1   1 
ATOM   140  C CE2   . TYR A 1 18  ? -3.124  12.955  8.354   1.00 15.84 ? 18  TYR A CE2   1 
ATOM   141  C CZ    . TYR A 1 18  ? -4.282  13.187  7.639   1.00 15.75 ? 18  TYR A CZ    1 
ATOM   142  O OH    . TYR A 1 18  ? -5.374  12.355  7.742   1.00 16.97 ? 18  TYR A OH    1 
ATOM   143  N N     . PRO A 1 19  ? 2.165   16.476  6.958   1.00 16.43 ? 19  PRO A N     1 
ATOM   144  C CA    . PRO A 1 19  ? 3.180   17.427  6.485   1.00 16.35 ? 19  PRO A CA    1 
ATOM   145  C C     . PRO A 1 19  ? 2.657   18.395  5.428   1.00 16.35 ? 19  PRO A C     1 
ATOM   146  O O     . PRO A 1 19  ? 1.811   18.041  4.606   1.00 16.82 ? 19  PRO A O     1 
ATOM   147  C CB    . PRO A 1 19  ? 4.245   16.530  5.854   1.00 16.26 ? 19  PRO A CB    1 
ATOM   148  C CG    . PRO A 1 19  ? 3.517   15.250  5.480   1.00 16.66 ? 19  PRO A CG    1 
ATOM   149  C CD    . PRO A 1 19  ? 2.359   15.120  6.417   1.00 15.94 ? 19  PRO A CD    1 
ATOM   150  N N     . GLU A 1 20  ? 3.168   19.616  5.447   1.00 16.17 ? 20  GLU A N     1 
ATOM   151  C CA    . GLU A 1 20  ? 2.823   20.595  4.426   1.00 16.09 ? 20  GLU A CA    1 
ATOM   152  C C     . GLU A 1 20  ? 3.794   20.449  3.258   1.00 15.77 ? 20  GLU A C     1 
ATOM   153  O O     . GLU A 1 20  ? 4.640   19.547  3.254   1.00 15.83 ? 20  GLU A O     1 
ATOM   154  C CB    . GLU A 1 20  ? 2.866   22.011  5.008   1.00 16.21 ? 20  GLU A CB    1 
ATOM   155  C CG    . GLU A 1 20  ? 2.034   22.132  6.267   1.00 16.87 ? 20  GLU A CG    1 
ATOM   156  C CD    . GLU A 1 20  ? 1.929   23.547  6.796   1.00 18.65 ? 20  GLU A CD    1 
ATOM   157  O OE1   . GLU A 1 20  ? 0.902   23.834  7.440   1.00 20.54 ? 20  GLU A OE1   1 
ATOM   158  O OE2   . GLU A 1 20  ? 2.861   24.361  6.581   1.00 19.14 ? 20  GLU A OE2   1 
ATOM   159  N N     . GLY A 1 21  ? 3.661   21.332  2.272   1.00 15.34 ? 21  GLY A N     1 
ATOM   160  C CA    . GLY A 1 21  ? 4.517   21.317  1.101   1.00 14.83 ? 21  GLY A CA    1 
ATOM   161  C C     . GLY A 1 21  ? 3.828   20.873  -0.175  1.00 14.64 ? 21  GLY A C     1 
ATOM   162  O O     . GLY A 1 21  ? 4.266   21.208  -1.267  1.00 14.92 ? 21  GLY A O     1 
ATOM   163  N N     . GLY A 1 22  ? 2.749   20.107  -0.041  1.00 14.08 ? 22  GLY A N     1 
ATOM   164  C CA    . GLY A 1 22  ? 1.999   19.639  -1.192  1.00 13.66 ? 22  GLY A CA    1 
ATOM   165  C C     . GLY A 1 22  ? 2.625   18.610  -2.128  1.00 13.33 ? 22  GLY A C     1 
ATOM   166  O O     . GLY A 1 22  ? 2.195   18.489  -3.269  1.00 13.25 ? 22  GLY A O     1 
ATOM   167  N N     . LEU A 1 23  ? 3.630   17.868  -1.675  1.00 13.08 ? 23  LEU A N     1 
ATOM   168  C CA    . LEU A 1 23  ? 4.225   16.844  -2.530  1.00 12.77 ? 23  LEU A CA    1 
ATOM   169  C C     . LEU A 1 23  ? 3.240   15.677  -2.708  1.00 12.08 ? 23  LEU A C     1 
ATOM   170  O O     . LEU A 1 23  ? 2.412   15.430  -1.838  1.00 10.83 ? 23  LEU A O     1 
ATOM   171  C CB    . LEU A 1 23  ? 5.543   16.337  -1.940  1.00 13.59 ? 23  LEU A CB    1 
ATOM   172  C CG    . LEU A 1 23  ? 6.729   17.328  -1.889  1.00 14.57 ? 23  LEU A CG    1 
ATOM   173  C CD1   . LEU A 1 23  ? 6.371   18.620  -1.209  1.00 17.65 ? 23  LEU A CD1   1 
ATOM   174  C CD2   . LEU A 1 23  ? 7.895   16.691  -1.176  1.00 15.70 ? 23  LEU A CD2   1 
ATOM   175  N N     . PRO A 1 24  ? 3.302   14.998  -3.844  1.00 11.54 ? 24  PRO A N     1 
ATOM   176  C CA    . PRO A 1 24  ? 2.432   13.841  -4.087  1.00 11.62 ? 24  PRO A CA    1 
ATOM   177  C C     . PRO A 1 24  ? 2.578   12.815  -2.975  1.00 11.55 ? 24  PRO A C     1 
ATOM   178  O O     . PRO A 1 24  ? 3.652   12.722  -2.363  1.00 11.69 ? 24  PRO A O     1 
ATOM   179  C CB    . PRO A 1 24  ? 2.995   13.250  -5.387  1.00 11.25 ? 24  PRO A CB    1 
ATOM   180  C CG    . PRO A 1 24  ? 4.351   13.896  -5.518  1.00 11.58 ? 24  PRO A CG    1 
ATOM   181  C CD    . PRO A 1 24  ? 4.154   15.289  -5.011  1.00 11.61 ? 24  PRO A CD    1 
ATOM   182  N N     . GLU A 1 25  ? 1.523   12.050  -2.724  1.00 10.69 ? 25  GLU A N     1 
ATOM   183  C CA    . GLU A 1 25  ? 1.580   11.030  -1.694  1.00 10.76 ? 25  GLU A CA    1 
ATOM   184  C C     . GLU A 1 25  ? 1.116   9.690   -2.223  1.00 10.83 ? 25  GLU A C     1 
ATOM   185  O O     . GLU A 1 25  ? 0.231   9.605   -3.078  1.00 10.69 ? 25  GLU A O     1 
ATOM   186  C CB    . GLU A 1 25  ? 0.797   11.460  -0.436  1.00 11.01 ? 25  GLU A CB    1 
ATOM   187  C CG    . GLU A 1 25  ? 1.474   12.626  0.273   1.00 10.13 ? 25  GLU A CG    1 
ATOM   188  C CD    . GLU A 1 25  ? 0.756   13.104  1.523   1.00 11.25 ? 25  GLU A CD    1 
ATOM   189  O OE1   . GLU A 1 25  ? -0.289  12.528  1.904   1.00 10.23 ? 25  GLU A OE1   1 
ATOM   190  O OE2   . GLU A 1 25  ? 1.254   14.077  2.131   1.00 12.34 ? 25  GLU A OE2   1 
ATOM   191  N N     . ILE A 1 26  ? 1.791   8.649   -1.769  1.00 10.92 ? 26  ILE A N     1 
ATOM   192  C CA    . ILE A 1 26  ? 1.431   7.286   -2.098  1.00 10.88 ? 26  ILE A CA    1 
ATOM   193  C C     . ILE A 1 26  ? 1.272   6.591   -0.765  1.00 11.16 ? 26  ILE A C     1 
ATOM   194  O O     . ILE A 1 26  ? 2.244   6.473   -0.008  1.00 10.38 ? 26  ILE A O     1 
ATOM   195  C CB    . ILE A 1 26  ? 2.572   6.618   -2.861  1.00 11.00 ? 26  ILE A CB    1 
ATOM   196  C CG1   . ILE A 1 26  ? 2.827   7.338   -4.193  1.00 10.90 ? 26  ILE A CG1   1 
ATOM   197  C CG2   . ILE A 1 26  ? 2.247   5.140   -3.075  1.00 11.20 ? 26  ILE A CG2   1 
ATOM   198  C CD1   . ILE A 1 26  ? 1.660   7.195   -5.170  1.00 11.07 ? 26  ILE A CD1   1 
ATOM   199  N N     . ALA A 1 27  ? 0.053   6.143   -0.456  1.00 11.44 ? 27  ALA A N     1 
ATOM   200  C CA    . ALA A 1 27  ? -0.167  5.464   0.809   1.00 11.75 ? 27  ALA A CA    1 
ATOM   201  C C     . ALA A 1 27  ? -0.029  3.965   0.599   1.00 12.36 ? 27  ALA A C     1 
ATOM   202  O O     . ALA A 1 27  ? -0.301  3.453   -0.493  1.00 13.23 ? 27  ALA A O     1 
ATOM   203  C CB    . ALA A 1 27  ? -1.542  5.814   1.399   1.00 11.07 ? 27  ALA A CB    1 
ATOM   204  N N     . LEU A 1 28  ? 0.402   3.274   1.646   1.00 12.29 ? 28  LEU A N     1 
ATOM   205  C CA    . LEU A 1 28  ? 0.586   1.831   1.617   1.00 12.25 ? 28  LEU A CA    1 
ATOM   206  C C     . LEU A 1 28  ? -0.262  1.171   2.676   1.00 12.55 ? 28  LEU A C     1 
ATOM   207  O O     . LEU A 1 28  ? -0.205  1.540   3.846   1.00 11.66 ? 28  LEU A O     1 
ATOM   208  C CB    . LEU A 1 28  ? 2.030   1.480   1.937   1.00 12.78 ? 28  LEU A CB    1 
ATOM   209  C CG    . LEU A 1 28  ? 3.266   2.104   1.273   1.00 14.74 ? 28  LEU A CG    1 
ATOM   210  C CD1   . LEU A 1 28  ? 3.552   1.498   -0.090  1.00 14.24 ? 28  LEU A CD1   1 
ATOM   211  C CD2   . LEU A 1 28  ? 3.375   3.623   1.250   1.00 14.60 ? 28  LEU A CD2   1 
ATOM   212  N N     . ALA A 1 29  ? -1.014  0.155   2.283   1.00 12.51 ? 29  ALA A N     1 
ATOM   213  C CA    . ALA A 1 29  ? -1.865  -0.528  3.230   1.00 13.14 ? 29  ALA A CA    1 
ATOM   214  C C     . ALA A 1 29  ? -1.828  -2.025  2.969   1.00 12.98 ? 29  ALA A C     1 
ATOM   215  O O     . ALA A 1 29  ? -1.571  -2.467  1.847   1.00 11.91 ? 29  ALA A O     1 
ATOM   216  C CB    . ALA A 1 29  ? -3.294  -0.015  3.115   1.00 13.14 ? 29  ALA A CB    1 
ATOM   217  N N     . GLY A 1 30  ? -2.082  -2.801  4.015   1.00 12.39 ? 30  GLY A N     1 
ATOM   218  C CA    . GLY A 1 30  ? -2.174  -4.245  3.862   1.00 13.38 ? 30  GLY A CA    1 
ATOM   219  C C     . GLY A 1 30  ? -2.378  -4.910  5.206   1.00 14.11 ? 30  GLY A C     1 
ATOM   220  O O     . GLY A 1 30  ? -2.329  -4.247  6.228   1.00 13.65 ? 30  GLY A O     1 
ATOM   221  N N     . ARG A 1 31  ? -2.594  -6.220  5.208   1.00 14.69 ? 31  ARG A N     1 
ATOM   222  C CA    . ARG A 1 31  ? -2.772  -6.934  6.460   1.00 15.84 ? 31  ARG A CA    1 
ATOM   223  C C     . ARG A 1 31  ? -1.486  -6.922  7.262   1.00 15.82 ? 31  ARG A C     1 
ATOM   224  O O     . ARG A 1 31  ? -0.397  -6.938  6.702   1.00 14.13 ? 31  ARG A O     1 
ATOM   225  C CB    . ARG A 1 31  ? -3.142  -8.391  6.203   1.00 15.91 ? 31  ARG A CB    1 
ATOM   226  C CG    . ARG A 1 31  ? -4.537  -8.596  5.710   1.00 19.66 ? 31  ARG A CG    1 
ATOM   227  C CD    . ARG A 1 31  ? -4.972  -10.058 5.797   1.00 26.13 ? 31  ARG A CD    1 
ATOM   228  N NE    . ARG A 1 31  ? -4.108  -10.914 5.003   1.00 31.12 ? 31  ARG A NE    1 
ATOM   229  C CZ    . ARG A 1 31  ? -4.127  -12.239 5.049   1.00 32.67 ? 31  ARG A CZ    1 
ATOM   230  N NH1   . ARG A 1 31  ? -3.302  -12.937 4.283   1.00 32.98 ? 31  ARG A NH1   1 
ATOM   231  N NH2   . ARG A 1 31  ? -4.966  -12.866 5.862   1.00 33.98 ? 31  ARG A NH2   1 
ATOM   232  N N     . SER A 1 32  ? -1.617  -6.896  8.586   1.00 16.49 ? 32  SER A N     1 
ATOM   233  C CA    . SER A 1 32  ? -0.439  -7.003  9.441   1.00 16.63 ? 32  SER A CA    1 
ATOM   234  C C     . SER A 1 32  ? 0.321   -8.263  9.053   1.00 16.10 ? 32  SER A C     1 
ATOM   235  O O     . SER A 1 32  ? -0.285  -9.303  8.821   1.00 15.56 ? 32  SER A O     1 
ATOM   236  C CB    . SER A 1 32  ? -0.845  -7.081  10.911  1.00 16.73 ? 32  SER A CB    1 
ATOM   237  O OG    . SER A 1 32  ? -1.562  -5.912  11.287  1.00 19.33 ? 32  SER A OG    1 
ATOM   238  N N     . ASN A 1 33  ? 1.645   -8.153  8.993   1.00 16.26 ? 33  ASN A N     1 
ATOM   239  C CA    . ASN A 1 33  ? 2.539   -9.267  8.642   1.00 16.54 ? 33  ASN A CA    1 
ATOM   240  C C     . ASN A 1 33  ? 2.497   -9.742  7.177   1.00 16.14 ? 33  ASN A C     1 
ATOM   241  O O     . ASN A 1 33  ? 3.068   -10.786 6.843   1.00 16.03 ? 33  ASN A O     1 
ATOM   242  C CB    . ASN A 1 33  ? 2.355   -10.453 9.600   1.00 16.98 ? 33  ASN A CB    1 
ATOM   243  C CG    . ASN A 1 33  ? 3.648   -11.210 9.844   1.00 18.26 ? 33  ASN A CG    1 
ATOM   244  O OD1   . ASN A 1 33  ? 4.603   -10.663 10.397  1.00 21.41 ? 33  ASN A OD1   1 
ATOM   245  N ND2   . ASN A 1 33  ? 3.686   -12.470 9.431   1.00 19.47 ? 33  ASN A ND2   1 
ATOM   246  N N     . VAL A 1 34  ? 1.841   -8.980  6.305   1.00 15.35 ? 34  VAL A N     1 
ATOM   247  C CA    . VAL A 1 34  ? 1.788   -9.348  4.892   1.00 14.65 ? 34  VAL A CA    1 
ATOM   248  C C     . VAL A 1 34  ? 3.144   -9.105  4.229   1.00 14.25 ? 34  VAL A C     1 
ATOM   249  O O     . VAL A 1 34  ? 3.471   -9.734  3.228   1.00 14.49 ? 34  VAL A O     1 
ATOM   250  C CB    . VAL A 1 34  ? 0.671   -8.583  4.116   1.00 14.84 ? 34  VAL A CB    1 
ATOM   251  C CG1   . VAL A 1 34  ? 1.048   -7.108  3.924   1.00 14.66 ? 34  VAL A CG1   1 
ATOM   252  C CG2   . VAL A 1 34  ? 0.378   -9.245  2.751   1.00 14.70 ? 34  VAL A CG2   1 
ATOM   253  N N     . GLY A 1 35  ? 3.936   -8.190  4.781   1.00 13.65 ? 35  GLY A N     1 
ATOM   254  C CA    . GLY A 1 35  ? 5.203   -7.838  4.175   1.00 13.88 ? 35  GLY A CA    1 
ATOM   255  C C     . GLY A 1 35  ? 5.282   -6.401  3.690   1.00 14.07 ? 35  GLY A C     1 
ATOM   256  O O     . GLY A 1 35  ? 6.036   -6.092  2.778   1.00 13.84 ? 35  GLY A O     1 
ATOM   257  N N     . LYS A 1 36  ? 4.523   -5.514  4.322   1.00 13.41 ? 36  LYS A N     1 
ATOM   258  C CA    . LYS A 1 36  ? 4.479   -4.119  3.921   1.00 13.29 ? 36  LYS A CA    1 
ATOM   259  C C     . LYS A 1 36  ? 5.785   -3.391  4.195   1.00 13.29 ? 36  LYS A C     1 
ATOM   260  O O     . LYS A 1 36  ? 6.322   -2.712  3.322   1.00 13.89 ? 36  LYS A O     1 
ATOM   261  C CB    . LYS A 1 36  ? 3.336   -3.401  4.645   1.00 13.28 ? 36  LYS A CB    1 
ATOM   262  C CG    . LYS A 1 36  ? 3.261   -1.918  4.352   1.00 12.15 ? 36  LYS A CG    1 
ATOM   263  C CD    . LYS A 1 36  ? 1.809   -1.456  4.247   1.00 11.25 ? 36  LYS A CD    1 
ATOM   264  C CE    . LYS A 1 36  ? 1.067   -1.656  5.564   1.00 11.00 ? 36  LYS A CE    1 
ATOM   265  N NZ    . LYS A 1 36  ? 1.806   -1.108  6.751   1.00 11.15 ? 36  LYS A NZ    1 
ATOM   266  N N     . SER A 1 37  ? 6.307   -3.537  5.403   1.00 13.38 ? 37  SER A N     1 
ATOM   267  C CA    . SER A 1 37  ? 7.545   -2.862  5.745   1.00 13.27 ? 37  SER A CA    1 
ATOM   268  C C     . SER A 1 37  ? 8.666   -3.402  4.858   1.00 13.06 ? 37  SER A C     1 
ATOM   269  O O     . SER A 1 37  ? 9.520   -2.645  4.396   1.00 12.34 ? 37  SER A O     1 
ATOM   270  C CB    . SER A 1 37  ? 7.868   -3.007  7.239   1.00 13.49 ? 37  SER A CB    1 
ATOM   271  O OG    . SER A 1 37  ? 8.430   -4.268  7.530   1.00 16.24 ? 37  SER A OG    1 
ATOM   272  N N     . SER A 1 38  ? 8.643   -4.707  4.607   1.00 12.83 ? 38  SER A N     1 
ATOM   273  C CA    . SER A 1 38  ? 9.635   -5.323  3.730   1.00 13.10 ? 38  SER A CA    1 
ATOM   274  C C     . SER A 1 38  ? 9.523   -4.725  2.316   1.00 13.11 ? 38  SER A C     1 
ATOM   275  O O     . SER A 1 38  ? 10.525  -4.496  1.665   1.00 13.41 ? 38  SER A O     1 
ATOM   276  C CB    . SER A 1 38  ? 9.473   -6.851  3.695   1.00 13.29 ? 38  SER A CB    1 
ATOM   277  O OG    . SER A 1 38  ? 9.835   -7.455  4.927   1.00 12.17 ? 38  SER A OG    1 
ATOM   278  N N     . PHE A 1 39  ? 8.300   -4.474  1.852   1.00 12.91 ? 39  PHE A N     1 
ATOM   279  C CA    . PHE A 1 39  ? 8.077   -3.864  0.535   1.00 12.92 ? 39  PHE A CA    1 
ATOM   280  C C     . PHE A 1 39  ? 8.644   -2.454  0.486   1.00 13.27 ? 39  PHE A C     1 
ATOM   281  O O     . PHE A 1 39  ? 9.328   -2.093  -0.459  1.00 13.05 ? 39  PHE A O     1 
ATOM   282  C CB    . PHE A 1 39  ? 6.582   -3.844  0.182   1.00 12.52 ? 39  PHE A CB    1 
ATOM   283  C CG    . PHE A 1 39  ? 6.250   -3.010  -1.030  1.00 12.24 ? 39  PHE A CG    1 
ATOM   284  C CD1   . PHE A 1 39  ? 6.281   -3.564  -2.300  1.00 10.85 ? 39  PHE A CD1   1 
ATOM   285  C CD2   . PHE A 1 39  ? 5.862   -1.682  -0.892  1.00 11.58 ? 39  PHE A CD2   1 
ATOM   286  C CE1   . PHE A 1 39  ? 5.948   -2.811  -3.415  1.00 11.20 ? 39  PHE A CE1   1 
ATOM   287  C CE2   . PHE A 1 39  ? 5.553   -0.917  -2.005  1.00 12.79 ? 39  PHE A CE2   1 
ATOM   288  C CZ    . PHE A 1 39  ? 5.593   -1.488  -3.275  1.00 12.70 ? 39  PHE A CZ    1 
ATOM   289  N N     . ILE A 1 40  ? 8.338   -1.646  1.498   1.00 13.30 ? 40  ILE A N     1 
ATOM   290  C CA    . ILE A 1 40  ? 8.891   -0.297  1.583   1.00 14.05 ? 40  ILE A CA    1 
ATOM   291  C C     . ILE A 1 40  ? 10.414  -0.294  1.556   1.00 14.10 ? 40  ILE A C     1 
ATOM   292  O O     . ILE A 1 40  ? 11.023  0.437   0.778   1.00 14.13 ? 40  ILE A O     1 
ATOM   293  C CB    . ILE A 1 40  ? 8.398   0.418   2.859   1.00 13.96 ? 40  ILE A CB    1 
ATOM   294  C CG1   . ILE A 1 40  ? 6.895   0.643   2.776   1.00 14.40 ? 40  ILE A CG1   1 
ATOM   295  C CG2   . ILE A 1 40  ? 9.139   1.755   3.043   1.00 14.47 ? 40  ILE A CG2   1 
ATOM   296  C CD1   . ILE A 1 40  ? 6.263   1.102   4.078   1.00 14.16 ? 40  ILE A CD1   1 
ATOM   297  N N     . ASN A 1 41  ? 11.033  -1.107  2.409   1.00 14.67 ? 41  ASN A N     1 
ATOM   298  C CA    . ASN A 1 41  ? 12.489  -1.146  2.479   1.00 15.42 ? 41  ASN A CA    1 
ATOM   299  C C     . ASN A 1 41  ? 13.100  -1.573  1.153   1.00 15.74 ? 41  ASN A C     1 
ATOM   300  O O     . ASN A 1 41  ? 14.195  -1.128  0.798   1.00 14.50 ? 41  ASN A O     1 
ATOM   301  C CB    . ASN A 1 41  ? 12.974  -2.063  3.613   1.00 15.71 ? 41  ASN A CB    1 
ATOM   302  C CG    . ASN A 1 41  ? 12.668  -1.504  4.985   1.00 16.83 ? 41  ASN A CG    1 
ATOM   303  O OD1   . ASN A 1 41  ? 12.612  -0.284  5.172   1.00 19.10 ? 41  ASN A OD1   1 
ATOM   304  N ND2   . ASN A 1 41  ? 12.465  -2.390  5.954   1.00 16.99 ? 41  ASN A ND2   1 
ATOM   305  N N     . SER A 1 42  ? 12.374  -2.430  0.429   1.00 16.20 ? 42  SER A N     1 
ATOM   306  C CA    . SER A 1 42  ? 12.791  -2.914  -0.884  1.00 16.94 ? 42  SER A CA    1 
ATOM   307  C C     . SER A 1 42  ? 12.816  -1.788  -1.908  1.00 17.42 ? 42  SER A C     1 
ATOM   308  O O     . SER A 1 42  ? 13.768  -1.652  -2.677  1.00 17.19 ? 42  SER A O     1 
ATOM   309  C CB    . SER A 1 42  ? 11.829  -4.008  -1.390  1.00 17.27 ? 42  SER A CB    1 
ATOM   310  O OG    . SER A 1 42  ? 12.015  -5.254  -0.740  1.00 16.83 ? 42  SER A OG    1 
ATOM   311  N N     . LEU A 1 43  ? 11.762  -0.979  -1.920  1.00 17.90 ? 43  LEU A N     1 
ATOM   312  C CA    . LEU A 1 43  ? 11.652  0.094   -2.900  1.00 18.93 ? 43  LEU A CA    1 
ATOM   313  C C     . LEU A 1 43  ? 12.655  1.221   -2.705  1.00 20.20 ? 43  LEU A C     1 
ATOM   314  O O     . LEU A 1 43  ? 13.084  1.836   -3.673  1.00 19.54 ? 43  LEU A O     1 
ATOM   315  C CB    . LEU A 1 43  ? 10.238  0.671   -2.922  1.00 18.54 ? 43  LEU A CB    1 
ATOM   316  C CG    . LEU A 1 43  ? 9.301   0.125   -3.997  1.00 18.20 ? 43  LEU A CG    1 
ATOM   317  C CD1   . LEU A 1 43  ? 9.149   -1.384  -3.881  1.00 17.79 ? 43  LEU A CD1   1 
ATOM   318  C CD2   . LEU A 1 43  ? 7.964   0.827   -3.921  1.00 16.31 ? 43  LEU A CD2   1 
ATOM   319  N N     . ILE A 1 44  ? 13.030  1.491   -1.461  1.00 21.95 ? 44  ILE A N     1 
ATOM   320  C CA    . ILE A 1 44  ? 13.949  2.599   -1.186  1.00 23.90 ? 44  ILE A CA    1 
ATOM   321  C C     . ILE A 1 44  ? 15.376  2.139   -0.895  1.00 25.38 ? 44  ILE A C     1 
ATOM   322  O O     . ILE A 1 44  ? 16.231  2.955   -0.557  1.00 25.96 ? 44  ILE A O     1 
ATOM   323  C CB    . ILE A 1 44  ? 13.443  3.434   0.001   1.00 23.94 ? 44  ILE A CB    1 
ATOM   324  C CG1   . ILE A 1 44  ? 13.612  2.649   1.301   1.00 24.39 ? 44  ILE A CG1   1 
ATOM   325  C CG2   . ILE A 1 44  ? 11.981  3.841   -0.196  1.00 23.72 ? 44  ILE A CG2   1 
ATOM   326  C CD1   . ILE A 1 44  ? 12.789  3.185   2.450   1.00 25.64 ? 44  ILE A CD1   1 
ATOM   327  N N     . ASN A 1 45  ? 15.627  0.840   -1.019  1.00 26.82 ? 45  ASN A N     1 
ATOM   328  C CA    . ASN A 1 45  ? 16.942  0.281   -0.718  1.00 28.82 ? 45  ASN A CA    1 
ATOM   329  C C     . ASN A 1 45  ? 17.362  0.509   0.729   1.00 29.45 ? 45  ASN A C     1 
ATOM   330  O O     . ASN A 1 45  ? 18.324  1.231   0.995   1.00 29.51 ? 45  ASN A O     1 
ATOM   331  C CB    . ASN A 1 45  ? 18.007  0.866   -1.649  1.00 29.12 ? 45  ASN A CB    1 
ATOM   332  C CG    . ASN A 1 45  ? 17.868  0.376   -3.070  1.00 31.12 ? 45  ASN A CG    1 
ATOM   333  O OD1   . ASN A 1 45  ? 18.055  -0.814  -3.356  1.00 33.72 ? 45  ASN A OD1   1 
ATOM   334  N ND2   . ASN A 1 45  ? 17.547  1.292   -3.980  1.00 32.77 ? 45  ASN A ND2   1 
ATOM   335  N N     . ARG A 1 46  ? 16.650  -0.116  1.660   1.00 30.38 ? 46  ARG A N     1 
ATOM   336  C CA    . ARG A 1 46  ? 16.939  0.045   3.080   1.00 31.19 ? 46  ARG A CA    1 
ATOM   337  C C     . ARG A 1 46  ? 16.732  -1.252  3.857   1.00 31.32 ? 46  ARG A C     1 
ATOM   338  O O     . ARG A 1 46  ? 17.684  -1.821  4.404   1.00 31.54 ? 46  ARG A O     1 
ATOM   339  C CB    . ARG A 1 46  ? 16.071  1.158   3.666   1.00 31.57 ? 46  ARG A CB    1 
ATOM   340  C CG    . ARG A 1 46  ? 16.487  2.560   3.235   1.00 33.01 ? 46  ARG A CG    1 
ATOM   341  C CD    . ARG A 1 46  ? 17.461  3.226   4.181   1.00 35.85 ? 46  ARG A CD    1 
ATOM   342  N NE    . ARG A 1 46  ? 18.124  4.383   3.589   1.00 37.90 ? 46  ARG A NE    1 
ATOM   343  C CZ    . ARG A 1 46  ? 18.309  5.531   4.228   1.00 39.25 ? 46  ARG A CZ    1 
ATOM   344  N NH1   . ARG A 1 46  ? 17.871  5.669   5.474   1.00 39.46 ? 46  ARG A NH1   1 
ATOM   345  N NH2   . ARG A 1 46  ? 18.930  6.540   3.625   1.00 39.78 ? 46  ARG A NH2   1 
ATOM   346  N N     . GLN A 1 60  ? -0.315  2.898   15.394  1.00 25.36 ? 60  GLN A N     1 
ATOM   347  C CA    . GLN A 1 60  ? -1.413  3.792   15.750  1.00 24.92 ? 60  GLN A CA    1 
ATOM   348  C C     . GLN A 1 60  ? -1.253  5.153   15.090  1.00 23.63 ? 60  GLN A C     1 
ATOM   349  O O     . GLN A 1 60  ? -2.009  6.088   15.381  1.00 24.01 ? 60  GLN A O     1 
ATOM   350  C CB    . GLN A 1 60  ? -1.476  3.975   17.264  1.00 25.40 ? 60  GLN A CB    1 
ATOM   351  C CG    . GLN A 1 60  ? -0.329  4.788   17.809  1.00 27.26 ? 60  GLN A CG    1 
ATOM   352  C CD    . GLN A 1 60  ? -0.423  4.973   19.299  1.00 30.25 ? 60  GLN A CD    1 
ATOM   353  O OE1   . GLN A 1 60  ? -0.330  4.000   20.053  1.00 32.02 ? 60  GLN A OE1   1 
ATOM   354  N NE2   . GLN A 1 60  ? -0.610  6.217   19.738  1.00 31.58 ? 60  GLN A NE2   1 
ATOM   355  N N     . THR A 1 61  ? -0.260  5.270   14.215  1.00 21.60 ? 61  THR A N     1 
ATOM   356  C CA    . THR A 1 61  ? -0.032  6.512   13.495  1.00 19.79 ? 61  THR A CA    1 
ATOM   357  C C     . THR A 1 61  ? 0.200   6.259   12.028  1.00 18.30 ? 61  THR A C     1 
ATOM   358  O O     . THR A 1 61  ? 0.699   5.192   11.645  1.00 17.29 ? 61  THR A O     1 
ATOM   359  C CB    . THR A 1 61  ? 1.211   7.238   14.023  1.00 19.64 ? 61  THR A CB    1 
ATOM   360  O OG1   . THR A 1 61  ? 2.352   6.386   13.863  1.00 19.65 ? 61  THR A OG1   1 
ATOM   361  C CG2   . THR A 1 61  ? 1.111   7.472   15.527  1.00 20.07 ? 61  THR A CG2   1 
ATOM   362  N N     . LEU A 1 62  ? -0.132  7.279   11.239  1.00 17.02 ? 62  LEU A N     1 
ATOM   363  C CA    . LEU A 1 62  ? 0.107   7.321   9.806   1.00 16.25 ? 62  LEU A CA    1 
ATOM   364  C C     . LEU A 1 62  ? 1.498   7.888   9.686   1.00 15.31 ? 62  LEU A C     1 
ATOM   365  O O     . LEU A 1 62  ? 1.735   9.029   10.095  1.00 14.88 ? 62  LEU A O     1 
ATOM   366  C CB    . LEU A 1 62  ? -0.841  8.314   9.131   1.00 16.06 ? 62  LEU A CB    1 
ATOM   367  C CG    . LEU A 1 62  ? -2.204  7.861   8.631   1.00 17.39 ? 62  LEU A CG    1 
ATOM   368  C CD1   . LEU A 1 62  ? -2.868  9.014   7.899   1.00 14.65 ? 62  LEU A CD1   1 
ATOM   369  C CD2   . LEU A 1 62  ? -2.045  6.659   7.717   1.00 15.78 ? 62  LEU A CD2   1 
ATOM   370  N N     . ASN A 1 63  ? 2.408   7.114   9.113   1.00 14.06 ? 63  ASN A N     1 
ATOM   371  C CA    . ASN A 1 63  ? 3.795   7.530   9.029   1.00 13.46 ? 63  ASN A CA    1 
ATOM   372  C C     . ASN A 1 63  ? 4.196   8.020   7.642   1.00 13.06 ? 63  ASN A C     1 
ATOM   373  O O     . ASN A 1 63  ? 4.106   7.286   6.652   1.00 12.52 ? 63  ASN A O     1 
ATOM   374  C CB    . ASN A 1 63  ? 4.712   6.412   9.532   1.00 13.23 ? 63  ASN A CB    1 
ATOM   375  C CG    . ASN A 1 63  ? 4.412   6.023   10.975  1.00 14.27 ? 63  ASN A CG    1 
ATOM   376  O OD1   . ASN A 1 63  ? 3.838   6.806   11.736  1.00 14.49 ? 63  ASN A OD1   1 
ATOM   377  N ND2   . ASN A 1 63  ? 4.792   4.812   11.353  1.00 14.57 ? 63  ASN A ND2   1 
ATOM   378  N N     . PHE A 1 64  ? 4.633   9.274   7.587   1.00 12.48 ? 64  PHE A N     1 
ATOM   379  C CA    . PHE A 1 64  ? 5.018   9.899   6.334   1.00 12.62 ? 64  PHE A CA    1 
ATOM   380  C C     . PHE A 1 64  ? 6.521   9.836   6.122   1.00 13.15 ? 64  PHE A C     1 
ATOM   381  O O     . PHE A 1 64  ? 7.298   10.312  6.960   1.00 12.78 ? 64  PHE A O     1 
ATOM   382  C CB    . PHE A 1 64  ? 4.558   11.354  6.291   1.00 12.58 ? 64  PHE A CB    1 
ATOM   383  C CG    . PHE A 1 64  ? 3.066   11.525  6.303   1.00 12.23 ? 64  PHE A CG    1 
ATOM   384  C CD1   . PHE A 1 64  ? 2.327   11.231  7.444   1.00 12.03 ? 64  PHE A CD1   1 
ATOM   385  C CD2   . PHE A 1 64  ? 2.404   11.994  5.188   1.00 10.41 ? 64  PHE A CD2   1 
ATOM   386  C CE1   . PHE A 1 64  ? 0.956   11.392  7.460   1.00 11.99 ? 64  PHE A CE1   1 
ATOM   387  C CE2   . PHE A 1 64  ? 1.042   12.162  5.197   1.00 10.95 ? 64  PHE A CE2   1 
ATOM   388  C CZ    . PHE A 1 64  ? 0.311   11.855  6.335   1.00 13.20 ? 64  PHE A CZ    1 
ATOM   389  N N     . TYR A 1 65  ? 6.922   9.243   5.003   1.00 13.15 ? 65  TYR A N     1 
ATOM   390  C CA    . TYR A 1 65  ? 8.327   9.146   4.653   1.00 13.90 ? 65  TYR A CA    1 
ATOM   391  C C     . TYR A 1 65  ? 8.600   10.019  3.441   1.00 13.73 ? 65  TYR A C     1 
ATOM   392  O O     . TYR A 1 65  ? 7.990   9.828   2.396   1.00 12.97 ? 65  TYR A O     1 
ATOM   393  C CB    . TYR A 1 65  ? 8.718   7.708   4.316   1.00 14.52 ? 65  TYR A CB    1 
ATOM   394  C CG    . TYR A 1 65  ? 8.632   6.746   5.475   1.00 16.59 ? 65  TYR A CG    1 
ATOM   395  C CD1   . TYR A 1 65  ? 9.775   6.347   6.160   1.00 19.90 ? 65  TYR A CD1   1 
ATOM   396  C CD2   . TYR A 1 65  ? 7.411   6.223   5.871   1.00 18.89 ? 65  TYR A CD2   1 
ATOM   397  C CE1   . TYR A 1 65  ? 9.695   5.459   7.225   1.00 21.76 ? 65  TYR A CE1   1 
ATOM   398  C CE2   . TYR A 1 65  ? 7.322   5.336   6.923   1.00 20.44 ? 65  TYR A CE2   1 
ATOM   399  C CZ    . TYR A 1 65  ? 8.458   4.957   7.595   1.00 22.42 ? 65  TYR A CZ    1 
ATOM   400  O OH    . TYR A 1 65  ? 8.352   4.073   8.644   1.00 23.86 ? 65  TYR A OH    1 
ATOM   401  N N     . ILE A 1 66  ? 9.513   10.977  3.594   1.00 13.37 ? 66  ILE A N     1 
ATOM   402  C CA    . ILE A 1 66  ? 9.891   11.837  2.491   1.00 13.69 ? 66  ILE A CA    1 
ATOM   403  C C     . ILE A 1 66  ? 10.882  11.060  1.643   1.00 13.50 ? 66  ILE A C     1 
ATOM   404  O O     . ILE A 1 66  ? 11.854  10.523  2.159   1.00 13.30 ? 66  ILE A O     1 
ATOM   405  C CB    . ILE A 1 66  ? 10.515  13.163  3.001   1.00 13.73 ? 66  ILE A CB    1 
ATOM   406  C CG1   . ILE A 1 66  ? 10.851  14.074  1.823   1.00 14.56 ? 66  ILE A CG1   1 
ATOM   407  C CG2   . ILE A 1 66  ? 11.761  12.918  3.848   1.00 13.17 ? 66  ILE A CG2   1 
ATOM   408  C CD1   . ILE A 1 66  ? 9.629   14.551  1.085   1.00 16.01 ? 66  ILE A CD1   1 
ATOM   409  N N     . ILE A 1 67  ? 10.616  10.979  0.346   1.00 14.09 ? 67  ILE A N     1 
ATOM   410  C CA    . ILE A 1 67  ? 11.481  10.250  -0.570  1.00 14.99 ? 67  ILE A CA    1 
ATOM   411  C C     . ILE A 1 67  ? 12.103  11.203  -1.587  1.00 15.69 ? 67  ILE A C     1 
ATOM   412  O O     . ILE A 1 67  ? 11.390  11.883  -2.323  1.00 16.16 ? 67  ILE A O     1 
ATOM   413  C CB    . ILE A 1 67  ? 10.666  9.149   -1.289  1.00 15.16 ? 67  ILE A CB    1 
ATOM   414  C CG1   . ILE A 1 67  ? 9.814   8.364   -0.285  1.00 15.72 ? 67  ILE A CG1   1 
ATOM   415  C CG2   . ILE A 1 67  ? 11.587  8.226   -2.075  1.00 14.78 ? 67  ILE A CG2   1 
ATOM   416  C CD1   . ILE A 1 67  ? 10.621  7.562   0.723   1.00 17.97 ? 67  ILE A CD1   1 
ATOM   417  N N     . ASN A 1 68  ? 13.429  11.276  -1.620  1.00 16.28 ? 68  ASN A N     1 
ATOM   418  C CA    . ASN A 1 68  ? 14.113  12.147  -2.573  1.00 17.10 ? 68  ASN A CA    1 
ATOM   419  C C     . ASN A 1 68  ? 13.585  13.583  -2.609  1.00 17.72 ? 68  ASN A C     1 
ATOM   420  O O     . ASN A 1 68  ? 13.678  14.259  -3.636  1.00 17.56 ? 68  ASN A O     1 
ATOM   421  C CB    . ASN A 1 68  ? 14.003  11.569  -3.981  1.00 17.08 ? 68  ASN A CB    1 
ATOM   422  C CG    . ASN A 1 68  ? 14.973  10.443  -4.230  1.00 17.96 ? 68  ASN A CG    1 
ATOM   423  O OD1   . ASN A 1 68  ? 15.629  9.954   -3.312  1.00 19.36 ? 68  ASN A OD1   1 
ATOM   424  N ND2   . ASN A 1 68  ? 15.080  10.030  -5.487  1.00 17.93 ? 68  ASN A ND2   1 
ATOM   425  N N     . ASP A 1 69  ? 13.030  14.040  -1.493  1.00 18.23 ? 69  ASP A N     1 
ATOM   426  C CA    . ASP A 1 69  ? 12.424  15.360  -1.421  1.00 18.88 ? 69  ASP A CA    1 
ATOM   427  C C     . ASP A 1 69  ? 11.408  15.602  -2.531  1.00 19.01 ? 69  ASP A C     1 
ATOM   428  O O     . ASP A 1 69  ? 11.176  16.737  -2.924  1.00 19.28 ? 69  ASP A O     1 
ATOM   429  C CB    . ASP A 1 69  ? 13.499  16.446  -1.446  1.00 19.19 ? 69  ASP A CB    1 
ATOM   430  C CG    . ASP A 1 69  ? 14.489  16.295  -0.325  1.00 20.18 ? 69  ASP A CG    1 
ATOM   431  O OD1   . ASP A 1 69  ? 14.081  16.426  0.850   1.00 19.82 ? 69  ASP A OD1   1 
ATOM   432  O OD2   . ASP A 1 69  ? 15.696  16.037  -0.522  1.00 22.49 ? 69  ASP A OD2   1 
ATOM   433  N N     . GLU A 1 70  ? 10.787  14.547  -3.038  1.00 19.16 ? 70  GLU A N     1 
ATOM   434  C CA    . GLU A 1 70  ? 9.813   14.753  -4.097  1.00 19.23 ? 70  GLU A CA    1 
ATOM   435  C C     . GLU A 1 70  ? 8.447   14.100  -3.882  1.00 18.30 ? 70  GLU A C     1 
ATOM   436  O O     . GLU A 1 70  ? 7.487   14.435  -4.565  1.00 18.44 ? 70  GLU A O     1 
ATOM   437  C CB    . GLU A 1 70  ? 10.394  14.403  -5.460  1.00 19.78 ? 70  GLU A CB    1 
ATOM   438  C CG    . GLU A 1 70  ? 10.794  12.958  -5.639  1.00 22.26 ? 70  GLU A CG    1 
ATOM   439  C CD    . GLU A 1 70  ? 11.372  12.730  -7.020  1.00 25.75 ? 70  GLU A CD    1 
ATOM   440  O OE1   . GLU A 1 70  ? 10.572  12.556  -7.966  1.00 27.50 ? 70  GLU A OE1   1 
ATOM   441  O OE2   . GLU A 1 70  ? 12.615  12.745  -7.164  1.00 26.75 ? 70  GLU A OE2   1 
ATOM   442  N N     . LEU A 1 71  ? 8.362   13.161  -2.946  1.00 17.35 ? 71  LEU A N     1 
ATOM   443  C CA    . LEU A 1 71  ? 7.084   12.551  -2.611  1.00 16.11 ? 71  LEU A CA    1 
ATOM   444  C C     . LEU A 1 71  ? 7.133   11.946  -1.218  1.00 14.88 ? 71  LEU A C     1 
ATOM   445  O O     . LEU A 1 71  ? 8.201   11.781  -0.639  1.00 15.09 ? 71  LEU A O     1 
ATOM   446  C CB    . LEU A 1 71  ? 6.710   11.467  -3.614  1.00 16.75 ? 71  LEU A CB    1 
ATOM   447  C CG    . LEU A 1 71  ? 7.582   10.217  -3.480  1.00 17.82 ? 71  LEU A CG    1 
ATOM   448  C CD1   . LEU A 1 71  ? 6.763   8.950   -3.625  1.00 19.95 ? 71  LEU A CD1   1 
ATOM   449  C CD2   . LEU A 1 71  ? 8.703   10.273  -4.491  1.00 19.33 ? 71  LEU A CD2   1 
ATOM   450  N N     . HIS A 1 72  ? 5.969   11.630  -0.675  1.00 13.88 ? 72  HIS A N     1 
ATOM   451  C CA    . HIS A 1 72  ? 5.896   10.992  0.627   1.00 13.13 ? 72  HIS A CA    1 
ATOM   452  C C     . HIS A 1 72  ? 5.273   9.614   0.481   1.00 13.08 ? 72  HIS A C     1 
ATOM   453  O O     . HIS A 1 72  ? 4.264   9.460   -0.203  1.00 13.12 ? 72  HIS A O     1 
ATOM   454  C CB    . HIS A 1 72  ? 5.028   11.812  1.591   1.00 12.86 ? 72  HIS A CB    1 
ATOM   455  C CG    . HIS A 1 72  ? 5.710   13.022  2.171   1.00 13.27 ? 72  HIS A CG    1 
ATOM   456  N ND1   . HIS A 1 72  ? 5.386   14.310  1.799   1.00 12.20 ? 72  HIS A ND1   1 
ATOM   457  C CD2   . HIS A 1 72  ? 6.663   13.138  3.125   1.00 13.42 ? 72  HIS A CD2   1 
ATOM   458  C CE1   . HIS A 1 72  ? 6.126   15.165  2.480   1.00 13.11 ? 72  HIS A CE1   1 
ATOM   459  N NE2   . HIS A 1 72  ? 6.912   14.481  3.291   1.00 13.15 ? 72  HIS A NE2   1 
ATOM   460  N N     . PHE A 1 73  ? 5.888   8.604   1.084   1.00 12.36 ? 73  PHE A N     1 
ATOM   461  C CA    . PHE A 1 73  ? 5.212   7.329   1.233   1.00 12.12 ? 73  PHE A CA    1 
ATOM   462  C C     . PHE A 1 73  ? 4.450   7.528   2.524   1.00 11.89 ? 73  PHE A C     1 
ATOM   463  O O     . PHE A 1 73  ? 4.997   8.104   3.487   1.00 11.60 ? 73  PHE A O     1 
ATOM   464  C CB    . PHE A 1 73  ? 6.199   6.183   1.427   1.00 12.27 ? 73  PHE A CB    1 
ATOM   465  C CG    . PHE A 1 73  ? 6.668   5.550   0.144   1.00 13.75 ? 73  PHE A CG    1 
ATOM   466  C CD1   . PHE A 1 73  ? 7.686   4.611   0.158   1.00 15.23 ? 73  PHE A CD1   1 
ATOM   467  C CD2   . PHE A 1 73  ? 6.079   5.874   -1.068  1.00 14.36 ? 73  PHE A CD2   1 
ATOM   468  C CE1   . PHE A 1 73  ? 8.118   4.013   -1.020  1.00 16.38 ? 73  PHE A CE1   1 
ATOM   469  C CE2   . PHE A 1 73  ? 6.501   5.281   -2.246  1.00 15.82 ? 73  PHE A CE2   1 
ATOM   470  C CZ    . PHE A 1 73  ? 7.524   4.351   -2.222  1.00 16.44 ? 73  PHE A CZ    1 
ATOM   471  N N     . VAL A 1 74  ? 3.198   7.079   2.559   1.00 10.79 ? 74  VAL A N     1 
ATOM   472  C CA    . VAL A 1 74  ? 2.374   7.221   3.760   1.00 10.63 ? 74  VAL A CA    1 
ATOM   473  C C     . VAL A 1 74  ? 1.965   5.817   4.207   1.00 11.39 ? 74  VAL A C     1 
ATOM   474  O O     . VAL A 1 74  ? 1.072   5.195   3.631   1.00 11.91 ? 74  VAL A O     1 
ATOM   475  C CB    . VAL A 1 74  ? 1.136   8.132   3.525   1.00 10.74 ? 74  VAL A CB    1 
ATOM   476  C CG1   . VAL A 1 74  ? 0.401   8.407   4.860   1.00 8.92  ? 74  VAL A CG1   1 
ATOM   477  C CG2   . VAL A 1 74  ? 1.551   9.454   2.841   1.00 9.03  ? 74  VAL A CG2   1 
ATOM   478  N N     . ASP A 1 75  ? 2.649   5.310   5.223   1.00 11.51 ? 75  ASP A N     1 
ATOM   479  C CA    . ASP A 1 75  ? 2.473   3.921   5.642   1.00 11.55 ? 75  ASP A CA    1 
ATOM   480  C C     . ASP A 1 75  ? 1.308   3.777   6.617   1.00 11.40 ? 75  ASP A C     1 
ATOM   481  O O     . ASP A 1 75  ? 1.329   4.354   7.702   1.00 11.61 ? 75  ASP A O     1 
ATOM   482  C CB    . ASP A 1 75  ? 3.769   3.432   6.288   1.00 12.14 ? 75  ASP A CB    1 
ATOM   483  C CG    . ASP A 1 75  ? 3.752   1.955   6.597   1.00 11.90 ? 75  ASP A CG    1 
ATOM   484  O OD1   . ASP A 1 75  ? 3.019   1.198   5.922   1.00 11.68 ? 75  ASP A OD1   1 
ATOM   485  O OD2   . ASP A 1 75  ? 4.462   1.472   7.500   1.00 14.44 ? 75  ASP A OD2   1 
ATOM   486  N N     . VAL A 1 76  ? 0.301   3.010   6.229   1.00 10.76 ? 76  VAL A N     1 
ATOM   487  C CA    . VAL A 1 76  ? -0.892  2.812   7.065   1.00 10.93 ? 76  VAL A CA    1 
ATOM   488  C C     . VAL A 1 76  ? -0.720  1.558   7.921   1.00 11.16 ? 76  VAL A C     1 
ATOM   489  O O     . VAL A 1 76  ? -0.402  0.511   7.384   1.00 10.99 ? 76  VAL A O     1 
ATOM   490  C CB    . VAL A 1 76  ? -2.133  2.600   6.176   1.00 10.70 ? 76  VAL A CB    1 
ATOM   491  C CG1   . VAL A 1 76  ? -3.427  2.497   7.035   1.00 9.79  ? 76  VAL A CG1   1 
ATOM   492  C CG2   . VAL A 1 76  ? -2.239  3.718   5.139   1.00 10.88 ? 76  VAL A CG2   1 
ATOM   493  N N     . PRO A 1 77  ? -0.965  1.638   9.232   1.00 11.25 ? 77  PRO A N     1 
ATOM   494  C CA    . PRO A 1 77  ? -0.782  0.475   10.111  1.00 11.18 ? 77  PRO A CA    1 
ATOM   495  C C     . PRO A 1 77  ? -1.533  -0.743  9.569   1.00 10.64 ? 77  PRO A C     1 
ATOM   496  O O     . PRO A 1 77  ? -2.660  -0.601  9.098   1.00 10.53 ? 77  PRO A O     1 
ATOM   497  C CB    . PRO A 1 77  ? -1.405  0.937   11.429  1.00 10.99 ? 77  PRO A CB    1 
ATOM   498  C CG    . PRO A 1 77  ? -1.156  2.431   11.429  1.00 11.58 ? 77  PRO A CG    1 
ATOM   499  C CD    . PRO A 1 77  ? -1.424  2.820   9.976   1.00 11.38 ? 77  PRO A CD    1 
ATOM   500  N N     . GLY A 1 78  ? -0.915  -1.918  9.645   1.00 10.65 ? 78  GLY A N     1 
ATOM   501  C CA    . GLY A 1 78  ? -1.511  -3.124  9.084   1.00 10.85 ? 78  GLY A CA    1 
ATOM   502  C C     . GLY A 1 78  ? -2.912  -3.329  9.619   1.00 11.57 ? 78  GLY A C     1 
ATOM   503  O O     . GLY A 1 78  ? -3.203  -2.993  10.774  1.00 11.07 ? 78  GLY A O     1 
ATOM   504  N N     . TYR A 1 79  ? -3.790  -3.868  8.778   1.00 11.66 ? 79  TYR A N     1 
ATOM   505  C CA    . TYR A 1 79  ? -5.149  -4.132  9.192   1.00 13.14 ? 79  TYR A CA    1 
ATOM   506  C C     . TYR A 1 79  ? -5.332  -5.626  9.349   1.00 14.49 ? 79  TYR A C     1 
ATOM   507  O O     . TYR A 1 79  ? -4.393  -6.398  9.144   1.00 14.78 ? 79  TYR A O     1 
ATOM   508  C CB    . TYR A 1 79  ? -6.168  -3.565  8.179   1.00 12.64 ? 79  TYR A CB    1 
ATOM   509  C CG    . TYR A 1 79  ? -6.006  -4.011  6.718   1.00 12.40 ? 79  TYR A CG    1 
ATOM   510  C CD1   . TYR A 1 79  ? -6.368  -5.297  6.309   1.00 11.99 ? 79  TYR A CD1   1 
ATOM   511  C CD2   . TYR A 1 79  ? -5.539  -3.127  5.745   1.00 12.41 ? 79  TYR A CD2   1 
ATOM   512  C CE1   . TYR A 1 79  ? -6.239  -5.696  4.980   1.00 11.37 ? 79  TYR A CE1   1 
ATOM   513  C CE2   . TYR A 1 79  ? -5.411  -3.516  4.412   1.00 11.60 ? 79  TYR A CE2   1 
ATOM   514  C CZ    . TYR A 1 79  ? -5.772  -4.802  4.037   1.00 10.59 ? 79  TYR A CZ    1 
ATOM   515  O OH    . TYR A 1 79  ? -5.646  -5.194  2.725   1.00 11.05 ? 79  TYR A OH    1 
ATOM   516  N N     . GLY A 1 80  ? -6.535  -6.034  9.747   1.00 15.91 ? 80  GLY A N     1 
ATOM   517  C CA    . GLY A 1 80  ? -6.851  -7.447  9.832   1.00 16.99 ? 80  GLY A CA    1 
ATOM   518  C C     . GLY A 1 80  ? -6.274  -8.194  11.022  1.00 18.08 ? 80  GLY A C     1 
ATOM   519  O O     . GLY A 1 80  ? -6.492  -9.401  11.148  1.00 18.94 ? 80  GLY A O     1 
ATOM   520  N N     . PHE A 1 81  ? -5.520  -7.514  11.881  1.00 18.02 ? 81  PHE A N     1 
ATOM   521  C CA    . PHE A 1 81  ? -5.024  -8.167  13.091  1.00 18.48 ? 81  PHE A CA    1 
ATOM   522  C C     . PHE A 1 81  ? -6.123  -8.044  14.153  1.00 18.26 ? 81  PHE A C     1 
ATOM   523  O O     . PHE A 1 81  ? -6.367  -6.958  14.672  1.00 17.80 ? 81  PHE A O     1 
ATOM   524  C CB    . PHE A 1 81  ? -3.727  -7.536  13.585  1.00 18.49 ? 81  PHE A CB    1 
ATOM   525  C CG    . PHE A 1 81  ? -3.102  -8.285  14.715  1.00 19.54 ? 81  PHE A CG    1 
ATOM   526  C CD1   . PHE A 1 81  ? -2.884  -9.651  14.613  1.00 20.57 ? 81  PHE A CD1   1 
ATOM   527  C CD2   . PHE A 1 81  ? -2.763  -7.641  15.891  1.00 20.01 ? 81  PHE A CD2   1 
ATOM   528  C CE1   . PHE A 1 81  ? -2.325  -10.354 15.662  1.00 21.67 ? 81  PHE A CE1   1 
ATOM   529  C CE2   . PHE A 1 81  ? -2.203  -8.342  16.945  1.00 20.44 ? 81  PHE A CE2   1 
ATOM   530  C CZ    . PHE A 1 81  ? -1.985  -9.699  16.829  1.00 21.13 ? 81  PHE A CZ    1 
ATOM   531  N N     . ALA A 1 82  ? -6.787  -9.159  14.442  1.00 17.54 ? 82  ALA A N     1 
ATOM   532  C CA    . ALA A 1 82  ? -7.960  -9.175  15.314  1.00 17.95 ? 82  ALA A CA    1 
ATOM   533  C C     . ALA A 1 82  ? -7.679  -9.004  16.794  1.00 17.88 ? 82  ALA A C     1 
ATOM   534  O O     . ALA A 1 82  ? -8.593  -8.712  17.553  1.00 17.27 ? 82  ALA A O     1 
ATOM   535  C CB    . ALA A 1 82  ? -8.783  -10.450 15.086  1.00 17.52 ? 82  ALA A CB    1 
ATOM   536  N N     . LYS A 1 83  ? -6.430  -9.204  17.206  1.00 18.64 ? 83  LYS A N     1 
ATOM   537  C CA    . LYS A 1 83  ? -6.092  -9.083  18.619  1.00 19.58 ? 83  LYS A CA    1 
ATOM   538  C C     . LYS A 1 83  ? -5.702  -7.640  18.914  1.00 20.28 ? 83  LYS A C     1 
ATOM   539  O O     . LYS A 1 83  ? -4.555  -7.328  19.260  1.00 20.73 ? 83  LYS A O     1 
ATOM   540  C CB    . LYS A 1 83  ? -4.976  -10.046 19.007  1.00 19.75 ? 83  LYS A CB    1 
ATOM   541  C CG    . LYS A 1 83  ? -4.849  -10.224 20.498  1.00 20.64 ? 83  LYS A CG    1 
ATOM   542  C CD    . LYS A 1 83  ? -3.630  -11.045 20.851  1.00 23.62 ? 83  LYS A CD    1 
ATOM   543  C CE    . LYS A 1 83  ? -3.390  -11.001 22.336  1.00 23.94 ? 83  LYS A CE    1 
ATOM   544  N NZ    . LYS A 1 83  ? -2.137  -11.699 22.706  1.00 26.93 ? 83  LYS A NZ    1 
ATOM   545  N N     . VAL A 1 84  ? -6.683  -6.764  18.731  1.00 20.10 ? 84  VAL A N     1 
ATOM   546  C CA    . VAL A 1 84  ? -6.532  -5.332  18.903  1.00 19.89 ? 84  VAL A CA    1 
ATOM   547  C C     . VAL A 1 84  ? -7.778  -4.881  19.671  1.00 18.78 ? 84  VAL A C     1 
ATOM   548  O O     . VAL A 1 84  ? -8.827  -5.524  19.579  1.00 19.09 ? 84  VAL A O     1 
ATOM   549  C CB    . VAL A 1 84  ? -6.447  -4.638  17.521  1.00 20.21 ? 84  VAL A CB    1 
ATOM   550  C CG1   . VAL A 1 84  ? -7.779  -4.754  16.747  1.00 20.71 ? 84  VAL A CG1   1 
ATOM   551  C CG2   . VAL A 1 84  ? -6.027  -3.199  17.656  1.00 21.70 ? 84  VAL A CG2   1 
ATOM   552  N N     . SER A 1 85  ? -7.657  -3.814  20.453  1.00 17.23 ? 85  SER A N     1 
ATOM   553  C CA    . SER A 1 85  ? -8.782  -3.326  21.242  1.00 15.53 ? 85  SER A CA    1 
ATOM   554  C C     . SER A 1 85  ? -9.818  -2.708  20.322  1.00 14.35 ? 85  SER A C     1 
ATOM   555  O O     . SER A 1 85  ? -9.508  -2.284  19.216  1.00 13.75 ? 85  SER A O     1 
ATOM   556  C CB    . SER A 1 85  ? -8.327  -2.280  22.258  1.00 15.79 ? 85  SER A CB    1 
ATOM   557  O OG    . SER A 1 85  ? -8.036  -1.061  21.605  1.00 14.73 ? 85  SER A OG    1 
ATOM   558  N N     . LYS A 1 86  ? -11.054 -2.661  20.788  1.00 13.40 ? 86  LYS A N     1 
ATOM   559  C CA    . LYS A 1 86  ? -12.103 -2.062  19.993  1.00 12.40 ? 86  LYS A CA    1 
ATOM   560  C C     . LYS A 1 86  ? -11.762 -0.589  19.754  1.00 11.63 ? 86  LYS A C     1 
ATOM   561  O O     . LYS A 1 86  ? -11.979 -0.083  18.668  1.00 11.18 ? 86  LYS A O     1 
ATOM   562  C CB    . LYS A 1 86  ? -13.455 -2.228  20.690  1.00 12.20 ? 86  LYS A CB    1 
ATOM   563  C CG    . LYS A 1 86  ? -14.003 -3.651  20.635  1.00 12.36 ? 86  LYS A CG    1 
ATOM   564  C CD    . LYS A 1 86  ? -15.205 -3.798  21.552  1.00 12.67 ? 86  LYS A CD    1 
ATOM   565  C CE    . LYS A 1 86  ? -15.758 -5.216  21.569  1.00 13.55 ? 86  LYS A CE    1 
ATOM   566  N NZ    . LYS A 1 86  ? -16.828 -5.359  22.601  1.00 14.79 ? 86  LYS A NZ    1 
ATOM   567  N N     . SER A 1 87  ? -11.214 0.093   20.762  1.00 11.42 ? 87  SER A N     1 
ATOM   568  C CA    . SER A 1 87  ? -10.860 1.499   20.579  1.00 11.96 ? 87  SER A CA    1 
ATOM   569  C C     . SER A 1 87  ? -9.778  1.700   19.516  1.00 12.02 ? 87  SER A C     1 
ATOM   570  O O     . SER A 1 87  ? -9.812  2.667   18.756  1.00 10.99 ? 87  SER A O     1 
ATOM   571  C CB    . SER A 1 87  ? -10.473 2.171   21.892  1.00 12.59 ? 87  SER A CB    1 
ATOM   572  O OG    . SER A 1 87  ? -9.427  1.471   22.536  1.00 15.94 ? 87  SER A OG    1 
ATOM   573  N N     . GLU A 1 88  ? -8.835  0.768   19.447  1.00 12.19 ? 88  GLU A N     1 
ATOM   574  C CA    . GLU A 1 88  ? -7.771  0.860   18.464  1.00 13.05 ? 88  GLU A CA    1 
ATOM   575  C C     . GLU A 1 88  ? -8.331  0.652   17.071  1.00 12.94 ? 88  GLU A C     1 
ATOM   576  O O     . GLU A 1 88  ? -7.966  1.360   16.129  1.00 12.66 ? 88  GLU A O     1 
ATOM   577  C CB    . GLU A 1 88  ? -6.645  -0.127  18.791  1.00 13.50 ? 88  GLU A CB    1 
ATOM   578  C CG    . GLU A 1 88  ? -6.105  0.094   20.199  1.00 17.47 ? 88  GLU A CG    1 
ATOM   579  C CD    . GLU A 1 88  ? -4.967  -0.823  20.589  1.00 21.78 ? 88  GLU A CD    1 
ATOM   580  O OE1   . GLU A 1 88  ? -5.186  -2.059  20.730  1.00 21.66 ? 88  GLU A OE1   1 
ATOM   581  O OE2   . GLU A 1 88  ? -3.854  -0.280  20.778  1.00 25.03 ? 88  GLU A OE2   1 
ATOM   582  N N     . ARG A 1 89  ? -9.243  -0.303  16.934  1.00 12.90 ? 89  ARG A N     1 
ATOM   583  C CA    . ARG A 1 89  ? -9.847  -0.543  15.631  1.00 13.08 ? 89  ARG A CA    1 
ATOM   584  C C     . ARG A 1 89  ? -10.617 0.698   15.165  1.00 12.19 ? 89  ARG A C     1 
ATOM   585  O O     . ARG A 1 89  ? -10.546 1.078   13.990  1.00 11.35 ? 89  ARG A O     1 
ATOM   586  C CB    . ARG A 1 89  ? -10.788 -1.750  15.675  1.00 13.97 ? 89  ARG A CB    1 
ATOM   587  C CG    . ARG A 1 89  ? -11.452 -2.038  14.325  1.00 18.32 ? 89  ARG A CG    1 
ATOM   588  C CD    . ARG A 1 89  ? -12.215 -3.369  14.282  1.00 25.91 ? 89  ARG A CD    1 
ATOM   589  N NE    . ARG A 1 89  ? -12.292 -3.917  12.925  1.00 31.45 ? 89  ARG A NE    1 
ATOM   590  C CZ    . ARG A 1 89  ? -12.786 -5.115  12.618  1.00 33.72 ? 89  ARG A CZ    1 
ATOM   591  N NH1   . ARG A 1 89  ? -12.820 -5.510  11.350  1.00 34.94 ? 89  ARG A NH1   1 
ATOM   592  N NH2   . ARG A 1 89  ? -13.249 -5.920  13.573  1.00 34.48 ? 89  ARG A NH2   1 
ATOM   593  N N     . GLU A 1 90  ? -11.349 1.313   16.093  1.00 11.10 ? 90  GLU A N     1 
ATOM   594  C CA    . GLU A 1 90  ? -12.166 2.488   15.793  1.00 11.30 ? 90  GLU A CA    1 
ATOM   595  C C     . GLU A 1 90  ? -11.266 3.630   15.357  1.00 10.44 ? 90  GLU A C     1 
ATOM   596  O O     . GLU A 1 90  ? -11.541 4.310   14.378  1.00 10.33 ? 90  GLU A O     1 
ATOM   597  C CB    . GLU A 1 90  ? -12.919 2.937   17.044  1.00 11.64 ? 90  GLU A CB    1 
ATOM   598  C CG    . GLU A 1 90  ? -14.416 3.191   16.917  1.00 15.44 ? 90  GLU A CG    1 
ATOM   599  C CD    . GLU A 1 90  ? -14.863 3.964   15.685  1.00 18.45 ? 90  GLU A CD    1 
ATOM   600  O OE1   . GLU A 1 90  ? -14.619 5.192   15.593  1.00 19.61 ? 90  GLU A OE1   1 
ATOM   601  O OE2   . GLU A 1 90  ? -15.533 3.345   14.831  1.00 19.21 ? 90  GLU A OE2   1 
ATOM   602  N N     . ALA A 1 91  ? -10.205 3.851   16.119  1.00 10.30 ? 91  ALA A N     1 
ATOM   603  C CA    . ALA A 1 91  ? -9.243  4.908   15.823  1.00 10.69 ? 91  ALA A CA    1 
ATOM   604  C C     . ALA A 1 91  ? -8.632  4.673   14.441  1.00 11.19 ? 91  ALA A C     1 
ATOM   605  O O     . ALA A 1 91  ? -8.488  5.604   13.637  1.00 11.36 ? 91  ALA A O     1 
ATOM   606  C CB    . ALA A 1 91  ? -8.156  4.943   16.891  1.00 10.75 ? 91  ALA A CB    1 
ATOM   607  N N     . TRP A 1 92  ? -8.295  3.422   14.157  1.00 11.29 ? 92  TRP A N     1 
ATOM   608  C CA    . TRP A 1 92  ? -7.711  3.079   12.858  1.00 11.80 ? 92  TRP A CA    1 
ATOM   609  C C     . TRP A 1 92  ? -8.694  3.434   11.741  1.00 11.81 ? 92  TRP A C     1 
ATOM   610  O O     . TRP A 1 92  ? -8.314  4.037   10.749  1.00 12.45 ? 92  TRP A O     1 
ATOM   611  C CB    . TRP A 1 92  ? -7.291  1.599   12.808  1.00 11.32 ? 92  TRP A CB    1 
ATOM   612  C CG    . TRP A 1 92  ? -6.589  1.234   11.535  1.00 11.77 ? 92  TRP A CG    1 
ATOM   613  C CD1   . TRP A 1 92  ? -5.238  1.231   11.304  1.00 11.55 ? 92  TRP A CD1   1 
ATOM   614  C CD2   . TRP A 1 92  ? -7.203  0.846   10.307  1.00 11.24 ? 92  TRP A CD2   1 
ATOM   615  N NE1   . TRP A 1 92  ? -4.982  0.850   10.006  1.00 11.18 ? 92  TRP A NE1   1 
ATOM   616  C CE2   . TRP A 1 92  ? -6.174  0.630   9.367   1.00 12.14 ? 92  TRP A CE2   1 
ATOM   617  C CE3   . TRP A 1 92  ? -8.527  0.667   9.898   1.00 13.69 ? 92  TRP A CE3   1 
ATOM   618  C CZ2   . TRP A 1 92  ? -6.426  0.232   8.060   1.00 12.54 ? 92  TRP A CZ2   1 
ATOM   619  C CZ3   . TRP A 1 92  ? -8.772  0.269   8.584   1.00 14.49 ? 92  TRP A CZ3   1 
ATOM   620  C CH2   . TRP A 1 92  ? -7.732  0.050   7.695   1.00 14.28 ? 92  TRP A CH2   1 
ATOM   621  N N     . GLY A 1 93  ? -9.965  3.084   11.917  1.00 12.51 ? 93  GLY A N     1 
ATOM   622  C CA    . GLY A 1 93  ? -10.989 3.397   10.928  1.00 12.52 ? 93  GLY A CA    1 
ATOM   623  C C     . GLY A 1 93  ? -11.162 4.891   10.658  1.00 13.33 ? 93  GLY A C     1 
ATOM   624  O O     . GLY A 1 93  ? -11.274 5.325   9.501   1.00 13.00 ? 93  GLY A O     1 
ATOM   625  N N     . ARG A 1 94  ? -11.216 5.681   11.722  1.00 13.51 ? 94  ARG A N     1 
ATOM   626  C CA    . ARG A 1 94  ? -11.324 7.129   11.578  1.00 14.93 ? 94  ARG A CA    1 
ATOM   627  C C     . ARG A 1 94  ? -10.129 7.680   10.828  1.00 14.94 ? 94  ARG A C     1 
ATOM   628  O O     . ARG A 1 94  ? -10.283 8.468   9.900   1.00 14.65 ? 94  ARG A O     1 
ATOM   629  C CB    . ARG A 1 94  ? -11.369 7.822   12.936  1.00 15.28 ? 94  ARG A CB    1 
ATOM   630  C CG    . ARG A 1 94  ? -12.726 7.845   13.596  1.00 19.45 ? 94  ARG A CG    1 
ATOM   631  C CD    . ARG A 1 94  ? -12.903 6.744   14.595  1.00 25.79 ? 94  ARG A CD    1 
ATOM   632  N NE    . ARG A 1 94  ? -11.882 6.749   15.644  1.00 29.27 ? 94  ARG A NE    1 
ATOM   633  C CZ    . ARG A 1 94  ? -11.801 7.655   16.613  1.00 29.93 ? 94  ARG A CZ    1 
ATOM   634  N NH1   . ARG A 1 94  ? -12.676 8.649   16.668  1.00 31.97 ? 94  ARG A NH1   1 
ATOM   635  N NH2   . ARG A 1 94  ? -10.841 7.575   17.528  1.00 29.17 ? 94  ARG A NH2   1 
ATOM   636  N N     . MET A 1 95  ? -8.939  7.279   11.269  1.00 15.65 ? 95  MET A N     1 
ATOM   637  C CA    . MET A 1 95  ? -7.686  7.749   10.697  1.00 16.76 ? 95  MET A CA    1 
ATOM   638  C C     . MET A 1 95  ? -7.656  7.539   9.197   1.00 17.25 ? 95  MET A C     1 
ATOM   639  O O     . MET A 1 95  ? -7.414  8.484   8.443   1.00 17.15 ? 95  MET A O     1 
ATOM   640  C CB    . MET A 1 95  ? -6.500  7.037   11.349  1.00 17.36 ? 95  MET A CB    1 
ATOM   641  C CG    . MET A 1 95  ? -5.179  7.766   11.195  1.00 20.56 ? 95  MET A CG    1 
ATOM   642  S SD    . MET A 1 95  ? -3.879  7.099   12.261  1.00 27.86 ? 95  MET A SD    1 
ATOM   643  C CE    . MET A 1 95  ? -3.628  5.533   11.460  1.00 22.69 ? 95  MET A CE    1 
ATOM   644  N N     . ILE A 1 96  ? -7.906  6.307   8.748   1.00 17.33 ? 96  ILE A N     1 
ATOM   645  C CA    . ILE A 1 96  ? -7.827  6.039   7.317   1.00 17.66 ? 96  ILE A CA    1 
ATOM   646  C C     . ILE A 1 96  ? -8.969  6.697   6.544   1.00 17.66 ? 96  ILE A C     1 
ATOM   647  O O     . ILE A 1 96  ? -8.739  7.200   5.444   1.00 18.06 ? 96  ILE A O     1 
ATOM   648  C CB    . ILE A 1 96  ? -7.708  4.532   6.999   1.00 17.84 ? 96  ILE A CB    1 
ATOM   649  C CG1   . ILE A 1 96  ? -7.342  4.321   5.527   1.00 19.02 ? 96  ILE A CG1   1 
ATOM   650  C CG2   . ILE A 1 96  ? -9.000  3.804   7.307   1.00 18.07 ? 96  ILE A CG2   1 
ATOM   651  C CD1   . ILE A 1 96  ? -5.940  4.779   5.169   1.00 20.31 ? 96  ILE A CD1   1 
ATOM   652  N N     . GLU A 1 97  ? -10.183 6.700   7.101   1.00 17.09 ? 97  GLU A N     1 
ATOM   653  C CA    . GLU A 1 97  ? -11.310 7.351   6.433   1.00 16.93 ? 97  GLU A CA    1 
ATOM   654  C C     . GLU A 1 97  ? -11.024 8.847   6.253   1.00 15.59 ? 97  GLU A C     1 
ATOM   655  O O     . GLU A 1 97  ? -11.239 9.400   5.174   1.00 14.89 ? 97  GLU A O     1 
ATOM   656  C CB    . GLU A 1 97  ? -12.631 7.137   7.183   1.00 17.54 ? 97  GLU A CB    1 
ATOM   657  C CG    . GLU A 1 97  ? -13.377 5.840   6.851   1.00 22.28 ? 97  GLU A CG    1 
ATOM   658  C CD    . GLU A 1 97  ? -14.606 6.047   5.961   1.00 26.85 ? 97  GLU A CD    1 
ATOM   659  O OE1   . GLU A 1 97  ? -15.264 5.042   5.612   1.00 29.33 ? 97  GLU A OE1   1 
ATOM   660  O OE2   . GLU A 1 97  ? -14.925 7.204   5.615   1.00 28.43 ? 97  GLU A OE2   1 
ATOM   661  N N     . THR A 1 98  ? -10.531 9.496   7.307   1.00 14.24 ? 98  THR A N     1 
ATOM   662  C CA    . THR A 1 98  ? -10.175 10.924  7.238   1.00 13.08 ? 98  THR A CA    1 
ATOM   663  C C     . THR A 1 98  ? -9.136  11.179  6.142   1.00 12.50 ? 98  THR A C     1 
ATOM   664  O O     . THR A 1 98  ? -9.314  12.035  5.266   1.00 11.70 ? 98  THR A O     1 
ATOM   665  C CB    . THR A 1 98  ? -9.611  11.394  8.596   1.00 12.66 ? 98  THR A CB    1 
ATOM   666  O OG1   . THR A 1 98  ? -10.671 11.446  9.555   1.00 12.39 ? 98  THR A OG1   1 
ATOM   667  C CG2   . THR A 1 98  ? -9.131  12.839  8.515   1.00 13.32 ? 98  THR A CG2   1 
ATOM   668  N N     . TYR A 1 99  ? -8.050  10.421  6.204   1.00 11.58 ? 99  TYR A N     1 
ATOM   669  C CA    . TYR A 1 99  ? -6.966  10.578  5.253   1.00 11.89 ? 99  TYR A CA    1 
ATOM   670  C C     . TYR A 1 99  ? -7.449  10.392  3.817   1.00 11.72 ? 99  TYR A C     1 
ATOM   671  O O     . TYR A 1 99  ? -7.287  11.267  2.988   1.00 11.83 ? 99  TYR A O     1 
ATOM   672  C CB    . TYR A 1 99  ? -5.808  9.619   5.565   1.00 11.04 ? 99  TYR A CB    1 
ATOM   673  C CG    . TYR A 1 99  ? -4.677  9.771   4.574   1.00 11.43 ? 99  TYR A CG    1 
ATOM   674  C CD1   . TYR A 1 99  ? -4.560  8.912   3.491   1.00 11.54 ? 99  TYR A CD1   1 
ATOM   675  C CD2   . TYR A 1 99  ? -3.754  10.792  4.699   1.00 10.50 ? 99  TYR A CD2   1 
ATOM   676  C CE1   . TYR A 1 99  ? -3.557  9.060   2.571   1.00 10.73 ? 99  TYR A CE1   1 
ATOM   677  C CE2   . TYR A 1 99  ? -2.728  10.948  3.773   1.00 11.85 ? 99  TYR A CE2   1 
ATOM   678  C CZ    . TYR A 1 99  ? -2.641  10.074  2.709   1.00 11.21 ? 99  TYR A CZ    1 
ATOM   679  O OH    . TYR A 1 99  ? -1.643  10.203  1.772   1.00 9.75  ? 99  TYR A OH    1 
ATOM   680  N N     . ILE A 1 100 ? -8.053  9.248   3.535   1.00 12.13 ? 100 ILE A N     1 
ATOM   681  C CA    . ILE A 1 100 ? -8.515  8.942   2.182   1.00 12.29 ? 100 ILE A CA    1 
ATOM   682  C C     . ILE A 1 100 ? -9.479  10.002  1.624   1.00 12.29 ? 100 ILE A C     1 
ATOM   683  O O     . ILE A 1 100 ? -9.374  10.392  0.468   1.00 12.10 ? 100 ILE A O     1 
ATOM   684  C CB    . ILE A 1 100 ? -9.178  7.541   2.152   1.00 11.92 ? 100 ILE A CB    1 
ATOM   685  C CG1   . ILE A 1 100 ? -8.149  6.459   2.487   1.00 11.62 ? 100 ILE A CG1   1 
ATOM   686  C CG2   . ILE A 1 100 ? -9.845  7.282   0.807   1.00 11.88 ? 100 ILE A CG2   1 
ATOM   687  C CD1   . ILE A 1 100 ? -6.995  6.343   1.489   1.00 12.55 ? 100 ILE A CD1   1 
ATOM   688  N N     . THR A 1 101 ? -10.403 10.483  2.450   1.00 12.67 ? 101 THR A N     1 
ATOM   689  C CA    . THR A 1 101 ? -11.419 11.417  1.962   1.00 13.02 ? 101 THR A CA    1 
ATOM   690  C C     . THR A 1 101 ? -11.005 12.888  1.879   1.00 13.10 ? 101 THR A C     1 
ATOM   691  O O     . THR A 1 101 ? -11.674 13.677  1.202   1.00 13.69 ? 101 THR A O     1 
ATOM   692  C CB    . THR A 1 101 ? -12.740 11.291  2.774   1.00 13.15 ? 101 THR A CB    1 
ATOM   693  O OG1   . THR A 1 101 ? -12.507 11.594  4.156   1.00 12.35 ? 101 THR A OG1   1 
ATOM   694  C CG2   . THR A 1 101 ? -13.223 9.857   2.798   1.00 13.33 ? 101 THR A CG2   1 
ATOM   695  N N     . THR A 1 102 ? -9.928  13.272  2.552   1.00 12.79 ? 102 THR A N     1 
ATOM   696  C CA    . THR A 1 102 ? -9.557  14.687  2.572   1.00 12.65 ? 102 THR A CA    1 
ATOM   697  C C     . THR A 1 102 ? -8.217  15.015  1.965   1.00 12.18 ? 102 THR A C     1 
ATOM   698  O O     . THR A 1 102 ? -7.930  16.168  1.705   1.00 12.06 ? 102 THR A O     1 
ATOM   699  C CB    . THR A 1 102 ? -9.551  15.240  4.016   1.00 12.56 ? 102 THR A CB    1 
ATOM   700  O OG1   . THR A 1 102 ? -8.543  14.567  4.779   1.00 12.53 ? 102 THR A OG1   1 
ATOM   701  C CG2   . THR A 1 102 ? -10.837 14.920  4.730   1.00 13.66 ? 102 THR A CG2   1 
ATOM   702  N N     . ARG A 1 103 ? -7.377  14.018  1.746   1.00 12.39 ? 103 ARG A N     1 
ATOM   703  C CA    . ARG A 1 103 ? -6.031  14.321  1.268   1.00 12.16 ? 103 ARG A CA    1 
ATOM   704  C C     . ARG A 1 103 ? -5.957  14.536  -0.242  1.00 12.38 ? 103 ARG A C     1 
ATOM   705  O O     . ARG A 1 103 ? -6.071  13.584  -0.998  1.00 12.62 ? 103 ARG A O     1 
ATOM   706  C CB    . ARG A 1 103 ? -5.060  13.216  1.690   1.00 11.82 ? 103 ARG A CB    1 
ATOM   707  C CG    . ARG A 1 103 ? -3.624  13.651  1.691   1.00 11.36 ? 103 ARG A CG    1 
ATOM   708  C CD    . ARG A 1 103 ? -3.330  14.750  2.714   1.00 12.32 ? 103 ARG A CD    1 
ATOM   709  N NE    . ARG A 1 103 ? -1.898  14.947  2.909   1.00 12.89 ? 103 ARG A NE    1 
ATOM   710  C CZ    . ARG A 1 103 ? -1.361  16.028  3.471   1.00 14.78 ? 103 ARG A CZ    1 
ATOM   711  N NH1   . ARG A 1 103 ? -0.045  16.108  3.616   1.00 13.92 ? 103 ARG A NH1   1 
ATOM   712  N NH2   . ARG A 1 103 ? -2.138  17.023  3.897   1.00 13.86 ? 103 ARG A NH2   1 
ATOM   713  N N     . GLU A 1 104 ? -5.747  15.783  -0.664  1.00 12.73 ? 104 GLU A N     1 
ATOM   714  C CA    . GLU A 1 104 ? -5.627  16.124  -2.089  1.00 13.27 ? 104 GLU A CA    1 
ATOM   715  C C     . GLU A 1 104 ? -4.330  15.596  -2.667  1.00 12.78 ? 104 GLU A C     1 
ATOM   716  O O     . GLU A 1 104 ? -4.244  15.276  -3.849  1.00 12.18 ? 104 GLU A O     1 
ATOM   717  C CB    . GLU A 1 104 ? -5.644  17.647  -2.290  1.00 13.78 ? 104 GLU A CB    1 
ATOM   718  C CG    . GLU A 1 104 ? -6.833  18.349  -1.665  1.00 17.14 ? 104 GLU A CG    1 
ATOM   719  C CD    . GLU A 1 104 ? -6.832  19.852  -1.904  1.00 20.52 ? 104 GLU A CD    1 
ATOM   720  O OE1   . GLU A 1 104 ? -5.744  20.478  -1.954  1.00 22.64 ? 104 GLU A OE1   1 
ATOM   721  O OE2   . GLU A 1 104 ? -7.936  20.416  -2.034  1.00 23.55 ? 104 GLU A OE2   1 
ATOM   722  N N     . GLU A 1 105 ? -3.309  15.527  -1.818  1.00 12.36 ? 105 GLU A N     1 
ATOM   723  C CA    . GLU A 1 105 ? -1.987  15.077  -2.232  1.00 12.14 ? 105 GLU A CA    1 
ATOM   724  C C     . GLU A 1 105 ? -1.933  13.584  -2.580  1.00 11.88 ? 105 GLU A C     1 
ATOM   725  O O     . GLU A 1 105 ? -1.007  13.127  -3.260  1.00 11.54 ? 105 GLU A O     1 
ATOM   726  C CB    . GLU A 1 105 ? -0.970  15.383  -1.136  1.00 12.31 ? 105 GLU A CB    1 
ATOM   727  C CG    . GLU A 1 105 ? -0.741  16.868  -0.892  1.00 14.56 ? 105 GLU A CG    1 
ATOM   728  C CD    . GLU A 1 105 ? -1.610  17.456  0.212   1.00 16.08 ? 105 GLU A CD    1 
ATOM   729  O OE1   . GLU A 1 105 ? -2.755  16.992  0.411   1.00 15.49 ? 105 GLU A OE1   1 
ATOM   730  O OE2   . GLU A 1 105 ? -1.133  18.401  0.882   1.00 17.74 ? 105 GLU A OE2   1 
ATOM   731  N N     . LEU A 1 106 ? -2.911  12.819  -2.113  1.00 11.04 ? 106 LEU A N     1 
ATOM   732  C CA    . LEU A 1 106 ? -2.905  11.388  -2.380  1.00 11.26 ? 106 LEU A CA    1 
ATOM   733  C C     . LEU A 1 106 ? -3.125  11.050  -3.868  1.00 11.16 ? 106 LEU A C     1 
ATOM   734  O O     . LEU A 1 106 ? -4.137  11.413  -4.441  1.00 10.46 ? 106 LEU A O     1 
ATOM   735  C CB    . LEU A 1 106 ? -3.945  10.674  -1.513  1.00 11.11 ? 106 LEU A CB    1 
ATOM   736  C CG    . LEU A 1 106 ? -4.063  9.168   -1.763  1.00 11.89 ? 106 LEU A CG    1 
ATOM   737  C CD1   . LEU A 1 106 ? -2.831  8.398   -1.221  1.00 11.04 ? 106 LEU A CD1   1 
ATOM   738  C CD2   . LEU A 1 106 ? -5.348  8.623   -1.150  1.00 12.95 ? 106 LEU A CD2   1 
ATOM   739  N N     . LYS A 1 107 ? -2.178  10.341  -4.477  1.00 11.23 ? 107 LYS A N     1 
ATOM   740  C CA    . LYS A 1 107 ? -2.295  9.966   -5.886  1.00 11.66 ? 107 LYS A CA    1 
ATOM   741  C C     . LYS A 1 107 ? -2.661  8.494   -6.059  1.00 11.56 ? 107 LYS A C     1 
ATOM   742  O O     . LYS A 1 107 ? -3.272  8.123   -7.043  1.00 12.12 ? 107 LYS A O     1 
ATOM   743  C CB    . LYS A 1 107 ? -0.995  10.258  -6.629  1.00 12.01 ? 107 LYS A CB    1 
ATOM   744  C CG    . LYS A 1 107 ? -0.452  11.663  -6.354  1.00 13.17 ? 107 LYS A CG    1 
ATOM   745  C CD    . LYS A 1 107 ? -1.429  12.738  -6.804  1.00 16.67 ? 107 LYS A CD    1 
ATOM   746  C CE    . LYS A 1 107 ? -0.891  14.140  -6.475  1.00 19.40 ? 107 LYS A CE    1 
ATOM   747  N NZ    . LYS A 1 107 ? -1.937  15.230  -6.519  1.00 21.41 ? 107 LYS A NZ    1 
ATOM   748  N N     . ALA A 1 108 ? -2.298  7.663   -5.097  1.00 11.21 ? 108 ALA A N     1 
ATOM   749  C CA    . ALA A 1 108 ? -2.619  6.249   -5.185  1.00 11.34 ? 108 ALA A CA    1 
ATOM   750  C C     . ALA A 1 108 ? -2.357  5.523   -3.874  1.00 11.14 ? 108 ALA A C     1 
ATOM   751  O O     . ALA A 1 108 ? -1.576  5.969   -3.036  1.00 10.57 ? 108 ALA A O     1 
ATOM   752  C CB    . ALA A 1 108 ? -1.805  5.594   -6.303  1.00 11.69 ? 108 ALA A CB    1 
ATOM   753  N N     . VAL A 1 109 ? -3.013  4.383   -3.707  1.00 10.72 ? 109 VAL A N     1 
ATOM   754  C CA    . VAL A 1 109 ? -2.721  3.531   -2.581  1.00 10.50 ? 109 VAL A CA    1 
ATOM   755  C C     . VAL A 1 109 ? -2.153  2.235   -3.120  1.00 10.81 ? 109 VAL A C     1 
ATOM   756  O O     . VAL A 1 109 ? -2.698  1.654   -4.059  1.00 11.12 ? 109 VAL A O     1 
ATOM   757  C CB    . VAL A 1 109 ? -3.983  3.214   -1.744  1.00 10.98 ? 109 VAL A CB    1 
ATOM   758  C CG1   . VAL A 1 109 ? -3.686  2.118   -0.711  1.00 9.34  ? 109 VAL A CG1   1 
ATOM   759  C CG2   . VAL A 1 109 ? -4.519  4.475   -1.050  1.00 9.77  ? 109 VAL A CG2   1 
ATOM   760  N N     . VAL A 1 110 ? -1.035  1.805   -2.548  1.00 10.85 ? 110 VAL A N     1 
ATOM   761  C CA    . VAL A 1 110 ? -0.479  0.513   -2.851  1.00 10.47 ? 110 VAL A CA    1 
ATOM   762  C C     . VAL A 1 110 ? -1.101  -0.444  -1.833  1.00 11.06 ? 110 VAL A C     1 
ATOM   763  O O     . VAL A 1 110 ? -0.872  -0.333  -0.625  1.00 10.69 ? 110 VAL A O     1 
ATOM   764  C CB    . VAL A 1 110 ? 1.042   0.483   -2.683  1.00 10.55 ? 110 VAL A CB    1 
ATOM   765  C CG1   . VAL A 1 110 ? 1.567   -0.929  -2.931  1.00 11.00 ? 110 VAL A CG1   1 
ATOM   766  C CG2   . VAL A 1 110 ? 1.725   1.470   -3.604  1.00 10.30 ? 110 VAL A CG2   1 
ATOM   767  N N     . GLN A 1 111 ? -1.932  -1.353  -2.306  1.00 10.82 ? 111 GLN A N     1 
ATOM   768  C CA    . GLN A 1 111 ? -2.543  -2.308  -1.398  1.00 11.16 ? 111 GLN A CA    1 
ATOM   769  C C     . GLN A 1 111 ? -1.758  -3.604  -1.525  1.00 10.71 ? 111 GLN A C     1 
ATOM   770  O O     . GLN A 1 111 ? -1.694  -4.171  -2.592  1.00 11.57 ? 111 GLN A O     1 
ATOM   771  C CB    . GLN A 1 111 ? -4.022  -2.541  -1.744  1.00 10.56 ? 111 GLN A CB    1 
ATOM   772  C CG    . GLN A 1 111 ? -4.652  -3.531  -0.786  1.00 11.04 ? 111 GLN A CG    1 
ATOM   773  C CD    . GLN A 1 111 ? -6.143  -3.751  -0.999  1.00 12.48 ? 111 GLN A CD    1 
ATOM   774  O OE1   . GLN A 1 111 ? -6.727  -3.300  -1.982  1.00 12.28 ? 111 GLN A OE1   1 
ATOM   775  N NE2   . GLN A 1 111 ? -6.760  -4.436  -0.055  1.00 12.38 ? 111 GLN A NE2   1 
ATOM   776  N N     . ILE A 1 112 ? -1.172  -4.073  -0.439  1.00 11.15 ? 112 ILE A N     1 
ATOM   777  C CA    . ILE A 1 112 ? -0.316  -5.253  -0.500  1.00 11.65 ? 112 ILE A CA    1 
ATOM   778  C C     . ILE A 1 112 ? -1.017  -6.477  0.054   1.00 11.32 ? 112 ILE A C     1 
ATOM   779  O O     . ILE A 1 112 ? -1.502  -6.450  1.176   1.00 11.57 ? 112 ILE A O     1 
ATOM   780  C CB    . ILE A 1 112 ? 0.981   -5.022  0.304   1.00 11.64 ? 112 ILE A CB    1 
ATOM   781  C CG1   . ILE A 1 112 ? 1.714   -3.790  -0.219  1.00 12.56 ? 112 ILE A CG1   1 
ATOM   782  C CG2   . ILE A 1 112 ? 1.888   -6.261  0.227   1.00 10.84 ? 112 ILE A CG2   1 
ATOM   783  C CD1   . ILE A 1 112 ? 2.702   -3.202  0.772   1.00 16.17 ? 112 ILE A CD1   1 
ATOM   784  N N     . VAL A 1 113 ? -1.043  -7.544  -0.734  1.00 10.92 ? 113 VAL A N     1 
ATOM   785  C CA    . VAL A 1 113 ? -1.666  -8.798  -0.332  1.00 11.10 ? 113 VAL A CA    1 
ATOM   786  C C     . VAL A 1 113 ? -0.686  -9.950  -0.516  1.00 11.56 ? 113 VAL A C     1 
ATOM   787  O O     . VAL A 1 113 ? 0.324   -9.823  -1.206  1.00 11.18 ? 113 VAL A O     1 
ATOM   788  C CB    . VAL A 1 113 ? -2.948  -9.103  -1.138  1.00 10.73 ? 113 VAL A CB    1 
ATOM   789  C CG1   . VAL A 1 113 ? -3.977  -8.041  -0.899  1.00 10.55 ? 113 VAL A CG1   1 
ATOM   790  C CG2   . VAL A 1 113 ? -2.647  -9.248  -2.646  1.00 11.09 ? 113 VAL A CG2   1 
ATOM   791  N N     . ASP A 1 114 ? -0.998  -11.074 0.112   1.00 12.29 ? 114 ASP A N     1 
ATOM   792  C CA    . ASP A 1 114 ? -0.158  -12.270 0.070   1.00 12.97 ? 114 ASP A CA    1 
ATOM   793  C C     . ASP A 1 114 ? -0.511  -13.131 -1.145  1.00 13.05 ? 114 ASP A C     1 
ATOM   794  O O     . ASP A 1 114 ? -1.636  -13.632 -1.255  1.00 13.40 ? 114 ASP A O     1 
ATOM   795  C CB    . ASP A 1 114 ? -0.406  -13.046 1.364   1.00 13.41 ? 114 ASP A CB    1 
ATOM   796  C CG    . ASP A 1 114 ? 0.638   -14.112 1.639   1.00 15.61 ? 114 ASP A CG    1 
ATOM   797  O OD1   . ASP A 1 114 ? 1.235   -14.669 0.681   1.00 12.20 ? 114 ASP A OD1   1 
ATOM   798  O OD2   . ASP A 1 114 ? 0.897   -14.465 2.813   1.00 18.45 ? 114 ASP A OD2   1 
ATOM   799  N N     . LEU A 1 115 ? 0.435   -13.308 -2.067  1.00 12.08 ? 115 LEU A N     1 
ATOM   800  C CA    . LEU A 1 115 ? 0.148   -14.090 -3.261  1.00 12.19 ? 115 LEU A CA    1 
ATOM   801  C C     . LEU A 1 115 ? -0.242  -15.535 -2.915  1.00 12.03 ? 115 LEU A C     1 
ATOM   802  O O     . LEU A 1 115 ? -1.023  -16.148 -3.620  1.00 11.33 ? 115 LEU A O     1 
ATOM   803  C CB    . LEU A 1 115 ? 1.326   -14.050 -4.253  1.00 11.90 ? 115 LEU A CB    1 
ATOM   804  C CG    . LEU A 1 115 ? 1.096   -14.683 -5.637  1.00 12.25 ? 115 LEU A CG    1 
ATOM   805  C CD1   . LEU A 1 115 ? 0.089   -13.891 -6.443  1.00 10.88 ? 115 LEU A CD1   1 
ATOM   806  C CD2   . LEU A 1 115 ? 2.404   -14.789 -6.420  1.00 13.88 ? 115 LEU A CD2   1 
ATOM   807  N N     . ARG A 1 116 ? 0.285   -16.058 -1.815  1.00 12.30 ? 116 ARG A N     1 
ATOM   808  C CA    . ARG A 1 116 ? 0.016   -17.441 -1.425  1.00 13.33 ? 116 ARG A CA    1 
ATOM   809  C C     . ARG A 1 116 ? -1.451  -17.834 -1.285  1.00 13.22 ? 116 ARG A C     1 
ATOM   810  O O     . ARG A 1 116 ? -1.785  -18.981 -1.535  1.00 13.67 ? 116 ARG A O     1 
ATOM   811  C CB    . ARG A 1 116 ? 0.737   -17.814 -0.126  1.00 13.27 ? 116 ARG A CB    1 
ATOM   812  C CG    . ARG A 1 116 ? 2.250   -17.872 -0.246  1.00 14.72 ? 116 ARG A CG    1 
ATOM   813  C CD    . ARG A 1 116 ? 2.961   -18.031 1.089   1.00 14.64 ? 116 ARG A CD    1 
ATOM   814  N NE    . ARG A 1 116 ? 2.558   -17.014 2.055   1.00 14.36 ? 116 ARG A NE    1 
ATOM   815  C CZ    . ARG A 1 116 ? 2.768   -17.115 3.363   1.00 16.10 ? 116 ARG A CZ    1 
ATOM   816  N NH1   . ARG A 1 116 ? 3.375   -18.188 3.859   1.00 16.82 ? 116 ARG A NH1   1 
ATOM   817  N NH2   . ARG A 1 116 ? 2.375   -16.148 4.183   1.00 16.72 ? 116 ARG A NH2   1 
ATOM   818  N N     . HIS A 1 117 ? -2.311  -16.902 -0.886  1.00 13.17 ? 117 HIS A N     1 
ATOM   819  C CA    . HIS A 1 117 ? -3.702  -17.230 -0.592  1.00 13.68 ? 117 HIS A CA    1 
ATOM   820  C C     . HIS A 1 117 ? -4.673  -16.264 -1.244  1.00 13.14 ? 117 HIS A C     1 
ATOM   821  O O     . HIS A 1 117 ? -4.289  -15.190 -1.675  1.00 13.31 ? 117 HIS A O     1 
ATOM   822  C CB    . HIS A 1 117 ? -3.936  -17.189 0.928   1.00 14.13 ? 117 HIS A CB    1 
ATOM   823  C CG    . HIS A 1 117 ? -2.968  -18.020 1.717   1.00 15.77 ? 117 HIS A CG    1 
ATOM   824  N ND1   . HIS A 1 117 ? -3.027  -19.396 1.755   1.00 17.86 ? 117 HIS A ND1   1 
ATOM   825  C CD2   . HIS A 1 117 ? -1.920  -17.667 2.500   1.00 17.59 ? 117 HIS A CD2   1 
ATOM   826  C CE1   . HIS A 1 117 ? -2.048  -19.858 2.517   1.00 18.77 ? 117 HIS A CE1   1 
ATOM   827  N NE2   . HIS A 1 117 ? -1.362  -18.828 2.980   1.00 18.23 ? 117 HIS A NE2   1 
ATOM   828  N N     . ALA A 1 118 ? -5.940  -16.642 -1.310  1.00 12.99 ? 118 ALA A N     1 
ATOM   829  C CA    . ALA A 1 118 ? -6.957  -15.704 -1.770  1.00 12.48 ? 118 ALA A CA    1 
ATOM   830  C C     . ALA A 1 118 ? -6.948  -14.533 -0.800  1.00 12.32 ? 118 ALA A C     1 
ATOM   831  O O     . ALA A 1 118 ? -6.782  -14.740 0.403   1.00 11.69 ? 118 ALA A O     1 
ATOM   832  C CB    . ALA A 1 118 ? -8.319  -16.361 -1.753  1.00 12.82 ? 118 ALA A CB    1 
ATOM   833  N N     . PRO A 1 119 ? -7.100  -13.309 -1.308  1.00 11.87 ? 119 PRO A N     1 
ATOM   834  C CA    . PRO A 1 119 ? -7.228  -12.138 -0.443  1.00 11.86 ? 119 PRO A CA    1 
ATOM   835  C C     . PRO A 1 119 ? -8.347  -12.383 0.546   1.00 11.52 ? 119 PRO A C     1 
ATOM   836  O O     . PRO A 1 119 ? -9.291  -13.081 0.213   1.00 12.14 ? 119 PRO A O     1 
ATOM   837  C CB    . PRO A 1 119 ? -7.616  -11.032 -1.427  1.00 12.28 ? 119 PRO A CB    1 
ATOM   838  C CG    . PRO A 1 119 ? -6.910  -11.447 -2.699  1.00 11.71 ? 119 PRO A CG    1 
ATOM   839  C CD    . PRO A 1 119 ? -7.124  -12.943 -2.741  1.00 11.92 ? 119 PRO A CD    1 
ATOM   840  N N     . SER A 1 120 ? -8.230  -11.823 1.744   1.00 11.65 ? 120 SER A N     1 
ATOM   841  C CA    . SER A 1 120 ? -9.215  -11.992 2.803   1.00 10.59 ? 120 SER A CA    1 
ATOM   842  C C     . SER A 1 120 ? -10.394 -11.031 2.706   1.00 10.47 ? 120 SER A C     1 
ATOM   843  O O     . SER A 1 120 ? -10.376 -10.084 1.931   1.00 10.14 ? 120 SER A O     1 
ATOM   844  C CB    . SER A 1 120 ? -8.544  -11.749 4.147   1.00 11.51 ? 120 SER A CB    1 
ATOM   845  O OG    . SER A 1 120 ? -8.216  -10.372 4.314   1.00 10.20 ? 120 SER A OG    1 
ATOM   846  N N     . ASN A 1 121 ? -11.400 -11.258 3.546   1.00 9.34  ? 121 ASN A N     1 
ATOM   847  C CA    . ASN A 1 121 ? -12.524 -10.359 3.621   1.00 9.92  ? 121 ASN A CA    1 
ATOM   848  C C     . ASN A 1 121 ? -12.028 -8.938  3.935   1.00 10.01 ? 121 ASN A C     1 
ATOM   849  O O     . ASN A 1 121 ? -12.560 -7.992  3.387   1.00 8.89  ? 121 ASN A O     1 
ATOM   850  C CB    . ASN A 1 121 ? -13.568 -10.831 4.653   1.00 10.51 ? 121 ASN A CB    1 
ATOM   851  C CG    . ASN A 1 121 ? -14.440 -12.000 4.140   1.00 11.55 ? 121 ASN A CG    1 
ATOM   852  O OD1   . ASN A 1 121 ? -14.969 -12.796 4.930   1.00 15.26 ? 121 ASN A OD1   1 
ATOM   853  N ND2   . ASN A 1 121 ? -14.607 -12.085 2.846   1.00 8.95  ? 121 ASN A ND2   1 
ATOM   854  N N     . ASP A 1 122 ? -11.016 -8.806  4.805   1.00 10.22 ? 122 ASP A N     1 
ATOM   855  C CA    . ASP A 1 122 ? -10.438 -7.480  5.128   1.00 11.22 ? 122 ASP A CA    1 
ATOM   856  C C     . ASP A 1 122 ? -9.802  -6.813  3.902   1.00 10.03 ? 122 ASP A C     1 
ATOM   857  O O     . ASP A 1 122 ? -9.913  -5.597  3.723   1.00 9.87  ? 122 ASP A O     1 
ATOM   858  C CB    . ASP A 1 122 ? -9.379  -7.557  6.241   1.00 11.03 ? 122 ASP A CB    1 
ATOM   859  C CG    . ASP A 1 122 ? -9.918  -8.145  7.545   1.00 14.41 ? 122 ASP A CG    1 
ATOM   860  O OD1   . ASP A 1 122 ? -10.955 -7.682  8.055   1.00 15.02 ? 122 ASP A OD1   1 
ATOM   861  O OD2   . ASP A 1 122 ? -9.347  -9.082  8.131   1.00 17.19 ? 122 ASP A OD2   1 
ATOM   862  N N     . ASP A 1 123 ? -9.114  -7.605  3.080   1.00 9.60  ? 123 ASP A N     1 
ATOM   863  C CA    . ASP A 1 123 ? -8.498  -7.077  1.866   1.00 9.46  ? 123 ASP A CA    1 
ATOM   864  C C     . ASP A 1 123 ? -9.590  -6.567  0.928   1.00 9.24  ? 123 ASP A C     1 
ATOM   865  O O     . ASP A 1 123 ? -9.469  -5.482  0.355   1.00 9.17  ? 123 ASP A O     1 
ATOM   866  C CB    . ASP A 1 123 ? -7.701  -8.154  1.121   1.00 9.01  ? 123 ASP A CB    1 
ATOM   867  C CG    . ASP A 1 123 ? -6.424  -8.546  1.838   1.00 11.24 ? 123 ASP A CG    1 
ATOM   868  O OD1   . ASP A 1 123 ? -6.100  -9.748  1.762   1.00 9.43  ? 123 ASP A OD1   1 
ATOM   869  O OD2   . ASP A 1 123 ? -5.704  -7.735  2.489   1.00 8.52  ? 123 ASP A OD2   1 
ATOM   870  N N     . VAL A 1 124 ? -10.637 -7.374  0.757   1.00 9.04  ? 124 VAL A N     1 
ATOM   871  C CA    . VAL A 1 124 ? -11.736 -7.024  -0.145  1.00 9.34  ? 124 VAL A CA    1 
ATOM   872  C C     . VAL A 1 124 ? -12.410 -5.750  0.355   1.00 9.55  ? 124 VAL A C     1 
ATOM   873  O O     . VAL A 1 124 ? -12.700 -4.833  -0.414  1.00 9.14  ? 124 VAL A O     1 
ATOM   874  C CB    . VAL A 1 124 ? -12.762 -8.206  -0.324  1.00 9.63  ? 124 VAL A CB    1 
ATOM   875  C CG1   . VAL A 1 124 ? -14.054 -7.729  -1.035  1.00 10.14 ? 124 VAL A CG1   1 
ATOM   876  C CG2   . VAL A 1 124 ? -12.137 -9.358  -1.108  1.00 7.11  ? 124 VAL A CG2   1 
ATOM   877  N N     . GLN A 1 125 ? -12.618 -5.677  1.666   1.00 10.14 ? 125 GLN A N     1 
ATOM   878  C CA    . GLN A 1 125 ? -13.257 -4.514  2.249   1.00 11.56 ? 125 GLN A CA    1 
ATOM   879  C C     . GLN A 1 125 ? -12.429 -3.254  1.982   1.00 11.13 ? 125 GLN A C     1 
ATOM   880  O O     . GLN A 1 125 ? -12.972 -2.203  1.621   1.00 10.83 ? 125 GLN A O     1 
ATOM   881  C CB    . GLN A 1 125 ? -13.467 -4.725  3.761   1.00 11.71 ? 125 GLN A CB    1 
ATOM   882  C CG    . GLN A 1 125 ? -13.799 -3.465  4.534   1.00 17.23 ? 125 GLN A CG    1 
ATOM   883  C CD    . GLN A 1 125 ? -14.528 -3.767  5.839   1.00 23.07 ? 125 GLN A CD    1 
ATOM   884  O OE1   . GLN A 1 125 ? -13.906 -4.156  6.825   1.00 25.77 ? 125 GLN A OE1   1 
ATOM   885  N NE2   . GLN A 1 125 ? -15.854 -3.618  5.834   1.00 25.17 ? 125 GLN A NE2   1 
ATOM   886  N N     . MET A 1 126 ? -11.117 -3.378  2.146   1.00 10.69 ? 126 MET A N     1 
ATOM   887  C CA    . MET A 1 126 ? -10.232 -2.249  1.956   1.00 11.56 ? 126 MET A CA    1 
ATOM   888  C C     . MET A 1 126 ? -10.277 -1.820  0.485   1.00 11.22 ? 126 MET A C     1 
ATOM   889  O O     . MET A 1 126 ? -10.433 -0.642  0.174   1.00 11.26 ? 126 MET A O     1 
ATOM   890  C CB    . MET A 1 126 ? -8.806  -2.611  2.384   1.00 11.57 ? 126 MET A CB    1 
ATOM   891  C CG    . MET A 1 126 ? -7.764  -1.585  1.943   1.00 14.16 ? 126 MET A CG    1 
ATOM   892  S SD    . MET A 1 126 ? -8.100  -0.001  2.743   1.00 21.47 ? 126 MET A SD    1 
ATOM   893  C CE    . MET A 1 126 ? -7.708  -0.379  4.318   1.00 18.89 ? 126 MET A CE    1 
ATOM   894  N N     . TYR A 1 127 ? -10.202 -2.794  -0.412  1.00 11.03 ? 127 TYR A N     1 
ATOM   895  C CA    . TYR A 1 127 ? -10.243 -2.503  -1.833  1.00 10.83 ? 127 TYR A CA    1 
ATOM   896  C C     . TYR A 1 127 ? -11.552 -1.824  -2.239  1.00 10.94 ? 127 TYR A C     1 
ATOM   897  O O     . TYR A 1 127 ? -11.537 -0.849  -2.992  1.00 10.80 ? 127 TYR A O     1 
ATOM   898  C CB    . TYR A 1 127 ? -9.973  -3.751  -2.685  1.00 10.32 ? 127 TYR A CB    1 
ATOM   899  C CG    . TYR A 1 127 ? -9.805  -3.396  -4.150  1.00 10.24 ? 127 TYR A CG    1 
ATOM   900  C CD1   . TYR A 1 127 ? -8.686  -2.703  -4.590  1.00 9.78  ? 127 TYR A CD1   1 
ATOM   901  C CD2   . TYR A 1 127 ? -10.787 -3.697  -5.073  1.00 10.09 ? 127 TYR A CD2   1 
ATOM   902  C CE1   . TYR A 1 127 ? -8.543  -2.338  -5.922  1.00 10.01 ? 127 TYR A CE1   1 
ATOM   903  C CE2   . TYR A 1 127 ? -10.657 -3.327  -6.406  1.00 9.09  ? 127 TYR A CE2   1 
ATOM   904  C CZ    . TYR A 1 127 ? -9.540  -2.657  -6.823  1.00 8.38  ? 127 TYR A CZ    1 
ATOM   905  O OH    . TYR A 1 127 ? -9.409  -2.311  -8.149  1.00 7.23  ? 127 TYR A OH    1 
ATOM   906  N N     . GLU A 1 128 ? -12.677 -2.341  -1.751  1.00 11.24 ? 128 GLU A N     1 
ATOM   907  C CA    . GLU A 1 128 ? -13.987 -1.764  -2.057  1.00 11.73 ? 128 GLU A CA    1 
ATOM   908  C C     . GLU A 1 128 ? -14.106 -0.339  -1.529  1.00 11.65 ? 128 GLU A C     1 
ATOM   909  O O     . GLU A 1 128 ? -14.694 0.522   -2.170  1.00 11.43 ? 128 GLU A O     1 
ATOM   910  C CB    . GLU A 1 128 ? -15.104 -2.628  -1.475  1.00 12.01 ? 128 GLU A CB    1 
ATOM   911  C CG    . GLU A 1 128 ? -15.362 -3.873  -2.287  1.00 14.28 ? 128 GLU A CG    1 
ATOM   912  C CD    . GLU A 1 128 ? -16.582 -4.654  -1.822  1.00 19.96 ? 128 GLU A CD    1 
ATOM   913  O OE1   . GLU A 1 128 ? -17.322 -4.176  -0.932  1.00 22.22 ? 128 GLU A OE1   1 
ATOM   914  O OE2   . GLU A 1 128 ? -16.803 -5.759  -2.358  1.00 23.27 ? 128 GLU A OE2   1 
ATOM   915  N N     . PHE A 1 129 ? -13.541 -0.108  -0.351  1.00 11.34 ? 129 PHE A N     1 
ATOM   916  C CA    . PHE A 1 129 ? -13.536 1.212   0.271   1.00 12.06 ? 129 PHE A CA    1 
ATOM   917  C C     . PHE A 1 129 ? -12.767 2.200   -0.605  1.00 11.50 ? 129 PHE A C     1 
ATOM   918  O O     . PHE A 1 129 ? -13.237 3.313   -0.889  1.00 10.91 ? 129 PHE A O     1 
ATOM   919  C CB    . PHE A 1 129 ? -12.896 1.091   1.653   1.00 12.84 ? 129 PHE A CB    1 
ATOM   920  C CG    . PHE A 1 129 ? -12.422 2.392   2.239   1.00 15.61 ? 129 PHE A CG    1 
ATOM   921  C CD1   . PHE A 1 129 ? -13.323 3.327   2.716   1.00 17.20 ? 129 PHE A CD1   1 
ATOM   922  C CD2   . PHE A 1 129 ? -11.068 2.653   2.362   1.00 17.44 ? 129 PHE A CD2   1 
ATOM   923  C CE1   . PHE A 1 129 ? -12.876 4.517   3.273   1.00 17.92 ? 129 PHE A CE1   1 
ATOM   924  C CE2   . PHE A 1 129 ? -10.624 3.841   2.918   1.00 18.44 ? 129 PHE A CE2   1 
ATOM   925  C CZ    . PHE A 1 129 ? -11.544 4.772   3.369   1.00 18.37 ? 129 PHE A CZ    1 
ATOM   926  N N     . LEU A 1 130 ? -11.585 1.787   -1.040  1.00 10.89 ? 130 LEU A N     1 
ATOM   927  C CA    . LEU A 1 130 ? -10.773 2.656   -1.885  1.00 10.60 ? 130 LEU A CA    1 
ATOM   928  C C     . LEU A 1 130 ? -11.461 2.978   -3.206  1.00 10.33 ? 130 LEU A C     1 
ATOM   929  O O     . LEU A 1 130 ? -11.439 4.126   -3.671  1.00 10.18 ? 130 LEU A O     1 
ATOM   930  C CB    . LEU A 1 130 ? -9.392  2.045   -2.112  1.00 10.33 ? 130 LEU A CB    1 
ATOM   931  C CG    . LEU A 1 130 ? -8.586  1.883   -0.818  1.00 10.64 ? 130 LEU A CG    1 
ATOM   932  C CD1   . LEU A 1 130 ? -7.354  1.018   -1.047  1.00 10.15 ? 130 LEU A CD1   1 
ATOM   933  C CD2   . LEU A 1 130 ? -8.194  3.238   -0.236  1.00 11.10 ? 130 LEU A CD2   1 
ATOM   934  N N     . LYS A 1 131 ? -12.096 1.986   -3.818  1.00 10.07 ? 131 LYS A N     1 
ATOM   935  C CA    . LYS A 1 131 ? -12.738 2.247   -5.107  1.00 10.49 ? 131 LYS A CA    1 
ATOM   936  C C     . LYS A 1 131 ? -13.968 3.132   -4.937  1.00 10.44 ? 131 LYS A C     1 
ATOM   937  O O     . LYS A 1 131 ? -14.289 3.937   -5.801  1.00 10.12 ? 131 LYS A O     1 
ATOM   938  C CB    . LYS A 1 131 ? -13.093 0.946   -5.839  1.00 10.78 ? 131 LYS A CB    1 
ATOM   939  C CG    . LYS A 1 131 ? -11.892 0.071   -6.215  1.00 11.38 ? 131 LYS A CG    1 
ATOM   940  C CD    . LYS A 1 131 ? -10.623 0.875   -6.504  1.00 13.26 ? 131 LYS A CD    1 
ATOM   941  C CE    . LYS A 1 131 ? -10.573 1.472   -7.904  1.00 14.86 ? 131 LYS A CE    1 
ATOM   942  N NZ    . LYS A 1 131 ? -9.279  2.216   -8.098  1.00 14.61 ? 131 LYS A NZ    1 
ATOM   943  N N     . TYR A 1 132 ? -14.642 2.988   -3.803  1.00 11.07 ? 132 TYR A N     1 
ATOM   944  C CA    . TYR A 1 132 ? -15.820 3.787   -3.519  1.00 11.35 ? 132 TYR A CA    1 
ATOM   945  C C     . TYR A 1 132 ? -15.434 5.251   -3.575  1.00 11.65 ? 132 TYR A C     1 
ATOM   946  O O     . TYR A 1 132 ? -16.186 6.091   -4.081  1.00 11.25 ? 132 TYR A O     1 
ATOM   947  C CB    . TYR A 1 132 ? -16.389 3.431   -2.135  1.00 11.82 ? 132 TYR A CB    1 
ATOM   948  C CG    . TYR A 1 132 ? -17.550 4.300   -1.689  1.00 10.97 ? 132 TYR A CG    1 
ATOM   949  C CD1   . TYR A 1 132 ? -18.853 4.006   -2.080  1.00 10.18 ? 132 TYR A CD1   1 
ATOM   950  C CD2   . TYR A 1 132 ? -17.342 5.400   -0.875  1.00 10.89 ? 132 TYR A CD2   1 
ATOM   951  C CE1   . TYR A 1 132 ? -19.907 4.783   -1.678  1.00 9.69  ? 132 TYR A CE1   1 
ATOM   952  C CE2   . TYR A 1 132 ? -18.396 6.199   -0.465  1.00 10.24 ? 132 TYR A CE2   1 
ATOM   953  C CZ    . TYR A 1 132 ? -19.679 5.885   -0.871  1.00 10.19 ? 132 TYR A CZ    1 
ATOM   954  O OH    . TYR A 1 132 ? -20.748 6.670   -0.483  1.00 9.41  ? 132 TYR A OH    1 
ATOM   955  N N     . TYR A 1 133 ? -14.245 5.553   -3.068  1.00 11.32 ? 133 TYR A N     1 
ATOM   956  C CA    . TYR A 1 133 ? -13.774 6.927   -3.036  1.00 11.54 ? 133 TYR A CA    1 
ATOM   957  C C     . TYR A 1 133 ? -12.940 7.311   -4.257  1.00 11.47 ? 133 TYR A C     1 
ATOM   958  O O     . TYR A 1 133 ? -12.290 8.353   -4.270  1.00 11.90 ? 133 TYR A O     1 
ATOM   959  C CB    . TYR A 1 133 ? -13.041 7.212   -1.707  1.00 11.62 ? 133 TYR A CB    1 
ATOM   960  C CG    . TYR A 1 133 ? -14.024 7.412   -0.563  1.00 12.13 ? 133 TYR A CG    1 
ATOM   961  C CD1   . TYR A 1 133 ? -14.027 6.583   0.561   1.00 12.35 ? 133 TYR A CD1   1 
ATOM   962  C CD2   . TYR A 1 133 ? -14.956 8.428   -0.621  1.00 11.88 ? 133 TYR A CD2   1 
ATOM   963  C CE1   . TYR A 1 133 ? -14.955 6.782   1.594   1.00 10.70 ? 133 TYR A CE1   1 
ATOM   964  C CE2   . TYR A 1 133 ? -15.868 8.630   0.395   1.00 13.62 ? 133 TYR A CE2   1 
ATOM   965  C CZ    . TYR A 1 133 ? -15.862 7.809   1.497   1.00 12.17 ? 133 TYR A CZ    1 
ATOM   966  O OH    . TYR A 1 133 ? -16.794 8.051   2.492   1.00 13.36 ? 133 TYR A OH    1 
ATOM   967  N N     . GLY A 1 134 ? -12.967 6.463   -5.282  1.00 11.19 ? 134 GLY A N     1 
ATOM   968  C CA    . GLY A 1 134 ? -12.279 6.749   -6.532  1.00 10.65 ? 134 GLY A CA    1 
ATOM   969  C C     . GLY A 1 134 ? -10.770 6.848   -6.421  1.00 10.40 ? 134 GLY A C     1 
ATOM   970  O O     . GLY A 1 134 ? -10.136 7.615   -7.141  1.00 10.28 ? 134 GLY A O     1 
ATOM   971  N N     . ILE A 1 135 ? -10.187 6.061   -5.528  1.00 10.31 ? 135 ILE A N     1 
ATOM   972  C CA    . ILE A 1 135 ? -8.743  6.087   -5.342  1.00 10.12 ? 135 ILE A CA    1 
ATOM   973  C C     . ILE A 1 135 ? -8.047  5.081   -6.248  1.00 10.40 ? 135 ILE A C     1 
ATOM   974  O O     . ILE A 1 135 ? -8.397  3.895   -6.244  1.00 10.55 ? 135 ILE A O     1 
ATOM   975  C CB    . ILE A 1 135 ? -8.404  5.787   -3.875  1.00 10.33 ? 135 ILE A CB    1 
ATOM   976  C CG1   . ILE A 1 135 ? -9.222  6.696   -2.955  1.00 9.03  ? 135 ILE A CG1   1 
ATOM   977  C CG2   . ILE A 1 135 ? -6.894  5.926   -3.626  1.00 9.67  ? 135 ILE A CG2   1 
ATOM   978  C CD1   . ILE A 1 135 ? -8.958  8.197   -3.132  1.00 7.47  ? 135 ILE A CD1   1 
ATOM   979  N N     . PRO A 1 136 ? -7.085  5.550   -7.038  1.00 9.54  ? 136 PRO A N     1 
ATOM   980  C CA    . PRO A 1 136 ? -6.278  4.652   -7.861  1.00 9.95  ? 136 PRO A CA    1 
ATOM   981  C C     . PRO A 1 136 ? -5.518  3.690   -6.951  1.00 9.56  ? 136 PRO A C     1 
ATOM   982  O O     . PRO A 1 136 ? -5.013  4.093   -5.903  1.00 9.27  ? 136 PRO A O     1 
ATOM   983  C CB    . PRO A 1 136 ? -5.307  5.604   -8.571  1.00 10.11 ? 136 PRO A CB    1 
ATOM   984  C CG    . PRO A 1 136 ? -5.989  6.929   -8.546  1.00 9.78  ? 136 PRO A CG    1 
ATOM   985  C CD    . PRO A 1 136 ? -6.722  6.965   -7.238  1.00 10.41 ? 136 PRO A CD    1 
ATOM   986  N N     . VAL A 1 137 ? -5.458  2.425   -7.338  1.00 8.87  ? 137 VAL A N     1 
ATOM   987  C CA    . VAL A 1 137 ? -4.813  1.439   -6.503  1.00 8.29  ? 137 VAL A CA    1 
ATOM   988  C C     . VAL A 1 137 ? -3.781  0.646   -7.264  1.00 9.08  ? 137 VAL A C     1 
ATOM   989  O O     . VAL A 1 137 ? -4.003  0.278   -8.413  1.00 9.02  ? 137 VAL A O     1 
ATOM   990  C CB    . VAL A 1 137 ? -5.854  0.478   -5.912  1.00 8.21  ? 137 VAL A CB    1 
ATOM   991  C CG1   . VAL A 1 137 ? -5.182  -0.676  -5.179  1.00 7.79  ? 137 VAL A CG1   1 
ATOM   992  C CG2   . VAL A 1 137 ? -6.798  1.231   -4.982  1.00 7.22  ? 137 VAL A CG2   1 
ATOM   993  N N     . ILE A 1 138 ? -2.638  0.408   -6.632  1.00 9.13  ? 138 ILE A N     1 
ATOM   994  C CA    . ILE A 1 138 ? -1.649  -0.497  -7.198  1.00 9.62  ? 138 ILE A CA    1 
ATOM   995  C C     . ILE A 1 138 ? -1.687  -1.712  -6.297  1.00 9.65  ? 138 ILE A C     1 
ATOM   996  O O     . ILE A 1 138 ? -1.322  -1.617  -5.127  1.00 10.19 ? 138 ILE A O     1 
ATOM   997  C CB    . ILE A 1 138 ? -0.240  0.134   -7.180  1.00 9.54  ? 138 ILE A CB    1 
ATOM   998  C CG1   . ILE A 1 138 ? -0.198  1.362   -8.073  1.00 8.79  ? 138 ILE A CG1   1 
ATOM   999  C CG2   . ILE A 1 138 ? 0.808   -0.876  -7.657  1.00 9.90  ? 138 ILE A CG2   1 
ATOM   1000 C CD1   . ILE A 1 138 ? 1.038   2.257   -7.823  1.00 7.98  ? 138 ILE A CD1   1 
ATOM   1001 N N     . VAL A 1 139 ? -2.196  -2.840  -6.795  1.00 9.83  ? 139 VAL A N     1 
ATOM   1002 C CA    . VAL A 1 139 ? -2.223  -4.031  -5.962  1.00 9.86  ? 139 VAL A CA    1 
ATOM   1003 C C     . VAL A 1 139 ? -0.915  -4.777  -6.091  1.00 9.86  ? 139 VAL A C     1 
ATOM   1004 O O     . VAL A 1 139 ? -0.492  -5.131  -7.194  1.00 9.47  ? 139 VAL A O     1 
ATOM   1005 C CB    . VAL A 1 139 ? -3.366  -5.023  -6.308  1.00 10.11 ? 139 VAL A CB    1 
ATOM   1006 C CG1   . VAL A 1 139 ? -3.313  -6.209  -5.341  1.00 10.04 ? 139 VAL A CG1   1 
ATOM   1007 C CG2   . VAL A 1 139 ? -4.724  -4.358  -6.213  1.00 10.94 ? 139 VAL A CG2   1 
ATOM   1008 N N     . ILE A 1 140 ? -0.277  -5.007  -4.952  1.00 10.25 ? 140 ILE A N     1 
ATOM   1009 C CA    . ILE A 1 140 ? 0.972   -5.733  -4.913  1.00 10.54 ? 140 ILE A CA    1 
ATOM   1010 C C     . ILE A 1 140 ? 0.708   -7.078  -4.263  1.00 10.43 ? 140 ILE A C     1 
ATOM   1011 O O     . ILE A 1 140 ? 0.217   -7.131  -3.137  1.00 10.55 ? 140 ILE A O     1 
ATOM   1012 C CB    . ILE A 1 140 ? 2.043   -4.961  -4.106  1.00 10.45 ? 140 ILE A CB    1 
ATOM   1013 C CG1   . ILE A 1 140 ? 2.431   -3.642  -4.792  1.00 9.87  ? 140 ILE A CG1   1 
ATOM   1014 C CG2   . ILE A 1 140 ? 3.263   -5.840  -3.854  1.00 11.62 ? 140 ILE A CG2   1 
ATOM   1015 C CD1   . ILE A 1 140 ? 3.150   -3.793  -6.149  1.00 12.24 ? 140 ILE A CD1   1 
ATOM   1016 N N     . ALA A 1 141 ? 0.988   -8.166  -4.986  1.00 10.05 ? 141 ALA A N     1 
ATOM   1017 C CA    . ALA A 1 141 ? 0.862   -9.507  -4.404  1.00 10.47 ? 141 ALA A CA    1 
ATOM   1018 C C     . ALA A 1 141 ? 2.270   -10.003 -4.101  1.00 10.79 ? 141 ALA A C     1 
ATOM   1019 O O     . ALA A 1 141 ? 2.996   -10.446 -4.994  1.00 11.27 ? 141 ALA A O     1 
ATOM   1020 C CB    . ALA A 1 141 ? 0.132   -10.453 -5.342  1.00 9.92  ? 141 ALA A CB    1 
ATOM   1021 N N     . THR A 1 142 ? 2.652   -9.921  -2.829  1.00 10.39 ? 142 THR A N     1 
ATOM   1022 C CA    . THR A 1 142 ? 4.025   -10.209 -2.425  1.00 9.84  ? 142 THR A CA    1 
ATOM   1023 C C     . THR A 1 142 ? 4.225   -11.646 -1.943  1.00 10.00 ? 142 THR A C     1 
ATOM   1024 O O     . THR A 1 142 ? 3.315   -12.454 -2.039  1.00 10.03 ? 142 THR A O     1 
ATOM   1025 C CB    . THR A 1 142 ? 4.495   -9.163  -1.379  1.00 9.81  ? 142 THR A CB    1 
ATOM   1026 O OG1   . THR A 1 142 ? 5.884   -9.359  -1.073  1.00 9.52  ? 142 THR A OG1   1 
ATOM   1027 C CG2   . THR A 1 142 ? 3.760   -9.375  -0.036  1.00 8.56  ? 142 THR A CG2   1 
ATOM   1028 N N     . LYS A 1 143 ? 5.428   -11.954 -1.463  1.00 10.04 ? 143 LYS A N     1 
ATOM   1029 C CA    . LYS A 1 143 ? 5.814   -13.311 -1.072  1.00 10.71 ? 143 LYS A CA    1 
ATOM   1030 C C     . LYS A 1 143 ? 5.790   -14.298 -2.258  1.00 10.26 ? 143 LYS A C     1 
ATOM   1031 O O     . LYS A 1 143 ? 5.643   -15.508 -2.085  1.00 9.83  ? 143 LYS A O     1 
ATOM   1032 C CB    . LYS A 1 143 ? 4.969   -13.802 0.123   1.00 11.38 ? 143 LYS A CB    1 
ATOM   1033 C CG    . LYS A 1 143 ? 5.248   -12.998 1.397   1.00 12.46 ? 143 LYS A CG    1 
ATOM   1034 C CD    . LYS A 1 143 ? 4.479   -13.513 2.615   1.00 14.02 ? 143 LYS A CD    1 
ATOM   1035 C CE    . LYS A 1 143 ? 4.886   -12.754 3.868   1.00 14.52 ? 143 LYS A CE    1 
ATOM   1036 N NZ    . LYS A 1 143 ? 3.920   -12.914 5.005   1.00 15.10 ? 143 LYS A NZ    1 
ATOM   1037 N N     . ALA A 1 144 ? 5.944   -13.766 -3.464  1.00 10.29 ? 144 ALA A N     1 
ATOM   1038 C CA    . ALA A 1 144 ? 5.890   -14.574 -4.680  1.00 10.90 ? 144 ALA A CA    1 
ATOM   1039 C C     . ALA A 1 144 ? 6.910   -15.705 -4.684  1.00 11.28 ? 144 ALA A C     1 
ATOM   1040 O O     . ALA A 1 144 ? 6.695   -16.756 -5.302  1.00 11.12 ? 144 ALA A O     1 
ATOM   1041 C CB    . ALA A 1 144 ? 6.085   -13.698 -5.904  1.00 11.22 ? 144 ALA A CB    1 
ATOM   1042 N N     . ASP A 1 145 ? 8.012   -15.482 -3.978  1.00 11.46 ? 145 ASP A N     1 
ATOM   1043 C CA    . ASP A 1 145 ? 9.089   -16.453 -3.914  1.00 12.14 ? 145 ASP A CA    1 
ATOM   1044 C C     . ASP A 1 145 ? 8.665   -17.739 -3.198  1.00 12.34 ? 145 ASP A C     1 
ATOM   1045 O O     . ASP A 1 145 ? 9.318   -18.767 -3.326  1.00 11.39 ? 145 ASP A O     1 
ATOM   1046 C CB    . ASP A 1 145 ? 10.313  -15.835 -3.230  1.00 12.16 ? 145 ASP A CB    1 
ATOM   1047 C CG    . ASP A 1 145 ? 10.021  -15.378 -1.815  1.00 13.37 ? 145 ASP A CG    1 
ATOM   1048 O OD1   . ASP A 1 145 ? 9.370   -14.309 -1.642  1.00 12.30 ? 145 ASP A OD1   1 
ATOM   1049 O OD2   . ASP A 1 145 ? 10.399  -16.034 -0.821  1.00 12.63 ? 145 ASP A OD2   1 
ATOM   1050 N N     . LYS A 1 146 ? 7.571   -17.676 -2.445  1.00 12.45 ? 146 LYS A N     1 
ATOM   1051 C CA    . LYS A 1 146 ? 7.117   -18.855 -1.714  1.00 13.28 ? 146 LYS A CA    1 
ATOM   1052 C C     . LYS A 1 146 ? 6.255   -19.762 -2.578  1.00 12.95 ? 146 LYS A C     1 
ATOM   1053 O O     . LYS A 1 146 ? 5.834   -20.836 -2.154  1.00 13.32 ? 146 LYS A O     1 
ATOM   1054 C CB    . LYS A 1 146 ? 6.390   -18.445 -0.436  1.00 13.72 ? 146 LYS A CB    1 
ATOM   1055 C CG    . LYS A 1 146 ? 7.135   -17.355 0.324   1.00 15.44 ? 146 LYS A CG    1 
ATOM   1056 C CD    . LYS A 1 146 ? 6.567   -17.119 1.713   1.00 18.89 ? 146 LYS A CD    1 
ATOM   1057 C CE    . LYS A 1 146 ? 6.940   -18.245 2.664   1.00 20.11 ? 146 LYS A CE    1 
ATOM   1058 N NZ    . LYS A 1 146 ? 8.390   -18.565 2.583   1.00 22.52 ? 146 LYS A NZ    1 
ATOM   1059 N N     . ILE A 1 147 ? 6.006   -19.324 -3.800  1.00 12.70 ? 147 ILE A N     1 
ATOM   1060 C CA    . ILE A 1 147 ? 5.190   -20.068 -4.734  1.00 12.86 ? 147 ILE A CA    1 
ATOM   1061 C C     . ILE A 1 147 ? 6.031   -20.360 -5.961  1.00 12.53 ? 147 ILE A C     1 
ATOM   1062 O O     . ILE A 1 147 ? 6.765   -19.499 -6.425  1.00 12.32 ? 147 ILE A O     1 
ATOM   1063 C CB    . ILE A 1 147 ? 3.989   -19.202 -5.127  1.00 13.11 ? 147 ILE A CB    1 
ATOM   1064 C CG1   . ILE A 1 147 ? 3.061   -19.012 -3.927  1.00 14.64 ? 147 ILE A CG1   1 
ATOM   1065 C CG2   . ILE A 1 147 ? 3.223   -19.785 -6.310  1.00 12.69 ? 147 ILE A CG2   1 
ATOM   1066 C CD1   . ILE A 1 147 ? 2.020   -17.963 -4.176  1.00 16.88 ? 147 ILE A CD1   1 
ATOM   1067 N N     . PRO A 1 148 ? 5.950   -21.575 -6.483  1.00 12.37 ? 148 PRO A N     1 
ATOM   1068 C CA    . PRO A 1 148 ? 6.691   -21.902 -7.704  1.00 12.53 ? 148 PRO A CA    1 
ATOM   1069 C C     . PRO A 1 148 ? 6.282   -20.953 -8.827  1.00 12.45 ? 148 PRO A C     1 
ATOM   1070 O O     . PRO A 1 148 ? 5.107   -20.624 -8.973  1.00 11.70 ? 148 PRO A O     1 
ATOM   1071 C CB    . PRO A 1 148 ? 6.231   -23.331 -8.026  1.00 12.65 ? 148 PRO A CB    1 
ATOM   1072 C CG    . PRO A 1 148 ? 5.766   -23.874 -6.733  1.00 12.43 ? 148 PRO A CG    1 
ATOM   1073 C CD    . PRO A 1 148 ? 5.166   -22.717 -5.981  1.00 12.07 ? 148 PRO A CD    1 
ATOM   1074 N N     . LYS A 1 149 ? 7.259   -20.531 -9.624  1.00 12.99 ? 149 LYS A N     1 
ATOM   1075 C CA    . LYS A 1 149 ? 7.029   -19.610 -10.731 1.00 13.32 ? 149 LYS A CA    1 
ATOM   1076 C C     . LYS A 1 149 ? 5.890   -20.098 -11.619 1.00 13.01 ? 149 LYS A C     1 
ATOM   1077 O O     . LYS A 1 149 ? 5.103   -19.306 -12.129 1.00 12.68 ? 149 LYS A O     1 
ATOM   1078 C CB    . LYS A 1 149 ? 8.326   -19.464 -11.544 1.00 14.18 ? 149 LYS A CB    1 
ATOM   1079 C CG    . LYS A 1 149 ? 8.220   -18.628 -12.804 1.00 15.83 ? 149 LYS A CG    1 
ATOM   1080 C CD    . LYS A 1 149 ? 9.600   -18.456 -13.457 1.00 17.75 ? 149 LYS A CD    1 
ATOM   1081 C CE    . LYS A 1 149 ? 10.598  -17.852 -12.474 1.00 19.88 ? 149 LYS A CE    1 
ATOM   1082 N NZ    . LYS A 1 149 ? 11.840  -17.324 -13.129 1.00 20.36 ? 149 LYS A NZ    1 
ATOM   1083 N N     . GLY A 1 150 ? 5.789   -21.412 -11.774 1.00 12.91 ? 150 GLY A N     1 
ATOM   1084 C CA    . GLY A 1 150 ? 4.776   -21.991 -12.635 1.00 13.07 ? 150 GLY A CA    1 
ATOM   1085 C C     . GLY A 1 150 ? 3.363   -21.840 -12.104 1.00 13.05 ? 150 GLY A C     1 
ATOM   1086 O O     . GLY A 1 150 ? 2.393   -22.102 -12.813 1.00 13.35 ? 150 GLY A O     1 
ATOM   1087 N N     . LYS A 1 151 ? 3.240   -21.425 -10.850 1.00 12.41 ? 151 LYS A N     1 
ATOM   1088 C CA    . LYS A 1 151 ? 1.927   -21.257 -10.251 1.00 12.18 ? 151 LYS A CA    1 
ATOM   1089 C C     . LYS A 1 151 ? 1.587   -19.780 -10.064 1.00 11.72 ? 151 LYS A C     1 
ATOM   1090 O O     . LYS A 1 151 ? 0.474   -19.435 -9.656  1.00 11.33 ? 151 LYS A O     1 
ATOM   1091 C CB    . LYS A 1 151 ? 1.858   -21.999 -8.910  1.00 12.42 ? 151 LYS A CB    1 
ATOM   1092 C CG    . LYS A 1 151 ? 1.356   -23.457 -8.985  1.00 13.24 ? 151 LYS A CG    1 
ATOM   1093 C CD    . LYS A 1 151 ? 1.628   -24.111 -10.298 1.00 14.74 ? 151 LYS A CD    1 
ATOM   1094 C CE    . LYS A 1 151 ? 1.163   -25.574 -10.344 1.00 15.91 ? 151 LYS A CE    1 
ATOM   1095 N NZ    . LYS A 1 151 ? -0.070  -25.768 -11.162 1.00 16.36 ? 151 LYS A NZ    1 
ATOM   1096 N N     . TRP A 1 152 ? 2.544   -18.907 -10.365 1.00 11.32 ? 152 TRP A N     1 
ATOM   1097 C CA    . TRP A 1 152 ? 2.328   -17.471 -10.196 1.00 11.08 ? 152 TRP A CA    1 
ATOM   1098 C C     . TRP A 1 152 ? 1.036   -16.996 -10.865 1.00 11.16 ? 152 TRP A C     1 
ATOM   1099 O O     . TRP A 1 152 ? 0.275   -16.235 -10.285 1.00 10.33 ? 152 TRP A O     1 
ATOM   1100 C CB    . TRP A 1 152 ? 3.516   -16.671 -10.752 1.00 11.13 ? 152 TRP A CB    1 
ATOM   1101 C CG    . TRP A 1 152 ? 4.729   -16.647 -9.866  1.00 11.27 ? 152 TRP A CG    1 
ATOM   1102 C CD1   . TRP A 1 152 ? 4.806   -17.049 -8.565  1.00 11.48 ? 152 TRP A CD1   1 
ATOM   1103 C CD2   . TRP A 1 152 ? 6.038   -16.183 -10.219 1.00 12.04 ? 152 TRP A CD2   1 
ATOM   1104 N NE1   . TRP A 1 152 ? 6.083   -16.871 -8.086  1.00 11.54 ? 152 TRP A NE1   1 
ATOM   1105 C CE2   . TRP A 1 152 ? 6.859   -16.339 -9.083  1.00 11.87 ? 152 TRP A CE2   1 
ATOM   1106 C CE3   . TRP A 1 152 ? 6.602   -15.645 -11.386 1.00 12.01 ? 152 TRP A CE3   1 
ATOM   1107 C CZ2   . TRP A 1 152 ? 8.206   -15.981 -9.078  1.00 12.25 ? 152 TRP A CZ2   1 
ATOM   1108 C CZ3   . TRP A 1 152 ? 7.939   -15.291 -11.381 1.00 12.09 ? 152 TRP A CZ3   1 
ATOM   1109 C CH2   . TRP A 1 152 ? 8.728   -15.460 -10.234 1.00 12.52 ? 152 TRP A CH2   1 
ATOM   1110 N N     . ASP A 1 153 ? 0.798   -17.427 -12.099 1.00 11.38 ? 153 ASP A N     1 
ATOM   1111 C CA    . ASP A 1 153 ? -0.380  -16.974 -12.830 1.00 12.16 ? 153 ASP A CA    1 
ATOM   1112 C C     . ASP A 1 153 ? -1.679  -17.418 -12.164 1.00 12.02 ? 153 ASP A C     1 
ATOM   1113 O O     . ASP A 1 153 ? -2.650  -16.656 -12.079 1.00 11.71 ? 153 ASP A O     1 
ATOM   1114 C CB    . ASP A 1 153 ? -0.333  -17.464 -14.279 1.00 13.22 ? 153 ASP A CB    1 
ATOM   1115 C CG    . ASP A 1 153 ? -1.541  -17.036 -15.068 1.00 15.48 ? 153 ASP A CG    1 
ATOM   1116 O OD1   . ASP A 1 153 ? -1.766  -15.821 -15.213 1.00 21.37 ? 153 ASP A OD1   1 
ATOM   1117 O OD2   . ASP A 1 153 ? -2.351  -17.840 -15.557 1.00 21.12 ? 153 ASP A OD2   1 
ATOM   1118 N N     . LYS A 1 154 ? -1.690  -18.666 -11.704 1.00 11.65 ? 154 LYS A N     1 
ATOM   1119 C CA    . LYS A 1 154 ? -2.836  -19.224 -11.003 1.00 11.79 ? 154 LYS A CA    1 
ATOM   1120 C C     . LYS A 1 154 ? -3.179  -18.342 -9.804  1.00 11.37 ? 154 LYS A C     1 
ATOM   1121 O O     . LYS A 1 154 ? -4.309  -17.861 -9.652  1.00 11.78 ? 154 LYS A O     1 
ATOM   1122 C CB    . LYS A 1 154 ? -2.507  -20.649 -10.531 1.00 12.24 ? 154 LYS A CB    1 
ATOM   1123 C CG    . LYS A 1 154 ? -3.622  -21.347 -9.766  1.00 13.17 ? 154 LYS A CG    1 
ATOM   1124 C CD    . LYS A 1 154 ? -3.208  -22.759 -9.326  1.00 15.46 ? 154 LYS A CD    1 
ATOM   1125 C CE    . LYS A 1 154 ? -4.259  -23.372 -8.386  1.00 16.78 ? 154 LYS A CE    1 
ATOM   1126 N NZ    . LYS A 1 154 ? -3.753  -24.605 -7.695  1.00 17.72 ? 154 LYS A NZ    1 
ATOM   1127 N N     . HIS A 1 155 ? -2.182  -18.117 -8.962  1.00 10.51 ? 155 HIS A N     1 
ATOM   1128 C CA    . HIS A 1 155 ? -2.381  -17.334 -7.752  1.00 10.42 ? 155 HIS A CA    1 
ATOM   1129 C C     . HIS A 1 155 ? -2.746  -15.869 -8.038  1.00 10.21 ? 155 HIS A C     1 
ATOM   1130 O O     . HIS A 1 155 ? -3.527  -15.268 -7.297  1.00 10.11 ? 155 HIS A O     1 
ATOM   1131 C CB    . HIS A 1 155 ? -1.150  -17.443 -6.855  1.00 9.97  ? 155 HIS A CB    1 
ATOM   1132 C CG    . HIS A 1 155 ? -1.071  -18.744 -6.125  1.00 10.25 ? 155 HIS A CG    1 
ATOM   1133 N ND1   . HIS A 1 155 ? -1.076  -18.826 -4.751  1.00 10.38 ? 155 HIS A ND1   1 
ATOM   1134 C CD2   . HIS A 1 155 ? -1.031  -20.018 -6.580  1.00 9.96  ? 155 HIS A CD2   1 
ATOM   1135 C CE1   . HIS A 1 155 ? -1.013  -20.094 -4.390  1.00 10.06 ? 155 HIS A CE1   1 
ATOM   1136 N NE2   . HIS A 1 155 ? -0.992  -20.837 -5.480  1.00 10.60 ? 155 HIS A NE2   1 
ATOM   1137 N N     . ALA A 1 156 ? -2.197  -15.307 -9.110  1.00 9.81  ? 156 ALA A N     1 
ATOM   1138 C CA    . ALA A 1 156 ? -2.518  -13.921 -9.481  1.00 10.53 ? 156 ALA A CA    1 
ATOM   1139 C C     . ALA A 1 156 ? -3.974  -13.788 -9.931  1.00 10.63 ? 156 ALA A C     1 
ATOM   1140 O O     . ALA A 1 156 ? -4.641  -12.795 -9.615  1.00 10.52 ? 156 ALA A O     1 
ATOM   1141 C CB    . ALA A 1 156 ? -1.576  -13.408 -10.572 1.00 10.03 ? 156 ALA A CB    1 
ATOM   1142 N N     . LYS A 1 157 ? -4.455  -14.796 -10.668 1.00 10.68 ? 157 LYS A N     1 
ATOM   1143 C CA    . LYS A 1 157 ? -5.833  -14.823 -11.137 1.00 10.56 ? 157 LYS A CA    1 
ATOM   1144 C C     . LYS A 1 157 ? -6.792  -14.843 -9.950  1.00 10.30 ? 157 LYS A C     1 
ATOM   1145 O O     . LYS A 1 157 ? -7.807  -14.147 -9.952  1.00 9.36  ? 157 LYS A O     1 
ATOM   1146 C CB    . LYS A 1 157 ? -6.091  -16.019 -12.054 1.00 11.34 ? 157 LYS A CB    1 
ATOM   1147 C CG    . LYS A 1 157 ? -7.482  -15.998 -12.705 1.00 12.10 ? 157 LYS A CG    1 
ATOM   1148 C CD    . LYS A 1 157 ? -7.783  -17.264 -13.494 1.00 15.14 ? 157 LYS A CD    1 
ATOM   1149 C CE    . LYS A 1 157 ? -9.196  -17.195 -14.075 1.00 16.12 ? 157 LYS A CE    1 
ATOM   1150 N NZ    . LYS A 1 157 ? -9.526  -18.307 -15.010 1.00 17.98 ? 157 LYS A NZ    1 
ATOM   1151 N N     . VAL A 1 158 ? -6.463  -15.634 -8.927  1.00 9.73  ? 158 VAL A N     1 
ATOM   1152 C CA    . VAL A 1 158 ? -7.274  -15.658 -7.724  1.00 9.54  ? 158 VAL A CA    1 
ATOM   1153 C C     . VAL A 1 158 ? -7.310  -14.263 -7.073  1.00 9.47  ? 158 VAL A C     1 
ATOM   1154 O O     . VAL A 1 158 ? -8.375  -13.793 -6.673  1.00 10.14 ? 158 VAL A O     1 
ATOM   1155 C CB    . VAL A 1 158 ? -6.781  -16.715 -6.708  1.00 9.59  ? 158 VAL A CB    1 
ATOM   1156 C CG1   . VAL A 1 158 ? -7.513  -16.567 -5.379  1.00 8.90  ? 158 VAL A CG1   1 
ATOM   1157 C CG2   . VAL A 1 158 ? -6.957  -18.127 -7.269  1.00 8.07  ? 158 VAL A CG2   1 
ATOM   1158 N N     . VAL A 1 159 ? -6.157  -13.607 -6.946  1.00 8.83  ? 159 VAL A N     1 
ATOM   1159 C CA    . VAL A 1 159 ? -6.138  -12.271 -6.356  1.00 8.73  ? 159 VAL A CA    1 
ATOM   1160 C C     . VAL A 1 159 ? -7.019  -11.309 -7.160  1.00 8.84  ? 159 VAL A C     1 
ATOM   1161 O O     . VAL A 1 159 ? -7.846  -10.572 -6.607  1.00 8.08  ? 159 VAL A O     1 
ATOM   1162 C CB    . VAL A 1 159 ? -4.714  -11.699 -6.307  1.00 9.13  ? 159 VAL A CB    1 
ATOM   1163 C CG1   . VAL A 1 159 ? -4.735  -10.211 -5.874  1.00 8.29  ? 159 VAL A CG1   1 
ATOM   1164 C CG2   . VAL A 1 159 ? -3.841  -12.535 -5.385  1.00 8.82  ? 159 VAL A CG2   1 
ATOM   1165 N N     . ARG A 1 160 ? -6.823  -11.315 -8.478  1.00 9.00  ? 160 ARG A N     1 
ATOM   1166 C CA    . ARG A 1 160 ? -7.596  -10.462 -9.363  1.00 9.44  ? 160 ARG A CA    1 
ATOM   1167 C C     . ARG A 1 160 ? -9.109  -10.657 -9.233  1.00 9.52  ? 160 ARG A C     1 
ATOM   1168 O O     . ARG A 1 160 ? -9.848  -9.683  -9.099  1.00 9.41  ? 160 ARG A O     1 
ATOM   1169 C CB    . ARG A 1 160 ? -7.155  -10.670 -10.817 1.00 9.45  ? 160 ARG A CB    1 
ATOM   1170 C CG    . ARG A 1 160 ? -7.879  -9.795  -11.822 1.00 10.47 ? 160 ARG A CG    1 
ATOM   1171 C CD    . ARG A 1 160 ? -7.360  -9.957  -13.273 1.00 9.21  ? 160 ARG A CD    1 
ATOM   1172 N NE    . ARG A 1 160 ? -5.962  -9.535  -13.419 1.00 7.58  ? 160 ARG A NE    1 
ATOM   1173 C CZ    . ARG A 1 160 ? -5.582  -8.267  -13.468 1.00 10.45 ? 160 ARG A CZ    1 
ATOM   1174 N NH1   . ARG A 1 160 ? -6.478  -7.297  -13.355 1.00 11.20 ? 160 ARG A NH1   1 
ATOM   1175 N NH2   . ARG A 1 160 ? -4.305  -7.954  -13.600 1.00 12.64 ? 160 ARG A NH2   1 
ATOM   1176 N N     . GLN A 1 161 ? -9.568  -11.909 -9.260  1.00 9.86  ? 161 GLN A N     1 
ATOM   1177 C CA    . GLN A 1 161 ? -10.996 -12.217 -9.174  1.00 10.36 ? 161 GLN A CA    1 
ATOM   1178 C C     . GLN A 1 161 ? -11.604 -11.965 -7.795  1.00 10.63 ? 161 GLN A C     1 
ATOM   1179 O O     . GLN A 1 161 ? -12.793 -11.637 -7.674  1.00 10.52 ? 161 GLN A O     1 
ATOM   1180 C CB    . GLN A 1 161 ? -11.257 -13.678 -9.577  1.00 10.50 ? 161 GLN A CB    1 
ATOM   1181 C CG    . GLN A 1 161 ? -10.692 -14.040 -10.932 1.00 13.32 ? 161 GLN A CG    1 
ATOM   1182 C CD    . GLN A 1 161 ? -11.140 -15.414 -11.420 1.00 16.59 ? 161 GLN A CD    1 
ATOM   1183 O OE1   . GLN A 1 161 ? -11.284 -15.628 -12.616 1.00 18.89 ? 161 GLN A OE1   1 
ATOM   1184 N NE2   . GLN A 1 161 ? -11.363 -16.335 -10.493 1.00 16.75 ? 161 GLN A NE2   1 
ATOM   1185 N N     . THR A 1 162 ? -10.807 -12.122 -6.746  1.00 9.82  ? 162 THR A N     1 
ATOM   1186 C CA    . THR A 1 162 ? -11.334 -11.910 -5.401  1.00 9.59  ? 162 THR A CA    1 
ATOM   1187 C C     . THR A 1 162 ? -11.577 -10.441 -5.096  1.00 9.52  ? 162 THR A C     1 
ATOM   1188 O O     . THR A 1 162 ? -12.611 -10.077 -4.538  1.00 9.51  ? 162 THR A O     1 
ATOM   1189 C CB    . THR A 1 162 ? -10.374 -12.495 -4.361  1.00 9.64  ? 162 THR A CB    1 
ATOM   1190 O OG1   . THR A 1 162 ? -10.205 -13.895 -4.622  1.00 9.67  ? 162 THR A OG1   1 
ATOM   1191 C CG2   . THR A 1 162 ? -11.005 -12.428 -2.969  1.00 9.85  ? 162 THR A CG2   1 
ATOM   1192 N N     . LEU A 1 163 ? -10.604 -9.600  -5.437  1.00 9.42  ? 163 LEU A N     1 
ATOM   1193 C CA    . LEU A 1 163 ? -10.725 -8.168  -5.267  1.00 9.97  ? 163 LEU A CA    1 
ATOM   1194 C C     . LEU A 1 163 ? -11.573 -7.568  -6.384  1.00 10.62 ? 163 LEU A C     1 
ATOM   1195 O O     . LEU A 1 163 ? -12.099 -6.474  -6.237  1.00 10.82 ? 163 LEU A O     1 
ATOM   1196 C CB    . LEU A 1 163 ? -9.339  -7.509  -5.299  1.00 9.45  ? 163 LEU A CB    1 
ATOM   1197 C CG    . LEU A 1 163 ? -8.314  -7.887  -4.233  1.00 8.99  ? 163 LEU A CG    1 
ATOM   1198 C CD1   . LEU A 1 163 ? -7.082  -7.047  -4.411  1.00 8.27  ? 163 LEU A CD1   1 
ATOM   1199 C CD2   . LEU A 1 163 ? -8.901  -7.691  -2.826  1.00 8.35  ? 163 LEU A CD2   1 
ATOM   1200 N N     . ASN A 1 164 ? -11.689 -8.283  -7.500  1.00 10.64 ? 164 ASN A N     1 
ATOM   1201 C CA    . ASN A 1 164 ? -12.399 -7.762  -8.677  1.00 11.37 ? 164 ASN A CA    1 
ATOM   1202 C C     . ASN A 1 164 ? -11.688 -6.461  -9.080  1.00 10.96 ? 164 ASN A C     1 
ATOM   1203 O O     . ASN A 1 164 ? -12.291 -5.383  -9.110  1.00 10.66 ? 164 ASN A O     1 
ATOM   1204 C CB    . ASN A 1 164 ? -13.880 -7.519  -8.363  1.00 12.23 ? 164 ASN A CB    1 
ATOM   1205 C CG    . ASN A 1 164 ? -14.801 -7.814  -9.554  1.00 15.03 ? 164 ASN A CG    1 
ATOM   1206 O OD1   . ASN A 1 164 ? -15.744 -7.063  -9.831  1.00 18.54 ? 164 ASN A OD1   1 
ATOM   1207 N ND2   . ASN A 1 164 ? -14.527 -8.897  -10.260 1.00 17.51 ? 164 ASN A ND2   1 
ATOM   1208 N N     . ILE A 1 165 ? -10.387 -6.571  -9.354  1.00 10.09 ? 165 ILE A N     1 
ATOM   1209 C CA    . ILE A 1 165 ? -9.565  -5.395  -9.634  1.00 9.69  ? 165 ILE A CA    1 
ATOM   1210 C C     . ILE A 1 165 ? -10.026 -4.609  -10.852 1.00 9.66  ? 165 ILE A C     1 
ATOM   1211 O O     . ILE A 1 165 ? -10.208 -5.163  -11.936 1.00 9.03  ? 165 ILE A O     1 
ATOM   1212 C CB    . ILE A 1 165 ? -8.093  -5.790  -9.781  1.00 9.78  ? 165 ILE A CB    1 
ATOM   1213 C CG1   . ILE A 1 165 ? -7.611  -6.485  -8.498  1.00 10.20 ? 165 ILE A CG1   1 
ATOM   1214 C CG2   . ILE A 1 165 ? -7.224  -4.557  -10.099 1.00 9.50  ? 165 ILE A CG2   1 
ATOM   1215 C CD1   . ILE A 1 165 ? -6.246  -7.156  -8.626  1.00 9.50  ? 165 ILE A CD1   1 
ATOM   1216 N N     . ASP A 1 166 ? -10.224 -3.309  -10.662 1.00 9.88  ? 166 ASP A N     1 
ATOM   1217 C CA    . ASP A 1 166 ? -10.605 -2.420  -11.762 1.00 10.46 ? 166 ASP A CA    1 
ATOM   1218 C C     . ASP A 1 166 ? -9.517  -2.464  -12.834 1.00 10.26 ? 166 ASP A C     1 
ATOM   1219 O O     . ASP A 1 166 ? -8.338  -2.449  -12.505 1.00 9.94  ? 166 ASP A O     1 
ATOM   1220 C CB    . ASP A 1 166 ? -10.773 -0.995  -11.235 1.00 11.20 ? 166 ASP A CB    1 
ATOM   1221 C CG    . ASP A 1 166 ? -11.241 -0.033  -12.303 1.00 13.73 ? 166 ASP A CG    1 
ATOM   1222 O OD1   . ASP A 1 166 ? -12.418 0.366   -12.253 1.00 18.39 ? 166 ASP A OD1   1 
ATOM   1223 O OD2   . ASP A 1 166 ? -10.518 0.351   -13.243 1.00 14.51 ? 166 ASP A OD2   1 
ATOM   1224 N N     . PRO A 1 167 ? -9.893  -2.527  -14.114 1.00 10.48 ? 167 PRO A N     1 
ATOM   1225 C CA    . PRO A 1 167 ? -8.895  -2.606  -15.188 1.00 10.60 ? 167 PRO A CA    1 
ATOM   1226 C C     . PRO A 1 167 ? -7.959  -1.386  -15.241 1.00 10.77 ? 167 PRO A C     1 
ATOM   1227 O O     . PRO A 1 167 ? -6.928  -1.456  -15.888 1.00 10.51 ? 167 PRO A O     1 
ATOM   1228 C CB    . PRO A 1 167 ? -9.754  -2.680  -16.466 1.00 10.51 ? 167 PRO A CB    1 
ATOM   1229 C CG    . PRO A 1 167 ? -11.051 -2.058  -16.054 1.00 10.92 ? 167 PRO A CG    1 
ATOM   1230 C CD    . PRO A 1 167 ? -11.269 -2.563  -14.640 1.00 10.30 ? 167 PRO A CD    1 
ATOM   1231 N N     . GLU A 1 168 ? -8.312  -0.291  -14.580 1.00 11.36 ? 168 GLU A N     1 
ATOM   1232 C CA    . GLU A 1 168 ? -7.420  0.870   -14.563 1.00 11.99 ? 168 GLU A CA    1 
ATOM   1233 C C     . GLU A 1 168 ? -6.421  0.788   -13.418 1.00 11.66 ? 168 GLU A C     1 
ATOM   1234 O O     . GLU A 1 168 ? -5.480  1.575   -13.332 1.00 11.76 ? 168 GLU A O     1 
ATOM   1235 C CB    . GLU A 1 168 ? -8.213  2.169   -14.509 1.00 12.47 ? 168 GLU A CB    1 
ATOM   1236 C CG    . GLU A 1 168 ? -8.736  2.605   -15.872 1.00 15.41 ? 168 GLU A CG    1 
ATOM   1237 C CD    . GLU A 1 168 ? -9.421  3.953   -15.811 1.00 19.79 ? 168 GLU A CD    1 
ATOM   1238 O OE1   . GLU A 1 168 ? -10.559 4.000   -15.310 1.00 21.69 ? 168 GLU A OE1   1 
ATOM   1239 O OE2   . GLU A 1 168 ? -8.818  4.968   -16.242 1.00 22.21 ? 168 GLU A OE2   1 
ATOM   1240 N N     . ASP A 1 169 ? -6.632  -0.170  -12.528 1.00 11.73 ? 169 ASP A N     1 
ATOM   1241 C CA    . ASP A 1 169 ? -5.690  -0.399  -11.447 1.00 12.05 ? 169 ASP A CA    1 
ATOM   1242 C C     . ASP A 1 169 ? -4.613  -1.373  -11.924 1.00 12.62 ? 169 ASP A C     1 
ATOM   1243 O O     . ASP A 1 169 ? -4.687  -1.897  -13.019 1.00 13.01 ? 169 ASP A O     1 
ATOM   1244 C CB    . ASP A 1 169 ? -6.402  -0.969  -10.232 1.00 11.21 ? 169 ASP A CB    1 
ATOM   1245 C CG    . ASP A 1 169 ? -7.171  0.077   -9.467  1.00 11.52 ? 169 ASP A CG    1 
ATOM   1246 O OD1   . ASP A 1 169 ? -6.910  1.288   -9.670  1.00 11.36 ? 169 ASP A OD1   1 
ATOM   1247 O OD2   . ASP A 1 169 ? -8.053  -0.220  -8.638  1.00 10.18 ? 169 ASP A OD2   1 
ATOM   1248 N N     . GLU A 1 170 ? -3.623  -1.620  -11.085 1.00 13.38 ? 170 GLU A N     1 
ATOM   1249 C CA    . GLU A 1 170 ? -2.510  -2.471  -11.465 1.00 14.10 ? 170 GLU A CA    1 
ATOM   1250 C C     . GLU A 1 170 ? -2.388  -3.655  -10.512 1.00 13.24 ? 170 GLU A C     1 
ATOM   1251 O O     . GLU A 1 170 ? -2.757  -3.558  -9.357  1.00 12.46 ? 170 GLU A O     1 
ATOM   1252 C CB    . GLU A 1 170 ? -1.232  -1.620  -11.474 1.00 15.11 ? 170 GLU A CB    1 
ATOM   1253 C CG    . GLU A 1 170 ? 0.006   -2.335  -11.979 1.00 19.25 ? 170 GLU A CG    1 
ATOM   1254 C CD    . GLU A 1 170 ? 0.674   -1.625  -13.144 1.00 19.09 ? 170 GLU A CD    1 
ATOM   1255 O OE1   . GLU A 1 170 ? 1.436   -2.295  -13.856 1.00 22.32 ? 170 GLU A OE1   1 
ATOM   1256 O OE2   . GLU A 1 170 ? 0.444   -0.418  -13.354 1.00 19.60 ? 170 GLU A OE2   1 
ATOM   1257 N N     . LEU A 1 171 ? -1.943  -4.798  -11.017 1.00 12.73 ? 171 LEU A N     1 
ATOM   1258 C CA    . LEU A 1 171 ? -1.649  -5.931  -10.150 1.00 11.72 ? 171 LEU A CA    1 
ATOM   1259 C C     . LEU A 1 171 ? -0.224  -6.332  -10.458 1.00 12.10 ? 171 LEU A C     1 
ATOM   1260 O O     . LEU A 1 171 ? 0.090   -6.705  -11.593 1.00 11.68 ? 171 LEU A O     1 
ATOM   1261 C CB    . LEU A 1 171 ? -2.576  -7.120  -10.406 1.00 11.68 ? 171 LEU A CB    1 
ATOM   1262 C CG    . LEU A 1 171 ? -2.119  -8.404  -9.685  1.00 9.80  ? 171 LEU A CG    1 
ATOM   1263 C CD1   . LEU A 1 171 ? -1.924  -8.223  -8.161  1.00 9.16  ? 171 LEU A CD1   1 
ATOM   1264 C CD2   . LEU A 1 171 ? -3.076  -9.577  -9.975  1.00 11.01 ? 171 LEU A CD2   1 
ATOM   1265 N N     . ILE A 1 172 ? 0.646   -6.233  -9.459  1.00 12.05 ? 172 ILE A N     1 
ATOM   1266 C CA    . ILE A 1 172 ? 2.051   -6.561  -9.655  1.00 12.45 ? 172 ILE A CA    1 
ATOM   1267 C C     . ILE A 1 172 ? 2.505   -7.631  -8.683  1.00 12.26 ? 172 ILE A C     1 
ATOM   1268 O O     . ILE A 1 172 ? 2.301   -7.501  -7.475  1.00 12.10 ? 172 ILE A O     1 
ATOM   1269 C CB    . ILE A 1 172 ? 2.911   -5.298  -9.487  1.00 12.59 ? 172 ILE A CB    1 
ATOM   1270 C CG1   . ILE A 1 172 ? 2.635   -4.319  -10.628 1.00 13.59 ? 172 ILE A CG1   1 
ATOM   1271 C CG2   . ILE A 1 172 ? 4.388   -5.646  -9.449  1.00 12.80 ? 172 ILE A CG2   1 
ATOM   1272 C CD1   . ILE A 1 172 ? 3.339   -2.962  -10.443 1.00 15.13 ? 172 ILE A CD1   1 
ATOM   1273 N N     . LEU A 1 173 ? 3.110   -8.693  -9.207  1.00 11.90 ? 173 LEU A N     1 
ATOM   1274 C CA    . LEU A 1 173 ? 3.641   -9.750  -8.346  1.00 12.16 ? 173 LEU A CA    1 
ATOM   1275 C C     . LEU A 1 173 ? 4.981   -9.289  -7.818  1.00 11.81 ? 173 LEU A C     1 
ATOM   1276 O O     . LEU A 1 173 ? 5.787   -8.725  -8.560  1.00 11.12 ? 173 LEU A O     1 
ATOM   1277 C CB    . LEU A 1 173 ? 3.820   -11.061 -9.100  1.00 12.16 ? 173 LEU A CB    1 
ATOM   1278 C CG    . LEU A 1 173 ? 2.592   -11.656 -9.774  1.00 13.94 ? 173 LEU A CG    1 
ATOM   1279 C CD1   . LEU A 1 173 ? 2.780   -13.157 -9.876  1.00 12.22 ? 173 LEU A CD1   1 
ATOM   1280 C CD2   . LEU A 1 173 ? 1.314   -11.309 -9.027  1.00 11.74 ? 173 LEU A CD2   1 
ATOM   1281 N N     . PHE A 1 174 ? 5.234   -9.560  -6.545  1.00 11.56 ? 174 PHE A N     1 
ATOM   1282 C CA    . PHE A 1 174 ? 6.386   -8.975  -5.878  1.00 11.48 ? 174 PHE A CA    1 
ATOM   1283 C C     . PHE A 1 174 ? 7.018   -9.950  -4.898  1.00 11.39 ? 174 PHE A C     1 
ATOM   1284 O O     . PHE A 1 174 ? 6.351   -10.849 -4.403  1.00 11.58 ? 174 PHE A O     1 
ATOM   1285 C CB    . PHE A 1 174 ? 5.910   -7.730  -5.106  1.00 11.48 ? 174 PHE A CB    1 
ATOM   1286 C CG    . PHE A 1 174 ? 7.030   -6.876  -4.560  1.00 10.26 ? 174 PHE A CG    1 
ATOM   1287 C CD1   . PHE A 1 174 ? 7.539   -5.827  -5.301  1.00 10.42 ? 174 PHE A CD1   1 
ATOM   1288 C CD2   . PHE A 1 174 ? 7.567   -7.127  -3.309  1.00 10.24 ? 174 PHE A CD2   1 
ATOM   1289 C CE1   . PHE A 1 174 ? 8.582   -5.043  -4.809  1.00 9.36  ? 174 PHE A CE1   1 
ATOM   1290 C CE2   . PHE A 1 174 ? 8.602   -6.347  -2.803  1.00 10.06 ? 174 PHE A CE2   1 
ATOM   1291 C CZ    . PHE A 1 174 ? 9.111   -5.304  -3.561  1.00 9.79  ? 174 PHE A CZ    1 
ATOM   1292 N N     . SER A 1 175 ? 8.309   -9.774  -4.637  1.00 11.16 ? 175 SER A N     1 
ATOM   1293 C CA    . SER A 1 175 ? 8.994   -10.501 -3.578  1.00 10.87 ? 175 SER A CA    1 
ATOM   1294 C C     . SER A 1 175 ? 10.035  -9.610  -2.918  1.00 10.99 ? 175 SER A C     1 
ATOM   1295 O O     . SER A 1 175 ? 10.939  -9.123  -3.588  1.00 10.86 ? 175 SER A O     1 
ATOM   1296 C CB    . SER A 1 175 ? 9.678   -11.761 -4.104  1.00 11.41 ? 175 SER A CB    1 
ATOM   1297 O OG    . SER A 1 175 ? 10.522  -12.306 -3.103  1.00 10.72 ? 175 SER A OG    1 
ATOM   1298 N N     . SER A 1 176 ? 9.929   -9.398  -1.610  1.00 10.88 ? 176 SER A N     1 
ATOM   1299 C CA    . SER A 1 176 ? 10.935  -8.607  -0.910  1.00 11.07 ? 176 SER A CA    1 
ATOM   1300 C C     . SER A 1 176 ? 12.208  -9.435  -0.747  1.00 11.61 ? 176 SER A C     1 
ATOM   1301 O O     . SER A 1 176 ? 13.286  -8.911  -0.444  1.00 11.14 ? 176 SER A O     1 
ATOM   1302 C CB    . SER A 1 176 ? 10.421  -8.155  0.454   1.00 11.01 ? 176 SER A CB    1 
ATOM   1303 O OG    . SER A 1 176 ? 9.418   -7.166  0.306   1.00 10.56 ? 176 SER A OG    1 
ATOM   1304 N N     . GLU A 1 177 ? 12.078  -10.741 -0.949  1.00 12.11 ? 177 GLU A N     1 
ATOM   1305 C CA    . GLU A 1 177 ? 13.227  -11.627 -0.862  1.00 12.71 ? 177 GLU A CA    1 
ATOM   1306 C C     . GLU A 1 177 ? 14.117  -11.448 -2.089  1.00 12.07 ? 177 GLU A C     1 
ATOM   1307 O O     . GLU A 1 177 ? 15.327  -11.232 -1.978  1.00 12.42 ? 177 GLU A O     1 
ATOM   1308 C CB    . GLU A 1 177 ? 12.762  -13.088 -0.744  1.00 13.61 ? 177 GLU A CB    1 
ATOM   1309 C CG    . GLU A 1 177 ? 13.873  -14.078 -0.427  1.00 17.20 ? 177 GLU A CG    1 
ATOM   1310 C CD    . GLU A 1 177 ? 14.214  -14.120 1.055   1.00 22.36 ? 177 GLU A CD    1 
ATOM   1311 O OE1   . GLU A 1 177 ? 14.799  -13.137 1.570   1.00 24.33 ? 177 GLU A OE1   1 
ATOM   1312 O OE2   . GLU A 1 177 ? 13.895  -15.140 1.709   1.00 24.44 ? 177 GLU A OE2   1 
ATOM   1313 N N     . THR A 1 178 ? 13.513  -11.495 -3.265  1.00 11.12 ? 178 THR A N     1 
ATOM   1314 C CA    . THR A 1 178 ? 14.291  -11.442 -4.499  1.00 10.31 ? 178 THR A CA    1 
ATOM   1315 C C     . THR A 1 178 ? 14.229  -10.100 -5.215  1.00 9.90  ? 178 THR A C     1 
ATOM   1316 O O     . THR A 1 178 ? 14.834  -9.934  -6.271  1.00 8.58  ? 178 THR A O     1 
ATOM   1317 C CB    . THR A 1 178 ? 13.761  -12.511 -5.458  1.00 10.43 ? 178 THR A CB    1 
ATOM   1318 O OG1   . THR A 1 178 ? 12.398  -12.207 -5.774  1.00 10.02 ? 178 THR A OG1   1 
ATOM   1319 C CG2   . THR A 1 178 ? 13.680  -13.867 -4.768  1.00 9.60  ? 178 THR A CG2   1 
ATOM   1320 N N     . LYS A 1 179 ? 13.466  -9.164  -4.667  1.00 9.83  ? 179 LYS A N     1 
ATOM   1321 C CA    . LYS A 1 179 ? 13.287  -7.849  -5.296  1.00 10.80 ? 179 LYS A CA    1 
ATOM   1322 C C     . LYS A 1 179 ? 12.468  -7.921  -6.591  1.00 10.62 ? 179 LYS A C     1 
ATOM   1323 O O     . LYS A 1 179 ? 12.371  -6.937  -7.323  1.00 10.68 ? 179 LYS A O     1 
ATOM   1324 C CB    . LYS A 1 179 ? 14.635  -7.161  -5.564  1.00 11.31 ? 179 LYS A CB    1 
ATOM   1325 C CG    . LYS A 1 179 ? 15.562  -7.137  -4.361  1.00 13.37 ? 179 LYS A CG    1 
ATOM   1326 C CD    . LYS A 1 179 ? 14.799  -6.709  -3.129  1.00 16.64 ? 179 LYS A CD    1 
ATOM   1327 C CE    . LYS A 1 179 ? 15.632  -6.841  -1.870  1.00 19.06 ? 179 LYS A CE    1 
ATOM   1328 N NZ    . LYS A 1 179 ? 14.846  -6.317  -0.713  1.00 22.20 ? 179 LYS A NZ    1 
ATOM   1329 N N     . LYS A 1 180 ? 11.910  -9.091  -6.898  1.00 10.31 ? 180 LYS A N     1 
ATOM   1330 C CA    . LYS A 1 180 ? 11.011  -9.195  -8.040  1.00 10.29 ? 180 LYS A CA    1 
ATOM   1331 C C     . LYS A 1 180 ? 9.909   -8.141  -7.887  1.00 10.65 ? 180 LYS A C     1 
ATOM   1332 O O     . LYS A 1 180 ? 9.370   -7.981  -6.808  1.00 10.41 ? 180 LYS A O     1 
ATOM   1333 C CB    . LYS A 1 180 ? 10.356  -10.574 -8.064  1.00 9.72  ? 180 LYS A CB    1 
ATOM   1334 C CG    . LYS A 1 180 ? 9.172   -10.669 -9.001  1.00 9.74  ? 180 LYS A CG    1 
ATOM   1335 C CD    . LYS A 1 180 ? 8.665   -12.092 -9.099  1.00 10.37 ? 180 LYS A CD    1 
ATOM   1336 C CE    . LYS A 1 180 ? 7.421   -12.182 -9.971  1.00 12.80 ? 180 LYS A CE    1 
ATOM   1337 N NZ    . LYS A 1 180 ? 7.630   -11.693 -11.370 1.00 13.44 ? 180 LYS A NZ    1 
ATOM   1338 N N     . GLY A 1 181 ? 9.589   -7.427  -8.961  1.00 11.23 ? 181 GLY A N     1 
ATOM   1339 C CA    . GLY A 1 181 ? 8.523   -6.445  -8.941  1.00 11.54 ? 181 GLY A CA    1 
ATOM   1340 C C     . GLY A 1 181 ? 8.942   -5.032  -8.572  1.00 12.26 ? 181 GLY A C     1 
ATOM   1341 O O     . GLY A 1 181 ? 8.151   -4.101  -8.705  1.00 12.00 ? 181 GLY A O     1 
ATOM   1342 N N     . LYS A 1 182 ? 10.169  -4.869  -8.098  1.00 12.49 ? 182 LYS A N     1 
ATOM   1343 C CA    . LYS A 1 182 ? 10.652  -3.547  -7.680  1.00 13.73 ? 182 LYS A CA    1 
ATOM   1344 C C     . LYS A 1 182 ? 10.567  -2.464  -8.769  1.00 13.92 ? 182 LYS A C     1 
ATOM   1345 O O     . LYS A 1 182 ? 9.970   -1.406  -8.557  1.00 13.63 ? 182 LYS A O     1 
ATOM   1346 C CB    . LYS A 1 182 ? 12.082  -3.635  -7.161  1.00 13.94 ? 182 LYS A CB    1 
ATOM   1347 C CG    . LYS A 1 182 ? 12.664  -2.276  -6.794  1.00 15.34 ? 182 LYS A CG    1 
ATOM   1348 C CD    . LYS A 1 182 ? 14.077  -2.401  -6.255  1.00 15.85 ? 182 LYS A CD    1 
ATOM   1349 C CE    . LYS A 1 182 ? 14.643  -1.033  -5.953  1.00 18.18 ? 182 LYS A CE    1 
ATOM   1350 N NZ    . LYS A 1 182 ? 15.932  -1.131  -5.230  1.00 19.94 ? 182 LYS A NZ    1 
ATOM   1351 N N     . ASP A 1 183 ? 11.169  -2.722  -9.926  1.00 14.14 ? 183 ASP A N     1 
ATOM   1352 C CA    . ASP A 1 183 ? 11.107  -1.773  -11.031 1.00 14.35 ? 183 ASP A CA    1 
ATOM   1353 C C     . ASP A 1 183 ? 9.659   -1.560  -11.486 1.00 14.31 ? 183 ASP A C     1 
ATOM   1354 O O     . ASP A 1 183 ? 9.251   -0.436  -11.735 1.00 14.21 ? 183 ASP A O     1 
ATOM   1355 C CB    . ASP A 1 183 ? 11.949  -2.252  -12.222 1.00 14.49 ? 183 ASP A CB    1 
ATOM   1356 C CG    . ASP A 1 183 ? 13.422  -2.380  -11.892 1.00 15.28 ? 183 ASP A CG    1 
ATOM   1357 O OD1   . ASP A 1 183 ? 13.869  -1.889  -10.832 1.00 16.49 ? 183 ASP A OD1   1 
ATOM   1358 O OD2   . ASP A 1 183 ? 14.217  -2.962  -12.648 1.00 17.75 ? 183 ASP A OD2   1 
ATOM   1359 N N     . GLU A 1 184 ? 8.890   -2.638  -11.621 1.00 14.33 ? 184 GLU A N     1 
ATOM   1360 C CA    . GLU A 1 184 ? 7.503   -2.503  -12.060 1.00 14.79 ? 184 GLU A CA    1 
ATOM   1361 C C     . GLU A 1 184 ? 6.689   -1.689  -11.066 1.00 14.04 ? 184 GLU A C     1 
ATOM   1362 O O     . GLU A 1 184 ? 5.862   -0.881  -11.462 1.00 13.91 ? 184 GLU A O     1 
ATOM   1363 C CB    . GLU A 1 184 ? 6.824   -3.858  -12.291 1.00 15.51 ? 184 GLU A CB    1 
ATOM   1364 C CG    . GLU A 1 184 ? 5.653   -3.775  -13.271 1.00 18.88 ? 184 GLU A CG    1 
ATOM   1365 C CD    . GLU A 1 184 ? 4.876   -5.076  -13.403 1.00 23.62 ? 184 GLU A CD    1 
ATOM   1366 O OE1   . GLU A 1 184 ? 5.332   -6.111  -12.869 1.00 25.47 ? 184 GLU A OE1   1 
ATOM   1367 O OE2   . GLU A 1 184 ? 3.799   -5.068  -14.042 1.00 25.94 ? 184 GLU A OE2   1 
ATOM   1368 N N     . ALA A 1 185 ? 6.923   -1.906  -9.777  1.00 13.06 ? 185 ALA A N     1 
ATOM   1369 C CA    . ALA A 1 185 ? 6.223   -1.139  -8.762  1.00 12.82 ? 185 ALA A CA    1 
ATOM   1370 C C     . ALA A 1 185 ? 6.608   0.343   -8.870  1.00 12.53 ? 185 ALA A C     1 
ATOM   1371 O O     . ALA A 1 185 ? 5.744   1.213   -8.864  1.00 12.17 ? 185 ALA A O     1 
ATOM   1372 C CB    . ALA A 1 185 ? 6.515   -1.686  -7.368  1.00 12.56 ? 185 ALA A CB    1 
ATOM   1373 N N     . TRP A 1 186 ? 7.898   0.647   -8.970  1.00 12.34 ? 186 TRP A N     1 
ATOM   1374 C CA    . TRP A 1 186 ? 8.277   2.054   -9.106  1.00 12.51 ? 186 TRP A CA    1 
ATOM   1375 C C     . TRP A 1 186 ? 7.626   2.658   -10.353 1.00 12.75 ? 186 TRP A C     1 
ATOM   1376 O O     . TRP A 1 186 ? 7.063   3.745   -10.305 1.00 12.88 ? 186 TRP A O     1 
ATOM   1377 C CB    . TRP A 1 186 ? 9.803   2.256   -9.114  1.00 12.76 ? 186 TRP A CB    1 
ATOM   1378 C CG    . TRP A 1 186 ? 10.340  2.539   -7.738  1.00 13.45 ? 186 TRP A CG    1 
ATOM   1379 C CD1   . TRP A 1 186 ? 11.259  1.801   -7.044  1.00 14.47 ? 186 TRP A CD1   1 
ATOM   1380 C CD2   . TRP A 1 186 ? 9.961   3.619   -6.875  1.00 13.87 ? 186 TRP A CD2   1 
ATOM   1381 N NE1   . TRP A 1 186 ? 11.481  2.366   -5.810  1.00 14.19 ? 186 TRP A NE1   1 
ATOM   1382 C CE2   . TRP A 1 186 ? 10.697  3.484   -5.682  1.00 14.85 ? 186 TRP A CE2   1 
ATOM   1383 C CE3   . TRP A 1 186 ? 9.077   4.698   -6.995  1.00 13.21 ? 186 TRP A CE3   1 
ATOM   1384 C CZ2   . TRP A 1 186 ? 10.572  4.382   -4.613  1.00 14.45 ? 186 TRP A CZ2   1 
ATOM   1385 C CZ3   . TRP A 1 186 ? 8.958   5.592   -5.933  1.00 15.01 ? 186 TRP A CZ3   1 
ATOM   1386 C CH2   . TRP A 1 186 ? 9.696   5.419   -4.756  1.00 14.96 ? 186 TRP A CH2   1 
ATOM   1387 N N     . GLY A 1 187 ? 7.694   1.941   -11.465 1.00 12.63 ? 187 GLY A N     1 
ATOM   1388 C CA    . GLY A 1 187 ? 7.089   2.404   -12.700 1.00 13.85 ? 187 GLY A CA    1 
ATOM   1389 C C     . GLY A 1 187 ? 5.614   2.743   -12.555 1.00 14.31 ? 187 GLY A C     1 
ATOM   1390 O O     . GLY A 1 187 ? 5.148   3.744   -13.104 1.00 14.48 ? 187 GLY A O     1 
ATOM   1391 N N     . ALA A 1 188 ? 4.876   1.908   -11.826 1.00 14.22 ? 188 ALA A N     1 
ATOM   1392 C CA    . ALA A 1 188 ? 3.452   2.151   -11.588 1.00 14.85 ? 188 ALA A CA    1 
ATOM   1393 C C     . ALA A 1 188 ? 3.228   3.375   -10.687 1.00 15.13 ? 188 ALA A C     1 
ATOM   1394 O O     . ALA A 1 188 ? 2.332   4.194   -10.936 1.00 15.73 ? 188 ALA A O     1 
ATOM   1395 C CB    . ALA A 1 188 ? 2.783   0.913   -11.001 1.00 14.52 ? 188 ALA A CB    1 
ATOM   1396 N N     . ILE A 1 189 ? 4.049   3.512   -9.656  1.00 15.22 ? 189 ILE A N     1 
ATOM   1397 C CA    . ILE A 1 189 ? 3.939   4.666   -8.774  1.00 15.45 ? 189 ILE A CA    1 
ATOM   1398 C C     . ILE A 1 189 ? 4.133   5.939   -9.588  1.00 16.15 ? 189 ILE A C     1 
ATOM   1399 O O     . ILE A 1 189 ? 3.427   6.925   -9.409  1.00 15.59 ? 189 ILE A O     1 
ATOM   1400 C CB    . ILE A 1 189 ? 4.955   4.571   -7.636  1.00 15.27 ? 189 ILE A CB    1 
ATOM   1401 C CG1   . ILE A 1 189 ? 4.520   3.509   -6.625  1.00 15.63 ? 189 ILE A CG1   1 
ATOM   1402 C CG2   . ILE A 1 189 ? 5.116   5.924   -6.928  1.00 14.83 ? 189 ILE A CG2   1 
ATOM   1403 C CD1   . ILE A 1 189 ? 5.640   3.055   -5.727  1.00 14.78 ? 189 ILE A CD1   1 
ATOM   1404 N N     . LYS A 1 190 ? 5.093   5.904   -10.507 1.00 17.46 ? 190 LYS A N     1 
ATOM   1405 C CA    . LYS A 1 190 ? 5.336   7.037   -11.382 1.00 18.34 ? 190 LYS A CA    1 
ATOM   1406 C C     . LYS A 1 190 ? 4.135   7.373   -12.266 1.00 18.65 ? 190 LYS A C     1 
ATOM   1407 O O     . LYS A 1 190 ? 3.785   8.541   -12.404 1.00 18.58 ? 190 LYS A O     1 
ATOM   1408 C CB    . LYS A 1 190 ? 6.585   6.794   -12.226 1.00 18.92 ? 190 LYS A CB    1 
ATOM   1409 C CG    . LYS A 1 190 ? 7.869   6.983   -11.444 1.00 21.27 ? 190 LYS A CG    1 
ATOM   1410 C CD    . LYS A 1 190 ? 9.102   6.837   -12.332 1.00 25.31 ? 190 LYS A CD    1 
ATOM   1411 C CE    . LYS A 1 190 ? 10.353  6.813   -11.468 1.00 26.96 ? 190 LYS A CE    1 
ATOM   1412 N NZ    . LYS A 1 190 ? 10.172  5.846   -10.341 1.00 27.71 ? 190 LYS A NZ    1 
ATOM   1413 N N     . LYS A 1 191 ? 3.522   6.370   -12.886 1.00 19.42 ? 191 LYS A N     1 
ATOM   1414 C CA    . LYS A 1 191 ? 2.331   6.609   -13.711 1.00 20.92 ? 191 LYS A CA    1 
ATOM   1415 C C     . LYS A 1 191 ? 1.222   7.226   -12.865 1.00 21.36 ? 191 LYS A C     1 
ATOM   1416 O O     . LYS A 1 191 ? 0.552   8.165   -13.287 1.00 21.31 ? 191 LYS A O     1 
ATOM   1417 C CB    . LYS A 1 191 ? 1.809   5.314   -14.346 1.00 20.94 ? 191 LYS A CB    1 
ATOM   1418 C CG    . LYS A 1 191 ? 2.643   4.773   -15.507 1.00 23.23 ? 191 LYS A CG    1 
ATOM   1419 C CD    . LYS A 1 191 ? 1.860   3.717   -16.298 1.00 25.22 ? 191 LYS A CD    1 
ATOM   1420 C CE    . LYS A 1 191 ? 2.682   2.447   -16.504 1.00 26.47 ? 191 LYS A CE    1 
ATOM   1421 N NZ    . LYS A 1 191 ? 2.674   1.604   -15.252 1.00 28.37 ? 191 LYS A NZ    1 
ATOM   1422 N N     . MET A 1 192 ? 1.023   6.679   -11.668 1.00 21.95 ? 192 MET A N     1 
ATOM   1423 C CA    . MET A 1 192 ? 0.012   7.205   -10.766 1.00 22.76 ? 192 MET A CA    1 
ATOM   1424 C C     . MET A 1 192 ? 0.311   8.648   -10.382 1.00 22.63 ? 192 MET A C     1 
ATOM   1425 O O     . MET A 1 192 ? -0.585  9.478   -10.350 1.00 22.54 ? 192 MET A O     1 
ATOM   1426 C CB    . MET A 1 192 ? -0.100  6.343   -9.501  1.00 22.91 ? 192 MET A CB    1 
ATOM   1427 C CG    . MET A 1 192 ? -0.747  4.996   -9.731  1.00 23.79 ? 192 MET A CG    1 
ATOM   1428 S SD    . MET A 1 192 ? -2.293  5.121   -10.651 1.00 27.54 ? 192 MET A SD    1 
ATOM   1429 C CE    . MET A 1 192 ? -2.778  3.427   -10.689 1.00 26.37 ? 192 MET A CE    1 
ATOM   1430 N N     . ILE A 1 193 ? 1.567   8.958   -10.096 1.00 23.38 ? 193 ILE A N     1 
ATOM   1431 C CA    . ILE A 1 193 ? 1.900   10.318  -9.677  1.00 24.11 ? 193 ILE A CA    1 
ATOM   1432 C C     . ILE A 1 193 ? 1.762   11.342  -10.805 1.00 24.80 ? 193 ILE A C     1 
ATOM   1433 O O     . ILE A 1 193 ? 1.431   12.501  -10.560 1.00 24.97 ? 193 ILE A O     1 
ATOM   1434 C CB    . ILE A 1 193 ? 3.305   10.392  -9.053  1.00 24.22 ? 193 ILE A CB    1 
ATOM   1435 C CG1   . ILE A 1 193 ? 3.310   9.737   -7.673  1.00 23.76 ? 193 ILE A CG1   1 
ATOM   1436 C CG2   . ILE A 1 193 ? 3.755   11.844  -8.923  1.00 23.97 ? 193 ILE A CG2   1 
ATOM   1437 C CD1   . ILE A 1 193 ? 4.601   9.937   -6.938  1.00 24.14 ? 193 ILE A CD1   1 
ATOM   1438 N N     . ASN A 1 194 ? 2.003   10.913  -12.037 1.00 25.43 ? 194 ASN A N     1 
ATOM   1439 C CA    . ASN A 1 194 ? 1.920   11.831  -13.168 1.00 26.21 ? 194 ASN A CA    1 
ATOM   1440 C C     . ASN A 1 194 ? 0.639   11.676  -13.974 1.00 26.77 ? 194 ASN A C     1 
ATOM   1441 O O     . ASN A 1 194 ? 0.584   12.035  -15.153 1.00 26.65 ? 194 ASN A O     1 
ATOM   1442 C CB    . ASN A 1 194 ? 3.171   11.730  -14.047 1.00 25.96 ? 194 ASN A CB    1 
ATOM   1443 C CG    . ASN A 1 194 ? 4.423   12.184  -13.317 1.00 25.63 ? 194 ASN A CG    1 
ATOM   1444 O OD1   . ASN A 1 194 ? 4.534   13.337  -12.914 1.00 26.01 ? 194 ASN A OD1   1 
ATOM   1445 N ND2   . ASN A 1 194 ? 5.363   11.273  -13.131 1.00 25.41 ? 194 ASN A ND2   1 
ATOM   1446 N N     . ARG A 1 195 ? -0.396  11.145  -13.326 1.00 27.52 ? 195 ARG A N     1 
ATOM   1447 C CA    . ARG A 1 195 ? -1.699  11.018  -13.965 1.00 28.36 ? 195 ARG A CA    1 
ATOM   1448 C C     . ARG A 1 195 ? -2.275  12.401  -14.237 1.00 28.96 ? 195 ARG A C     1 
ATOM   1449 O O     . ARG A 1 195 ? -2.749  12.673  -15.342 1.00 29.62 ? 195 ARG A O     1 
ATOM   1450 C CB    . ARG A 1 195 ? -2.670  10.211  -13.099 1.00 28.43 ? 195 ARG A CB    1 
ATOM   1451 C CG    . ARG A 1 195 ? -2.825  8.771   -13.536 1.00 27.84 ? 195 ARG A CG    1 
ATOM   1452 C CD    . ARG A 1 195 ? -3.928  8.000   -12.822 1.00 26.95 ? 195 ARG A CD    1 
ATOM   1453 N NE    . ARG A 1 195 ? -3.928  6.597   -13.231 1.00 26.31 ? 195 ARG A NE    1 
ATOM   1454 C CZ    . ARG A 1 195 ? -4.856  5.709   -12.884 1.00 25.54 ? 195 ARG A CZ    1 
ATOM   1455 N NH1   . ARG A 1 195 ? -5.876  6.076   -12.117 1.00 25.68 ? 195 ARG A NH1   1 
ATOM   1456 N NH2   . ARG A 1 195 ? -4.762  4.456   -13.308 1.00 23.80 ? 195 ARG A NH2   1 
ATOM   1457 O OXT   . ARG A 1 195 ? -2.258  13.264  -13.354 1.00 29.27 ? 195 ARG A OXT   1 
HETATM 1458 P PB    . GDP B 2 .   ? 4.524   -6.113  7.881   1.00 16.42 ? 401 GDP A PB    1 
HETATM 1459 O O1B   . GDP B 2 .   ? 3.510   -6.112  6.810   1.00 15.70 ? 401 GDP A O1B   1 
HETATM 1460 O O2B   . GDP B 2 .   ? 5.299   -4.800  7.835   1.00 13.60 ? 401 GDP A O2B   1 
HETATM 1461 O O3B   . GDP B 2 .   ? 3.865   -6.340  9.232   1.00 15.72 ? 401 GDP A O3B   1 
HETATM 1462 O O3A   . GDP B 2 .   ? 5.389   -7.459  7.597   1.00 16.59 ? 401 GDP A O3A   1 
HETATM 1463 P PA    . GDP B 2 .   ? 6.973   -7.611  7.394   1.00 16.10 ? 401 GDP A PA    1 
HETATM 1464 O O1A   . GDP B 2 .   ? 7.484   -6.735  6.319   1.00 15.46 ? 401 GDP A O1A   1 
HETATM 1465 O O2A   . GDP B 2 .   ? 7.662   -7.360  8.735   1.00 16.48 ? 401 GDP A O2A   1 
HETATM 1466 O "O5'" . GDP B 2 .   ? 7.044   -9.153  6.986   1.00 16.07 ? 401 GDP A "O5'" 1 
HETATM 1467 C "C5'" . GDP B 2 .   ? 6.521   -10.145 7.845   1.00 15.62 ? 401 GDP A "C5'" 1 
HETATM 1468 C "C4'" . GDP B 2 .   ? 7.298   -11.446 7.691   1.00 14.75 ? 401 GDP A "C4'" 1 
HETATM 1469 O "O4'" . GDP B 2 .   ? 7.222   -11.909 6.354   1.00 14.43 ? 401 GDP A "O4'" 1 
HETATM 1470 C "C3'" . GDP B 2 .   ? 8.770   -11.220 7.983   1.00 15.67 ? 401 GDP A "C3'" 1 
HETATM 1471 O "O3'" . GDP B 2 .   ? 9.318   -12.387 8.576   1.00 16.09 ? 401 GDP A "O3'" 1 
HETATM 1472 C "C2'" . GDP B 2 .   ? 9.386   -11.010 6.615   1.00 14.86 ? 401 GDP A "C2'" 1 
HETATM 1473 O "O2'" . GDP B 2 .   ? 10.725  -11.470 6.624   1.00 15.19 ? 401 GDP A "O2'" 1 
HETATM 1474 C "C1'" . GDP B 2 .   ? 8.489   -11.869 5.724   1.00 13.78 ? 401 GDP A "C1'" 1 
HETATM 1475 N N9    . GDP B 2 .   ? 8.377   -11.386 4.328   1.00 13.62 ? 401 GDP A N9    1 
HETATM 1476 C C8    . GDP B 2 .   ? 7.950   -10.160 3.891   1.00 11.71 ? 401 GDP A C8    1 
HETATM 1477 N N7    . GDP B 2 .   ? 8.003   -10.145 2.534   1.00 11.37 ? 401 GDP A N7    1 
HETATM 1478 C C5    . GDP B 2 .   ? 8.444   -11.343 2.096   1.00 11.84 ? 401 GDP A C5    1 
HETATM 1479 C C6    . GDP B 2 .   ? 8.696   -11.863 0.822   1.00 11.69 ? 401 GDP A C6    1 
HETATM 1480 O O6    . GDP B 2 .   ? 8.367   -11.267 -0.204  1.00 11.15 ? 401 GDP A O6    1 
HETATM 1481 N N1    . GDP B 2 .   ? 9.168   -13.147 0.713   1.00 11.49 ? 401 GDP A N1    1 
HETATM 1482 C C2    . GDP B 2 .   ? 9.393   -13.917 1.841   1.00 13.24 ? 401 GDP A C2    1 
HETATM 1483 N N2    . GDP B 2 .   ? 9.769   -15.189 1.709   1.00 13.65 ? 401 GDP A N2    1 
HETATM 1484 N N3    . GDP B 2 .   ? 9.155   -13.396 3.095   1.00 12.33 ? 401 GDP A N3    1 
HETATM 1485 C C4    . GDP B 2 .   ? 8.683   -12.131 3.218   1.00 12.07 ? 401 GDP A C4    1 
HETATM 1486 O O     . HOH C 3 .   ? 9.444   -18.835 -6.685  1.00 5.85  ? 402 HOH A O     1 
HETATM 1487 O O     . HOH C 3 .   ? 11.222  -16.807 -6.711  1.00 6.25  ? 403 HOH A O     1 
HETATM 1488 O O     . HOH C 3 .   ? 17.576  -9.929  -6.466  1.00 8.21  ? 404 HOH A O     1 
HETATM 1489 O O     . HOH C 3 .   ? -2.996  -7.850  2.913   1.00 8.60  ? 405 HOH A O     1 
HETATM 1490 O O     . HOH C 3 .   ? -3.947  -16.505 -4.710  1.00 11.07 ? 406 HOH A O     1 
HETATM 1491 O O     . HOH C 3 .   ? 3.812   -8.867  -12.015 1.00 11.57 ? 407 HOH A O     1 
HETATM 1492 O O     . HOH C 3 .   ? -8.631  -10.773 10.183  1.00 11.73 ? 408 HOH A O     1 
HETATM 1493 O O     . HOH C 3 .   ? 7.034   -8.040  0.989   1.00 11.76 ? 409 HOH A O     1 
HETATM 1494 O O     . HOH C 3 .   ? -16.435 -0.191  -4.140  1.00 11.88 ? 410 HOH A O     1 
HETATM 1495 O O     . HOH C 3 .   ? -2.544  -0.991  6.326   1.00 12.26 ? 411 HOH A O     1 
HETATM 1496 O O     . HOH C 3 .   ? 1.176   -4.617  7.321   1.00 12.37 ? 412 HOH A O     1 
HETATM 1497 O O     . HOH C 3 .   ? -4.998  17.797  1.132   1.00 12.47 ? 413 HOH A O     1 
HETATM 1498 O O     . HOH C 3 .   ? 4.101   -2.465  8.185   1.00 12.79 ? 414 HOH A O     1 
HETATM 1499 O O     . HOH C 3 .   ? 3.039   15.503  0.898   1.00 13.15 ? 415 HOH A O     1 
HETATM 1500 O O     . HOH C 3 .   ? 10.958  -8.185  -11.441 1.00 13.20 ? 416 HOH A O     1 
HETATM 1501 O O     . HOH C 3 .   ? -11.163 -0.672  23.876  1.00 13.42 ? 417 HOH A O     1 
HETATM 1502 O O     . HOH C 3 .   ? 6.425   -8.900  -11.253 1.00 13.52 ? 418 HOH A O     1 
HETATM 1503 O O     . HOH C 3 .   ? 1.173   18.967  2.159   1.00 13.83 ? 419 HOH A O     1 
HETATM 1504 O O     . HOH C 3 .   ? 2.751   0.581   9.599   1.00 14.70 ? 420 HOH A O     1 
HETATM 1505 O O     . HOH C 3 .   ? -3.289  9.379   -9.413  1.00 15.36 ? 421 HOH A O     1 
HETATM 1506 O O     . HOH C 3 .   ? -9.395  -7.434  -13.365 1.00 15.40 ? 422 HOH A O     1 
HETATM 1507 O O     . HOH C 3 .   ? 11.014  1.456   -12.497 1.00 15.43 ? 423 HOH A O     1 
HETATM 1508 O O     . HOH C 3 .   ? -4.828  -18.897 -4.251  1.00 15.63 ? 424 HOH A O     1 
HETATM 1509 O O     . HOH C 3 .   ? 8.437   16.474  4.423   1.00 15.71 ? 425 HOH A O     1 
HETATM 1510 O O     . HOH C 3 .   ? 4.387   17.769  1.255   1.00 15.90 ? 426 HOH A O     1 
HETATM 1511 O O     . HOH C 3 .   ? 3.013   -19.182 -13.469 1.00 16.06 ? 427 HOH A O     1 
HETATM 1512 O O     . HOH C 3 .   ? 7.561   15.996  -6.428  1.00 16.33 ? 428 HOH A O     1 
HETATM 1513 O O     . HOH C 3 .   ? -8.121  8.137   14.442  1.00 16.62 ? 429 HOH A O     1 
HETATM 1514 O O     . HOH C 3 .   ? 6.530   21.430  5.859   1.00 16.65 ? 430 HOH A O     1 
HETATM 1515 O O     . HOH C 3 .   ? -6.736  -19.253 -0.200  1.00 16.72 ? 431 HOH A O     1 
HETATM 1516 O O     . HOH C 3 .   ? 4.511   9.901   17.793  1.00 16.75 ? 432 HOH A O     1 
HETATM 1517 O O     . HOH C 3 .   ? -4.882  17.544  4.127   1.00 16.88 ? 433 HOH A O     1 
HETATM 1518 O O     . HOH C 3 .   ? 13.635  0.202   -9.162  1.00 16.92 ? 434 HOH A O     1 
HETATM 1519 O O     . HOH C 3 .   ? -15.228 -1.107  2.708   1.00 17.17 ? 435 HOH A O     1 
HETATM 1520 O O     . HOH C 3 .   ? -3.974  -12.707 -0.688  1.00 17.35 ? 436 HOH A O     1 
HETATM 1521 O O     . HOH C 3 .   ? -11.306 -4.030  23.487  1.00 17.48 ? 437 HOH A O     1 
HETATM 1522 O O     . HOH C 3 .   ? -1.193  19.375  5.064   1.00 17.60 ? 438 HOH A O     1 
HETATM 1523 O O     . HOH C 3 .   ? 5.197   20.011  7.132   1.00 17.96 ? 439 HOH A O     1 
HETATM 1524 O O     . HOH C 3 .   ? 17.090  -3.048  -11.845 1.00 18.18 ? 440 HOH A O     1 
HETATM 1525 O O     . HOH C 3 .   ? 12.777  -5.153  -10.450 1.00 18.26 ? 441 HOH A O     1 
HETATM 1526 O O     . HOH C 3 .   ? -7.234  3.431   -11.174 1.00 18.29 ? 442 HOH A O     1 
HETATM 1527 O O     . HOH C 3 .   ? 10.955  -13.886 -7.195  1.00 18.29 ? 443 HOH A O     1 
HETATM 1528 O O     . HOH C 3 .   ? -13.532 3.908   -8.544  1.00 18.83 ? 444 HOH A O     1 
HETATM 1529 O O     . HOH C 3 .   ? 11.882  -18.373 -0.574  1.00 19.21 ? 445 HOH A O     1 
HETATM 1530 O O     . HOH C 3 .   ? -10.225 -15.446 1.567   1.00 19.44 ? 446 HOH A O     1 
HETATM 1531 O O     . HOH C 3 .   ? -7.214  -21.628 -8.303  1.00 19.63 ? 447 HOH A O     1 
HETATM 1532 O O     . HOH C 3 .   ? -5.963  -4.547  -13.661 1.00 19.63 ? 448 HOH A O     1 
HETATM 1533 O O     . HOH C 3 .   ? 3.002   11.914  16.900  1.00 19.83 ? 449 HOH A O     1 
HETATM 1534 O O     . HOH C 3 .   ? -2.985  -5.185  -14.578 1.00 19.84 ? 450 HOH A O     1 
HETATM 1535 O O     . HOH C 3 .   ? 10.572  -14.934 -13.893 1.00 19.89 ? 451 HOH A O     1 
HETATM 1536 O O     . HOH C 3 .   ? 10.218  -12.724 -12.200 1.00 20.00 ? 452 HOH A O     1 
HETATM 1537 O O     . HOH C 3 .   ? -4.844  -11.283 8.759   1.00 20.13 ? 453 HOH A O     1 
HETATM 1538 O O     . HOH C 3 .   ? -0.591  -4.752  -13.644 1.00 20.25 ? 454 HOH A O     1 
HETATM 1539 O O     . HOH C 3 .   ? 5.926   2.937   9.161   1.00 20.28 ? 455 HOH A O     1 
HETATM 1540 O O     . HOH C 3 .   ? -7.353  -10.165 6.948   1.00 20.35 ? 456 HOH A O     1 
HETATM 1541 O O     . HOH C 3 .   ? -0.171  -20.672 -13.225 1.00 20.54 ? 457 HOH A O     1 
HETATM 1542 O O     . HOH C 3 .   ? 4.744   -20.867 2.911   1.00 20.60 ? 458 HOH A O     1 
HETATM 1543 O O     . HOH C 3 .   ? 8.887   4.148   -15.462 1.00 20.63 ? 459 HOH A O     1 
HETATM 1544 O O     . HOH C 3 .   ? 21.123  17.107  8.569   1.00 20.73 ? 460 HOH A O     1 
HETATM 1545 O O     . HOH C 3 .   ? -13.872 -3.005  -9.842  1.00 21.17 ? 461 HOH A O     1 
HETATM 1546 O O     . HOH C 3 .   ? -1.905  4.053   -14.064 1.00 21.18 ? 462 HOH A O     1 
HETATM 1547 O O     . HOH C 3 .   ? 1.573   -6.559  -13.725 1.00 21.37 ? 463 HOH A O     1 
HETATM 1548 O O     . HOH C 3 .   ? 11.926  2.211   9.789   1.00 21.37 ? 464 HOH A O     1 
HETATM 1549 O O     . HOH C 3 .   ? -6.654  -19.364 -10.730 1.00 21.44 ? 465 HOH A O     1 
HETATM 1550 O O     . HOH C 3 .   ? 4.319   5.221   16.249  1.00 21.76 ? 466 HOH A O     1 
HETATM 1551 O O     . HOH C 3 .   ? 0.044   26.476  7.971   1.00 21.94 ? 467 HOH A O     1 
HETATM 1552 O O     . HOH C 3 .   ? -17.698 9.862   3.461   1.00 22.10 ? 468 HOH A O     1 
HETATM 1553 O O     . HOH C 3 .   ? -3.451  -11.034 1.901   1.00 22.26 ? 469 HOH A O     1 
HETATM 1554 O O     . HOH C 3 .   ? 7.115   1.204   10.870  1.00 22.51 ? 470 HOH A O     1 
HETATM 1555 O O     . HOH C 3 .   ? 1.157   -12.958 4.707   1.00 22.90 ? 471 HOH A O     1 
HETATM 1556 O O     . HOH C 3 .   ? 3.177   27.015  7.825   1.00 22.98 ? 472 HOH A O     1 
HETATM 1557 O O     . HOH C 3 .   ? -16.786 11.898  2.735   1.00 23.15 ? 473 HOH A O     1 
HETATM 1558 O O     . HOH C 3 .   ? 9.675   -5.426  -11.861 1.00 23.20 ? 474 HOH A O     1 
HETATM 1559 O O     . HOH C 3 .   ? 6.115   -0.408  7.818   1.00 23.32 ? 475 HOH A O     1 
HETATM 1560 O O     . HOH C 3 .   ? 4.539   -0.655  -14.270 1.00 23.43 ? 476 HOH A O     1 
HETATM 1561 O O     . HOH C 3 .   ? -4.014  -0.265  14.609  1.00 23.63 ? 477 HOH A O     1 
HETATM 1562 O O     . HOH C 3 .   ? -5.963  10.747  9.565   1.00 23.64 ? 478 HOH A O     1 
HETATM 1563 O O     . HOH C 3 .   ? 11.952  -10.260 2.885   1.00 23.95 ? 479 HOH A O     1 
HETATM 1564 O O     . HOH C 3 .   ? 5.310   -12.263 -13.029 1.00 24.10 ? 480 HOH A O     1 
HETATM 1565 O O     . HOH C 3 .   ? -16.098 1.280   15.911  1.00 24.10 ? 481 HOH A O     1 
HETATM 1566 O O     . HOH C 3 .   ? -11.114 16.126  8.610   1.00 24.60 ? 482 HOH A O     1 
HETATM 1567 O O     . HOH C 3 .   ? -4.319  -19.025 -14.490 1.00 24.65 ? 483 HOH A O     1 
HETATM 1568 O O     . HOH C 3 .   ? -13.938 0.964   -9.463  1.00 24.66 ? 484 HOH A O     1 
HETATM 1569 O O     . HOH C 3 .   ? -1.687  -2.441  12.897  1.00 24.73 ? 485 HOH A O     1 
HETATM 1570 O O     . HOH C 3 .   ? 11.485  1.422   7.311   1.00 24.88 ? 486 HOH A O     1 
HETATM 1571 O O     . HOH C 3 .   ? 6.235   4.964   -15.259 1.00 24.88 ? 487 HOH A O     1 
HETATM 1572 O O     . HOH C 3 .   ? -7.719  11.780  -1.168  1.00 25.03 ? 488 HOH A O     1 
HETATM 1573 O O     . HOH C 3 .   ? 7.483   -7.089  -12.626 1.00 25.12 ? 489 HOH A O     1 
HETATM 1574 O O     . HOH C 3 .   ? -18.621 5.577   -5.360  1.00 25.22 ? 490 HOH A O     1 
HETATM 1575 O O     . HOH C 3 .   ? 1.734   -3.402  9.647   1.00 25.22 ? 491 HOH A O     1 
HETATM 1576 O O     . HOH C 3 .   ? -14.307 -1.267  -8.655  1.00 25.49 ? 492 HOH A O     1 
HETATM 1577 O O     . HOH C 3 .   ? -14.576 -10.989 -9.743  1.00 25.70 ? 493 HOH A O     1 
HETATM 1578 O O     . HOH C 3 .   ? -7.811  12.088  15.507  1.00 25.86 ? 494 HOH A O     1 
HETATM 1579 O O     . HOH C 3 .   ? -13.268 9.448   10.014  1.00 26.03 ? 495 HOH A O     1 
HETATM 1580 O O     . HOH C 3 .   ? 12.650  5.412   -13.547 1.00 26.19 ? 496 HOH A O     1 
HETATM 1581 O O     . HOH C 3 .   ? 0.743   16.650  -4.861  1.00 26.54 ? 497 HOH A O     1 
HETATM 1582 O O     . HOH C 3 .   ? 1.841   -15.454 -14.772 1.00 27.00 ? 498 HOH A O     1 
HETATM 1583 O O     . HOH C 3 .   ? 11.815  16.705  -7.435  1.00 27.13 ? 499 HOH A O     1 
HETATM 1584 O O     . HOH C 3 .   ? -5.156  5.551   9.029   1.00 27.29 ? 500 HOH A O     1 
HETATM 1585 O O     . HOH C 3 .   ? 2.214   2.952   10.051  1.00 27.29 ? 501 HOH A O     1 
HETATM 1586 O O     . HOH C 3 .   ? -6.695  16.627  5.590   1.00 27.31 ? 502 HOH A O     1 
HETATM 1587 O O     . HOH C 3 .   ? 12.712  -5.403  5.493   1.00 27.43 ? 503 HOH A O     1 
HETATM 1588 O O     . HOH C 3 .   ? -2.516  -7.296  -16.404 1.00 27.65 ? 504 HOH A O     1 
HETATM 1589 O O     . HOH C 3 .   ? -17.645 1.897   -5.835  1.00 27.74 ? 505 HOH A O     1 
HETATM 1590 O O     . HOH C 3 .   ? 6.073   14.932  -8.701  1.00 27.93 ? 506 HOH A O     1 
HETATM 1591 O O     . HOH C 3 .   ? -0.621  -12.861 24.564  1.00 28.12 ? 507 HOH A O     1 
HETATM 1592 O O     . HOH C 3 .   ? -6.803  0.370   24.105  1.00 28.12 ? 508 HOH A O     1 
HETATM 1593 O O     . HOH C 3 .   ? -10.093 3.789   -11.014 1.00 28.22 ? 509 HOH A O     1 
HETATM 1594 O O     . HOH C 3 .   ? -14.630 7.503   16.489  1.00 28.35 ? 510 HOH A O     1 
HETATM 1595 O O     . HOH C 3 .   ? -0.260  -10.290 -12.817 1.00 28.35 ? 511 HOH A O     1 
HETATM 1596 O O     . HOH C 3 .   ? 10.874  -4.905  7.851   1.00 28.60 ? 512 HOH A O     1 
HETATM 1597 O O     . HOH C 3 .   ? -6.952  10.884  12.066  1.00 28.60 ? 513 HOH A O     1 
HETATM 1598 O O     . HOH C 3 .   ? -13.004 13.373  8.724   1.00 28.80 ? 514 HOH A O     1 
HETATM 1599 O O     . HOH C 3 .   ? 5.386   -15.332 5.944   1.00 28.81 ? 515 HOH A O     1 
HETATM 1600 O O     . HOH C 3 .   ? -7.630  8.747   -11.408 1.00 29.09 ? 516 HOH A O     1 
HETATM 1601 O O     . HOH C 3 .   ? -13.987 13.148  5.780   1.00 29.21 ? 517 HOH A O     1 
HETATM 1602 O O     . HOH C 3 .   ? -8.938  -4.437  10.338  1.00 29.24 ? 518 HOH A O     1 
HETATM 1603 O O     . HOH C 3 .   ? -8.526  11.910  -4.158  1.00 29.38 ? 519 HOH A O     1 
HETATM 1604 O O     . HOH C 3 .   ? 1.700   17.168  -7.001  1.00 29.55 ? 520 HOH A O     1 
HETATM 1605 O O     . HOH C 3 .   ? 5.888   -13.070 -15.635 1.00 29.59 ? 521 HOH A O     1 
HETATM 1606 O O     . HOH C 3 .   ? -14.301 12.801  -0.662  1.00 30.24 ? 522 HOH A O     1 
HETATM 1607 O O     . HOH C 3 .   ? 0.040   2.872   -12.417 1.00 30.28 ? 523 HOH A O     1 
HETATM 1608 O O     . HOH C 3 .   ? -12.386 17.878  2.038   1.00 30.30 ? 524 HOH A O     1 
HETATM 1609 O O     . HOH C 3 .   ? -10.241 -4.218  8.200   1.00 30.44 ? 525 HOH A O     1 
HETATM 1610 O O     . HOH C 3 .   ? 13.372  2.301   -10.414 1.00 30.46 ? 526 HOH A O     1 
HETATM 1611 O O     . HOH C 3 .   ? -19.806 -5.128  0.217   1.00 30.49 ? 527 HOH A O     1 
HETATM 1612 O O     . HOH C 3 .   ? 8.001   23.244  1.287   1.00 30.57 ? 528 HOH A O     1 
HETATM 1613 O O     . HOH C 3 .   ? -12.312 1.484   6.271   1.00 30.67 ? 529 HOH A O     1 
HETATM 1614 O O     . HOH C 3 .   ? -1.739  -14.774 4.532   1.00 30.70 ? 530 HOH A O     1 
HETATM 1615 O O     . HOH C 3 .   ? -15.700 8.893   5.909   1.00 30.97 ? 531 HOH A O     1 
HETATM 1616 O O     . HOH C 3 .   ? -16.675 -14.776 3.414   1.00 31.03 ? 532 HOH A O     1 
HETATM 1617 O O     . HOH C 3 .   ? -9.237  18.156  1.505   1.00 31.08 ? 533 HOH A O     1 
HETATM 1618 O O     . HOH C 3 .   ? 15.661  -6.200  7.194   1.00 31.09 ? 534 HOH A O     1 
HETATM 1619 O O     . HOH C 3 .   ? -20.731 4.899   -5.253  1.00 31.15 ? 535 HOH A O     1 
HETATM 1620 O O     . HOH C 3 .   ? 12.159  -8.927  5.398   1.00 31.16 ? 536 HOH A O     1 
HETATM 1621 O O     . HOH C 3 .   ? -12.509 1.615   -15.109 1.00 31.67 ? 537 HOH A O     1 
HETATM 1622 O O     . HOH C 3 .   ? -2.194  -10.872 -13.787 1.00 31.67 ? 538 HOH A O     1 
HETATM 1623 O O     . HOH C 3 .   ? 4.733   -17.893 6.759   1.00 31.73 ? 539 HOH A O     1 
HETATM 1624 O O     . HOH C 3 .   ? -5.788  -20.439 -12.784 1.00 31.86 ? 540 HOH A O     1 
HETATM 1625 O O     . HOH C 3 .   ? -14.975 -2.350  -12.357 1.00 31.91 ? 541 HOH A O     1 
HETATM 1626 O O     . HOH C 3 .   ? 9.698   6.577   -17.291 1.00 31.92 ? 542 HOH A O     1 
HETATM 1627 O O     . HOH C 3 .   ? -5.574  -3.619  -16.519 1.00 31.96 ? 543 HOH A O     1 
HETATM 1628 O O     . HOH C 3 .   ? 10.540  6.747   13.648  1.00 32.02 ? 544 HOH A O     1 
HETATM 1629 O O     . HOH C 3 .   ? -8.098  -2.403  11.321  1.00 32.32 ? 545 HOH A O     1 
HETATM 1630 O O     . HOH C 3 .   ? 5.113   -4.491  11.279  1.00 32.41 ? 546 HOH A O     1 
HETATM 1631 O O     . HOH C 3 .   ? 15.089  1.213   6.563   1.00 32.43 ? 547 HOH A O     1 
HETATM 1632 O O     . HOH C 3 .   ? -16.561 -9.376  -4.185  1.00 32.46 ? 548 HOH A O     1 
HETATM 1633 O O     . HOH C 3 .   ? 17.590  -9.948  -2.482  1.00 32.62 ? 549 HOH A O     1 
HETATM 1634 O O     . HOH C 3 .   ? 17.676  14.820  7.890   1.00 32.63 ? 550 HOH A O     1 
HETATM 1635 O O     . HOH C 3 .   ? 15.994  -2.566  6.736   1.00 32.67 ? 551 HOH A O     1 
HETATM 1636 O O     . HOH C 3 .   ? 1.897   8.212   18.962  1.00 32.71 ? 552 HOH A O     1 
HETATM 1637 O O     . HOH C 3 .   ? 17.926  9.551   3.759   1.00 32.78 ? 553 HOH A O     1 
HETATM 1638 O O     . HOH C 3 .   ? 20.896  18.720  4.810   1.00 32.85 ? 554 HOH A O     1 
HETATM 1639 O O     . HOH C 3 .   ? 7.432   18.201  3.056   1.00 32.94 ? 555 HOH A O     1 
HETATM 1640 O O     . HOH C 3 .   ? 0.574   22.542  1.940   1.00 32.97 ? 556 HOH A O     1 
HETATM 1641 O O     . HOH C 3 .   ? 14.234  9.940   9.998   1.00 33.38 ? 557 HOH A O     1 
HETATM 1642 O O     . HOH C 3 .   ? -8.496  22.024  6.836   1.00 33.43 ? 558 HOH A O     1 
HETATM 1643 O O     . HOH C 3 .   ? -4.745  0.371   -17.613 1.00 33.53 ? 559 HOH A O     1 
HETATM 1644 O O     . HOH C 3 .   ? 5.364   7.604   -16.301 1.00 33.56 ? 560 HOH A O     1 
HETATM 1645 O O     . HOH C 3 .   ? 0.625   -4.416  12.028  1.00 33.61 ? 561 HOH A O     1 
HETATM 1646 O O     . HOH C 3 .   ? -12.145 4.024   -18.476 1.00 33.78 ? 562 HOH A O     1 
HETATM 1647 O O     . HOH C 3 .   ? -0.656  -21.539 -1.205  1.00 33.86 ? 563 HOH A O     1 
HETATM 1648 O O     . HOH C 3 .   ? 3.848   -23.341 -2.610  1.00 34.17 ? 564 HOH A O     1 
HETATM 1649 O O     . HOH C 3 .   ? 11.221  -11.558 10.099  1.00 34.24 ? 565 HOH A O     1 
HETATM 1650 O O     . HOH C 3 .   ? 8.191   7.350   14.256  1.00 34.30 ? 566 HOH A O     1 
HETATM 1651 O O     . HOH C 3 .   ? -14.162 -6.792  6.543   1.00 34.79 ? 567 HOH A O     1 
HETATM 1652 O O     . HOH C 3 .   ? -14.656 -2.627  -6.143  1.00 34.89 ? 568 HOH A O     1 
HETATM 1653 O O     . HOH C 3 .   ? -8.077  -12.868 7.510   1.00 35.11 ? 569 HOH A O     1 
HETATM 1654 O O     . HOH C 3 .   ? 12.829  1.013   -14.925 1.00 35.19 ? 570 HOH A O     1 
HETATM 1655 O O     . HOH C 3 .   ? -15.754 10.544  -3.647  1.00 35.27 ? 571 HOH A O     1 
HETATM 1656 O O     . HOH C 3 .   ? -10.787 -5.742  14.620  1.00 35.49 ? 572 HOH A O     1 
HETATM 1657 O O     . HOH C 3 .   ? 4.257   21.604  -4.454  1.00 35.54 ? 573 HOH A O     1 
HETATM 1658 O O     . HOH C 3 .   ? 4.088   -8.364  11.757  1.00 35.56 ? 574 HOH A O     1 
HETATM 1659 O O     . HOH C 3 .   ? -11.233 -5.036  16.529  1.00 35.64 ? 575 HOH A O     1 
HETATM 1660 O O     . HOH C 3 .   ? 8.575   -22.524 -3.212  1.00 35.69 ? 576 HOH A O     1 
HETATM 1661 O O     . HOH C 3 .   ? -9.969  -3.259  6.533   1.00 35.70 ? 577 HOH A O     1 
HETATM 1662 O O     . HOH C 3 .   ? -0.272  -12.256 18.635  1.00 35.88 ? 578 HOH A O     1 
HETATM 1663 O O     . HOH C 3 .   ? -2.838  21.877  18.418  1.00 35.93 ? 579 HOH A O     1 
HETATM 1664 O O     . HOH C 3 .   ? -17.431 4.473   10.874  1.00 35.96 ? 580 HOH A O     1 
HETATM 1665 O O     . HOH C 3 .   ? -19.032 -3.105  7.302   1.00 36.15 ? 581 HOH A O     1 
HETATM 1666 O O     . HOH C 3 .   ? -2.041  20.584  -1.045  1.00 36.20 ? 582 HOH A O     1 
HETATM 1667 O O     . HOH C 3 .   ? 11.757  -1.529  8.430   1.00 36.22 ? 583 HOH A O     1 
HETATM 1668 O O     . HOH C 3 .   ? -14.972 2.378   10.564  1.00 36.27 ? 584 HOH A O     1 
HETATM 1669 O O     . HOH C 3 .   ? -4.003  -20.746 -2.426  1.00 36.31 ? 585 HOH A O     1 
HETATM 1670 O O     . HOH C 3 .   ? -6.740  18.496  17.786  1.00 36.40 ? 586 HOH A O     1 
HETATM 1671 O O     . HOH C 3 .   ? -2.056  -1.177  23.919  1.00 36.54 ? 587 HOH A O     1 
HETATM 1672 O O     . HOH C 3 .   ? -11.633 -0.755  5.446   1.00 36.54 ? 588 HOH A O     1 
HETATM 1673 O O     . HOH C 3 .   ? 7.622   -1.167  -15.957 1.00 36.55 ? 589 HOH A O     1 
HETATM 1674 O O     . HOH C 3 .   ? -9.870  15.095  12.444  1.00 36.61 ? 590 HOH A O     1 
HETATM 1675 O O     . HOH C 3 .   ? -6.927  -14.940 3.494   1.00 36.82 ? 591 HOH A O     1 
HETATM 1676 O O     . HOH C 3 .   ? -14.690 -5.063  -5.271  1.00 37.31 ? 592 HOH A O     1 
HETATM 1677 O O     . HOH C 3 .   ? 15.578  2.566   -5.206  1.00 37.40 ? 593 HOH A O     1 
HETATM 1678 O O     . HOH C 3 .   ? -10.976 -8.369  16.780  1.00 37.45 ? 594 HOH A O     1 
HETATM 1679 O O     . HOH C 3 .   ? -0.989  -23.901 -1.907  1.00 37.85 ? 595 HOH A O     1 
HETATM 1680 O O     . HOH C 3 .   ? -12.225 10.948  -3.278  1.00 37.86 ? 596 HOH A O     1 
HETATM 1681 O O     . HOH C 3 .   ? -14.924 8.495   -7.479  1.00 38.04 ? 597 HOH A O     1 
HETATM 1682 O O     . HOH C 3 .   ? -9.324  17.813  7.543   1.00 38.10 ? 598 HOH A O     1 
HETATM 1683 O O     . HOH C 3 .   ? -8.395  15.177  16.723  1.00 38.50 ? 599 HOH A O     1 
HETATM 1684 O O     . HOH C 3 .   ? -11.297 -10.925 7.107   1.00 38.53 ? 600 HOH A O     1 
HETATM 1685 O O     . HOH C 3 .   ? 0.692   -18.679 5.352   1.00 38.79 ? 601 HOH A O     1 
HETATM 1686 O O     . HOH C 3 .   ? -4.445  19.594  5.249   1.00 38.88 ? 602 HOH A O     1 
HETATM 1687 O O     . HOH C 3 .   ? 14.712  0.041   8.936   1.00 38.95 ? 603 HOH A O     1 
HETATM 1688 O O     . HOH C 3 .   ? 14.896  4.518   -15.206 1.00 39.08 ? 604 HOH A O     1 
HETATM 1689 O O     . HOH C 3 .   ? -12.337 -18.352 -13.749 1.00 39.10 ? 605 HOH A O     1 
HETATM 1690 O O     . HOH C 3 .   ? -4.931  2.834   -16.160 1.00 39.23 ? 606 HOH A O     1 
HETATM 1691 O O     . HOH C 3 .   ? 7.831   20.769  2.400   1.00 39.23 ? 607 HOH A O     1 
HETATM 1692 O O     . HOH C 3 .   ? 7.620   -3.346  -16.406 1.00 39.24 ? 608 HOH A O     1 
HETATM 1693 O O     . HOH C 3 .   ? -0.755  -14.495 -18.315 1.00 39.88 ? 609 HOH A O     1 
HETATM 1694 O O     . HOH C 3 .   ? 2.729   -18.040 7.550   1.00 40.10 ? 610 HOH A O     1 
HETATM 1695 O O     . HOH C 3 .   ? -19.281 -7.642  1.069   1.00 40.55 ? 611 HOH A O     1 
HETATM 1696 O O     . HOH C 3 .   ? 17.840  5.387   0.880   1.00 40.88 ? 612 HOH A O     1 
HETATM 1697 O O     . HOH C 3 .   ? -0.310  1.610   20.326  1.00 41.46 ? 613 HOH A O     1 
HETATM 1698 O O     . HOH C 3 .   ? -4.408  3.751   14.051  1.00 41.59 ? 614 HOH A O     1 
HETATM 1699 O O     . HOH C 3 .   ? 5.382   7.319   17.372  1.00 41.67 ? 615 HOH A O     1 
HETATM 1700 O O     . HOH C 3 .   ? 0.832   -9.471  13.338  1.00 41.68 ? 616 HOH A O     1 
HETATM 1701 O O     . HOH C 3 .   ? -6.918  24.176  0.391   1.00 42.53 ? 617 HOH A O     1 
HETATM 1702 O O     . HOH C 3 .   ? -6.239  -2.436  13.097  1.00 43.43 ? 618 HOH A O     1 
HETATM 1703 O O     . HOH C 3 .   ? 14.464  15.048  -6.257  1.00 43.56 ? 619 HOH A O     1 
HETATM 1704 O O     . HOH C 3 .   ? -14.369 -2.104  9.593   1.00 43.64 ? 620 HOH A O     1 
HETATM 1705 O O     . HOH C 3 .   ? 3.457   -0.464  15.155  1.00 43.65 ? 621 HOH A O     1 
HETATM 1706 O O     . HOH C 3 .   ? 1.169   -7.430  14.870  1.00 43.97 ? 622 HOH A O     1 
HETATM 1707 O O     . HOH C 3 .   ? 3.880   16.131  -13.074 1.00 44.00 ? 623 HOH A O     1 
HETATM 1708 O O     . HOH C 3 .   ? -6.064  10.650  -8.508  1.00 44.18 ? 624 HOH A O     1 
HETATM 1709 O O     . HOH C 3 .   ? -2.406  -16.343 -18.510 1.00 44.40 ? 625 HOH A O     1 
HETATM 1710 O O     . HOH C 3 .   ? -0.177  -5.074  15.953  1.00 44.48 ? 626 HOH A O     1 
HETATM 1711 O O     . HOH C 3 .   ? -15.297 6.322   -8.822  1.00 44.52 ? 627 HOH A O     1 
HETATM 1712 O O     . HOH C 3 .   ? 9.509   0.762   7.104   1.00 44.66 ? 628 HOH A O     1 
HETATM 1713 O O     . HOH C 3 .   ? -14.793 14.984  1.591   1.00 45.21 ? 629 HOH A O     1 
HETATM 1714 O O     . HOH C 3 .   ? 17.868  2.165   7.943   1.00 47.25 ? 630 HOH A O     1 
HETATM 1715 O O     . HOH C 3 .   ? -5.082  -4.852  14.736  1.00 47.26 ? 631 HOH A O     1 
HETATM 1716 O O     . HOH C 3 .   ? -7.321  4.198   20.181  1.00 47.29 ? 632 HOH A O     1 
HETATM 1717 O O     . HOH C 3 .   ? 19.264  11.328  9.123   1.00 47.60 ? 633 HOH A O     1 
HETATM 1718 O O     . HOH C 3 .   ? -4.352  -17.578 5.424   1.00 48.77 ? 634 HOH A O     1 
HETATM 1719 O O     . HOH C 3 .   ? -3.189  20.530  -3.289  1.00 49.19 ? 635 HOH A O     1 
HETATM 1720 O O     . HOH C 3 .   ? -14.946 -12.026 -4.218  1.00 50.26 ? 636 HOH A O     1 
HETATM 1721 O O     . HOH C 3 .   ? -1.037  -16.607 6.388   1.00 51.71 ? 637 HOH A O     1 
HETATM 1722 O O     . HOH C 3 .   ? 13.728  -9.629  9.920   1.00 52.20 ? 638 HOH A O     1 
HETATM 1723 O O     . HOH C 3 .   ? -9.152  3.235   -18.995 1.00 52.86 ? 639 HOH A O     1 
HETATM 1724 O O     . HOH C 3 .   ? -7.164  10.341  -5.574  1.00 53.14 ? 640 HOH A O     1 
HETATM 1725 O O     . HOH C 3 .   ? -20.355 -7.034  26.729  1.00 53.89 ? 641 HOH A O     1 
HETATM 1726 O O     . HOH C 3 .   ? 8.665   10.304  -10.147 1.00 56.61 ? 642 HOH A O     1 
HETATM 1727 O O     . HOH C 3 .   ? -4.599  2.865   17.274  1.00 57.38 ? 643 HOH A O     1 
HETATM 1728 O O     . HOH C 3 .   ? 2.977   -12.184 14.898  1.00 59.02 ? 644 HOH A O     1 
HETATM 1729 O O     . HOH C 3 .   ? -6.777  -23.435 -4.096  1.00 64.36 ? 645 HOH A O     1 
HETATM 1730 O O     . HOH C 3 .   ? -5.174  -15.044 6.707   1.00 67.48 ? 646 HOH A O     1 
HETATM 1731 O O     . HOH C 3 .   ? -16.353 -6.917  8.016   1.00 77.08 ? 647 HOH A O     1 
# 
